data_2B4T
#
_entry.id   2B4T
#
_cell.length_a   69.687
_cell.length_b   106.056
_cell.length_c   91.057
_cell.angle_alpha   90.00
_cell.angle_beta   107.24
_cell.angle_gamma   90.00
#
_symmetry.space_group_name_H-M   'P 1 21 1'
#
loop_
_entity.id
_entity.type
_entity.pdbx_description
1 polymer 'glyceraldehyde-3-phosphate dehydrogenase'
2 non-polymer NICOTINAMIDE-ADENINE-DINUCLEOTIDE
3 non-polymer '4-(2-AMINOETHYL)BENZENESULFONYL FLUORIDE'
4 water water
#
_entity_poly.entity_id   1
_entity_poly.type   'polypeptide(L)'
_entity_poly.pdbx_seq_one_letter_code
;MAHHHHHHMAATKLGINGFGRIGRLVFRAAFGRKDIEVVAINDPFMDLNHLCYLLKYDSVHGQFPCEVTHADGFLLIGEK
KVSVFAEKDPSQIPWGKCQVDVVCESTGVFLTKELASSHLKGGAKKVIMSAPPKDDTPIYVMGINHHQYDTKQLIVSNAS
CTTNCLAPLAKVINDRFGIVEGLMTTVHASTANQLVVDGPSKGGKDWRAGRCALSNIIPASTGAAKAVGKVLPELNGKLT
GVAFRVPIGTVSVVDLVCRLQKPAKYEEVALEIKKAAEGPLKGILGYTEDEVVSQDFVHDNRSSIFDMKAGLALNDNFFK
LVSWYDNEWGYSNRVLDLAVHITTS
;
_entity_poly.pdbx_strand_id   O,P,Q,R
#
loop_
_chem_comp.id
_chem_comp.type
_chem_comp.name
_chem_comp.formula
AES non-polymer '4-(2-AMINOETHYL)BENZENESULFONYL FLUORIDE' 'C8 H10 F N O2 S'
NAD non-polymer NICOTINAMIDE-ADENINE-DINUCLEOTIDE 'C21 H27 N7 O14 P2'
#
# COMPACT_ATOMS: atom_id res chain seq x y z
N THR A 12 -21.89 6.46 34.14
CA THR A 12 -22.43 5.49 33.12
C THR A 12 -21.44 4.32 32.91
N LYS A 13 -21.89 3.12 33.27
CA LYS A 13 -21.03 1.93 33.26
C LYS A 13 -21.20 1.14 31.96
N LEU A 14 -20.14 1.08 31.15
CA LEU A 14 -20.20 0.47 29.82
C LEU A 14 -19.56 -0.94 29.80
N GLY A 15 -20.15 -1.81 29.00
CA GLY A 15 -19.62 -3.13 28.74
C GLY A 15 -19.39 -3.28 27.24
N ILE A 16 -18.32 -3.96 26.87
CA ILE A 16 -17.95 -4.11 25.47
C ILE A 16 -17.93 -5.59 25.11
N ASN A 17 -18.77 -5.97 24.16
CA ASN A 17 -18.77 -7.33 23.60
C ASN A 17 -18.20 -7.25 22.20
N GLY A 18 -17.02 -7.86 22.01
CA GLY A 18 -16.28 -7.73 20.76
C GLY A 18 -15.26 -6.61 20.87
N PHE A 19 -14.05 -6.97 21.27
CA PHE A 19 -13.00 -6.02 21.57
C PHE A 19 -12.17 -5.85 20.31
N GLY A 20 -12.80 -5.32 19.26
CA GLY A 20 -12.17 -5.19 17.96
C GLY A 20 -11.75 -3.77 17.68
N ARG A 21 -11.80 -3.38 16.40
CA ARG A 21 -11.47 -2.01 16.02
C ARG A 21 -12.37 -1.03 16.74
N ILE A 22 -13.67 -1.32 16.76
CA ILE A 22 -14.63 -0.45 17.41
C ILE A 22 -14.55 -0.62 18.95
N GLY A 23 -14.53 -1.86 19.43
CA GLY A 23 -14.45 -2.15 20.86
C GLY A 23 -13.26 -1.48 21.56
N ARG A 24 -12.08 -1.65 20.99
CA ARG A 24 -10.87 -1.08 21.57
C ARG A 24 -10.83 0.46 21.48
N LEU A 25 -11.36 1.02 20.40
CA LEU A 25 -11.42 2.48 20.27
C LEU A 25 -12.57 3.11 21.05
N VAL A 26 -13.65 2.36 21.24
CA VAL A 26 -14.70 2.76 22.19
C VAL A 26 -14.12 2.83 23.60
N PHE A 27 -13.30 1.83 23.96
CA PHE A 27 -12.63 1.79 25.25
C PHE A 27 -11.70 2.99 25.42
N ARG A 28 -11.06 3.38 24.33
CA ARG A 28 -10.10 4.47 24.31
C ARG A 28 -10.79 5.81 24.49
N ALA A 29 -11.84 6.05 23.69
CA ALA A 29 -12.62 7.29 23.81
C ALA A 29 -13.18 7.45 25.22
N ALA A 30 -13.72 6.36 25.77
CA ALA A 30 -14.32 6.38 27.12
C ALA A 30 -13.30 6.65 28.22
N PHE A 31 -12.03 6.36 27.95
CA PHE A 31 -10.94 6.65 28.89
C PHE A 31 -10.73 8.16 29.05
N GLY A 32 -11.01 8.91 27.99
CA GLY A 32 -10.88 10.38 28.01
C GLY A 32 -12.17 11.13 28.34
N ARG A 33 -13.14 10.44 28.94
CA ARG A 33 -14.42 11.03 29.36
C ARG A 33 -14.65 10.67 30.83
N LYS A 34 -15.16 11.62 31.61
CA LYS A 34 -15.48 11.39 33.03
C LYS A 34 -16.88 10.81 33.21
N ASP A 35 -17.76 11.08 32.25
CA ASP A 35 -19.19 10.75 32.35
C ASP A 35 -19.52 9.30 31.97
N ILE A 36 -18.51 8.56 31.52
CA ILE A 36 -18.69 7.19 31.10
C ILE A 36 -17.39 6.41 31.32
N GLU A 37 -17.53 5.16 31.75
CA GLU A 37 -16.38 4.28 31.94
C GLU A 37 -16.69 2.84 31.53
N VAL A 38 -15.69 2.15 31.00
CA VAL A 38 -15.81 0.72 30.74
C VAL A 38 -15.48 -0.05 32.03
N VAL A 39 -16.39 -0.93 32.43
CA VAL A 39 -16.17 -1.79 33.59
C VAL A 39 -15.93 -3.25 33.20
N ALA A 40 -16.44 -3.67 32.04
CA ALA A 40 -16.38 -5.07 31.64
C ALA A 40 -16.19 -5.26 30.12
N ILE A 41 -15.38 -6.25 29.76
CA ILE A 41 -15.03 -6.55 28.37
C ILE A 41 -15.21 -8.05 28.09
N ASN A 42 -15.78 -8.39 26.94
CA ASN A 42 -15.87 -9.80 26.52
C ASN A 42 -15.36 -10.01 25.09
N ASP A 43 -14.45 -10.97 24.94
CA ASP A 43 -13.97 -11.40 23.63
C ASP A 43 -13.37 -12.80 23.76
N PRO A 44 -14.06 -13.82 23.21
CA PRO A 44 -13.63 -15.20 23.41
C PRO A 44 -12.49 -15.63 22.49
N PHE A 45 -12.08 -14.76 21.57
CA PHE A 45 -11.01 -15.08 20.63
C PHE A 45 -9.70 -14.40 21.04
N MET A 46 -9.53 -14.22 22.34
CA MET A 46 -8.53 -13.29 22.87
C MET A 46 -8.30 -13.63 24.34
N ASP A 47 -7.10 -14.10 24.68
CA ASP A 47 -6.75 -14.33 26.10
C ASP A 47 -6.28 -12.99 26.69
N LEU A 48 -6.11 -12.93 28.00
CA LEU A 48 -5.86 -11.64 28.66
C LEU A 48 -4.55 -10.99 28.24
N ASN A 49 -3.47 -11.77 28.15
CA ASN A 49 -2.19 -11.25 27.66
C ASN A 49 -2.32 -10.66 26.26
N HIS A 50 -3.05 -11.38 25.41
CA HIS A 50 -3.30 -10.95 24.03
C HIS A 50 -4.12 -9.66 23.99
N LEU A 51 -5.17 -9.61 24.81
CA LEU A 51 -6.05 -8.44 24.91
C LEU A 51 -5.26 -7.18 25.24
N CYS A 52 -4.43 -7.24 26.28
CA CYS A 52 -3.56 -6.14 26.68
C CYS A 52 -2.65 -5.68 25.56
N TYR A 53 -2.02 -6.63 24.90
CA TYR A 53 -1.09 -6.33 23.81
C TYR A 53 -1.81 -5.54 22.73
N LEU A 54 -2.98 -6.03 22.33
CA LEU A 54 -3.78 -5.39 21.28
C LEU A 54 -4.31 -4.01 21.70
N LEU A 55 -4.57 -3.82 22.99
CA LEU A 55 -4.99 -2.51 23.49
C LEU A 55 -3.80 -1.55 23.53
N LYS A 56 -2.66 -2.07 23.99
CA LYS A 56 -1.45 -1.28 24.21
C LYS A 56 -0.96 -0.59 22.95
N TYR A 57 -0.90 -1.35 21.86
CA TYR A 57 -0.40 -0.89 20.59
C TYR A 57 -1.54 -0.82 19.57
N ASP A 58 -1.45 0.13 18.65
CA ASP A 58 -2.47 0.27 17.60
C ASP A 58 -1.83 0.88 16.35
N SER A 59 -2.01 0.21 15.22
CA SER A 59 -1.35 0.57 13.97
C SER A 59 -1.79 1.90 13.38
N VAL A 60 -3.02 2.33 13.68
CA VAL A 60 -3.58 3.56 13.13
C VAL A 60 -3.51 4.73 14.12
N HIS A 61 -3.91 4.49 15.36
CA HIS A 61 -4.10 5.56 16.35
C HIS A 61 -2.99 5.65 17.40
N GLY A 62 -1.91 4.89 17.22
CA GLY A 62 -0.75 4.98 18.11
C GLY A 62 -0.92 4.20 19.41
N GLN A 63 0.10 4.29 20.27
CA GLN A 63 0.05 3.56 21.54
C GLN A 63 -0.98 4.14 22.48
N PHE A 64 -1.60 3.26 23.25
CA PHE A 64 -2.59 3.68 24.22
C PHE A 64 -1.93 4.67 25.17
N PRO A 65 -2.60 5.80 25.44
CA PRO A 65 -1.97 6.90 26.17
C PRO A 65 -1.96 6.62 27.67
N CYS A 66 -1.23 5.59 28.08
CA CYS A 66 -1.41 5.01 29.41
C CYS A 66 -0.55 3.76 29.60
N GLU A 67 -0.20 3.49 30.85
CA GLU A 67 0.41 2.23 31.24
C GLU A 67 -0.70 1.18 31.24
N VAL A 68 -0.49 0.08 30.52
CA VAL A 68 -1.48 -0.99 30.37
C VAL A 68 -0.90 -2.32 30.83
N THR A 69 -1.50 -2.91 31.87
CA THR A 69 -1.03 -4.18 32.44
C THR A 69 -2.22 -5.04 32.86
N HIS A 70 -1.96 -6.21 33.47
CA HIS A 70 -3.03 -7.00 34.07
C HIS A 70 -2.56 -7.82 35.27
N ALA A 71 -3.48 -8.12 36.19
CA ALA A 71 -3.20 -8.94 37.37
C ALA A 71 -4.48 -9.54 37.94
N ASP A 72 -4.41 -10.80 38.38
CA ASP A 72 -5.56 -11.51 38.95
C ASP A 72 -6.76 -11.63 37.99
N GLY A 73 -6.47 -11.68 36.69
CA GLY A 73 -7.53 -11.77 35.69
C GLY A 73 -8.22 -10.44 35.37
N PHE A 74 -7.71 -9.34 35.95
CA PHE A 74 -8.25 -8.03 35.68
C PHE A 74 -7.35 -7.22 34.75
N LEU A 75 -7.96 -6.44 33.86
CA LEU A 75 -7.23 -5.45 33.07
C LEU A 75 -7.00 -4.20 33.94
N LEU A 76 -5.79 -3.66 33.93
CA LEU A 76 -5.42 -2.51 34.77
C LEU A 76 -5.04 -1.29 33.93
N ILE A 77 -5.93 -0.29 33.92
CA ILE A 77 -5.63 0.99 33.28
C ILE A 77 -5.44 2.03 34.38
N GLY A 78 -4.18 2.25 34.76
CA GLY A 78 -3.87 3.12 35.90
C GLY A 78 -4.44 2.52 37.18
N GLU A 79 -5.07 3.36 37.99
CA GLU A 79 -5.68 2.90 39.25
C GLU A 79 -7.15 2.48 39.08
N LYS A 80 -7.41 1.66 38.05
CA LYS A 80 -8.77 1.23 37.71
C LYS A 80 -8.78 -0.20 37.13
N LYS A 81 -9.65 -1.05 37.67
CA LYS A 81 -9.74 -2.46 37.28
C LYS A 81 -10.92 -2.71 36.35
N VAL A 82 -10.65 -3.42 35.25
CA VAL A 82 -11.68 -3.75 34.27
C VAL A 82 -11.87 -5.27 34.18
N SER A 83 -13.13 -5.68 34.17
CA SER A 83 -13.51 -7.08 34.21
C SER A 83 -13.42 -7.69 32.80
N VAL A 84 -12.79 -8.85 32.70
CA VAL A 84 -12.49 -9.46 31.40
C VAL A 84 -13.14 -10.84 31.31
N PHE A 85 -13.83 -11.09 30.20
CA PHE A 85 -14.51 -12.36 29.98
C PHE A 85 -14.21 -12.93 28.62
N ALA A 86 -14.57 -14.19 28.43
CA ALA A 86 -14.29 -14.89 27.18
C ALA A 86 -15.36 -15.95 26.90
N GLU A 87 -16.61 -15.51 26.83
CA GLU A 87 -17.72 -16.36 26.42
C GLU A 87 -18.11 -16.08 24.95
N LYS A 88 -18.40 -17.15 24.21
CA LYS A 88 -18.85 -17.04 22.82
C LYS A 88 -20.34 -16.74 22.78
N ASP A 89 -21.07 -17.33 23.73
CA ASP A 89 -22.50 -17.07 23.90
C ASP A 89 -22.66 -15.86 24.82
N PRO A 90 -23.29 -14.77 24.32
CA PRO A 90 -23.42 -13.53 25.11
C PRO A 90 -24.24 -13.71 26.39
N SER A 91 -25.18 -14.65 26.35
CA SER A 91 -26.05 -14.98 27.48
C SER A 91 -25.28 -15.33 28.75
N GLN A 92 -24.05 -15.82 28.58
CA GLN A 92 -23.26 -16.36 29.70
C GLN A 92 -22.35 -15.33 30.36
N ILE A 93 -22.36 -14.10 29.85
CA ILE A 93 -21.51 -13.02 30.38
C ILE A 93 -22.21 -12.35 31.57
N PRO A 94 -21.57 -12.35 32.75
CA PRO A 94 -22.20 -11.78 33.94
C PRO A 94 -22.18 -10.25 33.98
N TRP A 95 -22.84 -9.63 33.01
CA TRP A 95 -22.93 -8.16 32.95
C TRP A 95 -23.55 -7.59 34.23
N GLY A 96 -24.59 -8.26 34.72
CA GLY A 96 -25.31 -7.84 35.92
C GLY A 96 -24.42 -7.61 37.13
N LYS A 97 -23.48 -8.53 37.37
CA LYS A 97 -22.58 -8.43 38.51
C LYS A 97 -21.60 -7.24 38.41
N CYS A 98 -21.26 -6.85 37.19
CA CYS A 98 -20.46 -5.64 36.96
C CYS A 98 -21.31 -4.37 36.94
N GLN A 99 -22.63 -4.53 37.03
CA GLN A 99 -23.59 -3.42 37.04
C GLN A 99 -23.48 -2.55 35.79
N VAL A 100 -23.60 -3.20 34.63
CA VAL A 100 -23.46 -2.54 33.34
C VAL A 100 -24.78 -1.89 32.91
N ASP A 101 -24.71 -0.61 32.56
CA ASP A 101 -25.87 0.14 32.10
C ASP A 101 -26.11 -0.09 30.60
N VAL A 102 -25.04 -0.04 29.81
CA VAL A 102 -25.13 -0.29 28.38
C VAL A 102 -24.04 -1.24 27.90
N VAL A 103 -24.41 -2.16 27.02
CA VAL A 103 -23.45 -3.05 26.38
C VAL A 103 -23.23 -2.61 24.95
N CYS A 104 -21.97 -2.42 24.58
CA CYS A 104 -21.58 -2.09 23.21
C CYS A 104 -21.41 -3.39 22.40
N GLU A 105 -22.46 -3.79 21.70
CA GLU A 105 -22.42 -5.03 20.92
C GLU A 105 -21.65 -4.77 19.63
N SER A 106 -20.34 -5.09 19.67
CA SER A 106 -19.43 -4.74 18.58
C SER A 106 -18.67 -5.96 18.03
N THR A 107 -19.36 -7.10 17.98
CA THR A 107 -18.81 -8.34 17.43
C THR A 107 -19.11 -8.47 15.94
N GLY A 108 -20.16 -7.80 15.49
CA GLY A 108 -20.67 -7.97 14.13
C GLY A 108 -21.55 -9.20 13.90
N VAL A 109 -21.82 -10.00 14.93
CA VAL A 109 -22.61 -11.23 14.73
C VAL A 109 -23.84 -11.38 15.63
N PHE A 110 -24.26 -10.28 16.26
CA PHE A 110 -25.48 -10.26 17.10
C PHE A 110 -26.33 -9.05 16.73
N LEU A 111 -26.71 -8.96 15.46
CA LEU A 111 -27.34 -7.75 14.91
C LEU A 111 -28.84 -7.90 14.67
N THR A 112 -29.51 -8.61 15.58
CA THR A 112 -30.96 -8.68 15.56
C THR A 112 -31.48 -8.65 17.00
N LYS A 113 -32.73 -8.25 17.17
CA LYS A 113 -33.32 -8.04 18.50
C LYS A 113 -33.37 -9.34 19.31
N GLU A 114 -33.53 -10.47 18.62
CA GLU A 114 -33.56 -11.77 19.28
C GLU A 114 -32.17 -12.15 19.82
N LEU A 115 -31.15 -12.07 18.95
CA LEU A 115 -29.77 -12.40 19.32
C LEU A 115 -29.19 -11.44 20.38
N ALA A 116 -29.46 -10.15 20.19
CA ALA A 116 -28.88 -9.13 21.05
C ALA A 116 -29.53 -9.05 22.44
N SER A 117 -30.68 -9.68 22.62
CA SER A 117 -31.41 -9.60 23.90
C SER A 117 -30.79 -10.49 25.00
N SER A 118 -29.89 -11.38 24.63
CA SER A 118 -29.23 -12.26 25.61
C SER A 118 -28.30 -11.47 26.54
N HIS A 119 -27.81 -10.33 26.06
CA HIS A 119 -27.09 -9.39 26.92
C HIS A 119 -27.99 -8.94 28.06
N LEU A 120 -29.27 -8.69 27.76
CA LEU A 120 -30.24 -8.33 28.79
C LEU A 120 -30.44 -9.48 29.76
N LYS A 121 -30.49 -10.70 29.23
CA LYS A 121 -30.61 -11.90 30.07
C LYS A 121 -29.35 -12.11 30.94
N GLY A 122 -28.23 -11.56 30.49
CA GLY A 122 -27.00 -11.51 31.30
C GLY A 122 -26.95 -10.38 32.33
N GLY A 123 -27.99 -9.55 32.40
CA GLY A 123 -28.06 -8.48 33.38
C GLY A 123 -27.90 -7.07 32.83
N ALA A 124 -27.35 -6.94 31.62
CA ALA A 124 -27.20 -5.63 31.00
C ALA A 124 -28.55 -4.94 30.89
N LYS A 125 -28.62 -3.66 31.25
CA LYS A 125 -29.87 -2.92 31.18
C LYS A 125 -30.25 -2.62 29.73
N LYS A 126 -29.27 -2.19 28.94
CA LYS A 126 -29.51 -1.79 27.55
C LYS A 126 -28.37 -2.22 26.62
N VAL A 127 -28.64 -2.23 25.31
CA VAL A 127 -27.68 -2.67 24.31
C VAL A 127 -27.65 -1.70 23.14
N ILE A 128 -26.44 -1.36 22.67
CA ILE A 128 -26.26 -0.65 21.42
C ILE A 128 -25.57 -1.53 20.39
N MET A 129 -26.25 -1.78 19.27
CA MET A 129 -25.62 -2.46 18.13
C MET A 129 -24.72 -1.47 17.41
N SER A 130 -23.43 -1.77 17.32
CA SER A 130 -22.48 -0.89 16.64
C SER A 130 -22.46 -1.13 15.13
N ALA A 131 -23.64 -1.36 14.54
CA ALA A 131 -23.77 -1.60 13.11
C ALA A 131 -25.25 -1.56 12.72
N PRO A 132 -25.55 -1.45 11.42
CA PRO A 132 -26.93 -1.56 10.97
C PRO A 132 -27.55 -2.89 11.38
N PRO A 133 -28.78 -2.88 11.90
CA PRO A 133 -29.42 -4.15 12.26
C PRO A 133 -29.87 -4.94 11.04
N LYS A 134 -30.04 -6.25 11.22
CA LYS A 134 -30.53 -7.16 10.19
C LYS A 134 -32.05 -7.33 10.28
N ASP A 135 -32.66 -6.71 11.29
CA ASP A 135 -34.12 -6.71 11.48
C ASP A 135 -34.61 -5.25 11.58
N ASP A 136 -35.77 -5.02 12.21
CA ASP A 136 -36.31 -3.65 12.37
C ASP A 136 -35.93 -2.99 13.73
N THR A 137 -34.78 -3.36 14.30
CA THR A 137 -34.28 -2.69 15.49
C THR A 137 -34.13 -1.18 15.20
N PRO A 138 -34.59 -0.32 16.14
CA PRO A 138 -34.51 1.13 15.98
C PRO A 138 -33.10 1.68 15.77
N ILE A 139 -32.96 2.56 14.78
CA ILE A 139 -31.67 3.15 14.44
C ILE A 139 -31.63 4.59 14.91
N TYR A 140 -30.55 4.98 15.60
CA TYR A 140 -30.39 6.36 16.04
C TYR A 140 -29.04 6.93 15.59
N VAL A 141 -29.07 8.19 15.17
CA VAL A 141 -27.87 8.92 14.80
C VAL A 141 -27.83 10.24 15.59
N MET A 142 -26.80 10.40 16.41
CA MET A 142 -26.59 11.61 17.20
C MET A 142 -26.60 12.85 16.29
N GLY A 143 -27.25 13.92 16.77
CA GLY A 143 -27.50 15.12 15.98
C GLY A 143 -28.74 15.10 15.10
N ILE A 144 -29.27 13.91 14.81
CA ILE A 144 -30.29 13.74 13.76
C ILE A 144 -31.65 13.35 14.34
N ASN A 145 -31.70 12.23 15.06
CA ASN A 145 -32.96 11.74 15.62
C ASN A 145 -32.84 11.14 17.03
N HIS A 146 -31.74 11.40 17.73
CA HIS A 146 -31.50 10.75 19.02
C HIS A 146 -32.48 11.21 20.11
N HIS A 147 -33.04 12.41 19.97
CA HIS A 147 -34.07 12.89 20.90
C HIS A 147 -35.41 12.16 20.77
N GLN A 148 -35.60 11.45 19.67
CA GLN A 148 -36.80 10.61 19.49
C GLN A 148 -36.70 9.26 20.21
N TYR A 149 -35.58 9.00 20.89
CA TYR A 149 -35.39 7.76 21.62
C TYR A 149 -36.35 7.66 22.80
N ASP A 150 -37.01 6.50 22.93
CA ASP A 150 -37.87 6.20 24.06
C ASP A 150 -37.13 5.23 24.99
N THR A 151 -37.12 5.54 26.28
CA THR A 151 -36.41 4.72 27.26
C THR A 151 -36.97 3.29 27.40
N LYS A 152 -38.21 3.07 26.96
CA LYS A 152 -38.79 1.73 26.87
C LYS A 152 -38.07 0.83 25.85
N GLN A 153 -37.26 1.42 24.97
CA GLN A 153 -36.44 0.66 24.02
C GLN A 153 -35.11 0.23 24.64
N LEU A 154 -34.95 -1.08 24.86
CA LEU A 154 -33.77 -1.62 25.55
C LEU A 154 -32.64 -1.99 24.57
N ILE A 155 -33.00 -2.21 23.31
CA ILE A 155 -32.01 -2.57 22.27
C ILE A 155 -32.17 -1.59 21.11
N VAL A 156 -31.06 -1.01 20.68
CA VAL A 156 -31.06 -0.02 19.59
C VAL A 156 -29.79 -0.17 18.75
N SER A 157 -29.78 0.44 17.57
CA SER A 157 -28.60 0.42 16.71
C SER A 157 -28.11 1.84 16.44
N ASN A 158 -26.79 2.00 16.41
CA ASN A 158 -26.16 3.31 16.13
C ASN A 158 -25.86 3.48 14.63
N ALA A 159 -26.42 2.60 13.80
CA ALA A 159 -26.25 2.65 12.34
C ALA A 159 -24.80 2.35 11.95
N SER A 160 -24.41 2.77 10.74
CA SER A 160 -23.06 2.54 10.26
C SER A 160 -22.28 3.84 10.37
N CYS A 161 -20.98 3.75 10.10
CA CYS A 161 -20.12 4.94 10.04
C CYS A 161 -20.53 5.83 8.86
N THR A 162 -20.95 5.21 7.77
CA THR A 162 -21.31 5.91 6.55
C THR A 162 -22.63 6.69 6.73
N THR A 163 -23.60 6.06 7.38
CA THR A 163 -24.86 6.73 7.70
C THR A 163 -24.62 7.93 8.62
N ASN A 164 -23.80 7.73 9.63
CA ASN A 164 -23.44 8.80 10.56
C ASN A 164 -22.76 9.97 9.86
N CYS A 165 -22.06 9.69 8.76
CA CYS A 165 -21.44 10.75 7.94
C CYS A 165 -22.44 11.46 7.04
N LEU A 166 -23.32 10.68 6.42
CA LEU A 166 -24.21 11.18 5.36
C LEU A 166 -25.43 11.91 5.90
N ALA A 167 -26.03 11.38 6.96
CA ALA A 167 -27.28 11.94 7.49
C ALA A 167 -27.20 13.42 7.92
N PRO A 168 -26.17 13.80 8.70
CA PRO A 168 -26.02 15.22 9.05
C PRO A 168 -25.94 16.13 7.82
N LEU A 169 -25.12 15.75 6.85
CA LEU A 169 -25.03 16.43 5.57
C LEU A 169 -26.42 16.51 4.90
N ALA A 170 -27.06 15.36 4.72
CA ALA A 170 -28.39 15.30 4.09
C ALA A 170 -29.44 16.09 4.85
N LYS A 171 -29.37 16.06 6.17
CA LYS A 171 -30.34 16.79 6.99
C LYS A 171 -30.29 18.26 6.64
N VAL A 172 -29.10 18.85 6.81
CA VAL A 172 -28.93 20.30 6.64
C VAL A 172 -29.38 20.72 5.25
N ILE A 173 -28.95 19.98 4.24
CA ILE A 173 -29.30 20.28 2.85
C ILE A 173 -30.80 20.16 2.61
N ASN A 174 -31.41 19.12 3.18
CA ASN A 174 -32.85 18.90 3.02
C ASN A 174 -33.68 19.94 3.76
N ASP A 175 -33.23 20.34 4.96
CA ASP A 175 -33.93 21.38 5.72
C ASP A 175 -34.09 22.70 4.96
N ARG A 176 -33.08 23.05 4.16
CA ARG A 176 -33.08 24.35 3.50
C ARG A 176 -33.55 24.29 2.04
N PHE A 177 -32.97 23.39 1.27
CA PHE A 177 -33.21 23.36 -0.17
C PHE A 177 -34.20 22.27 -0.59
N GLY A 178 -34.31 21.21 0.21
CA GLY A 178 -35.11 20.05 -0.14
C GLY A 178 -34.38 19.14 -1.12
N ILE A 179 -34.12 17.91 -0.70
CA ILE A 179 -33.51 16.92 -1.58
C ILE A 179 -34.63 16.19 -2.33
N VAL A 180 -34.62 16.28 -3.66
CA VAL A 180 -35.59 15.57 -4.48
C VAL A 180 -35.15 14.11 -4.61
N GLU A 181 -33.89 13.92 -5.01
CA GLU A 181 -33.29 12.59 -5.07
C GLU A 181 -31.77 12.68 -4.86
N GLY A 182 -31.13 11.54 -4.60
CA GLY A 182 -29.70 11.52 -4.41
C GLY A 182 -29.11 10.13 -4.48
N LEU A 183 -27.94 10.03 -5.10
CA LEU A 183 -27.15 8.81 -5.10
C LEU A 183 -25.78 9.09 -4.47
N MET A 184 -25.30 8.12 -3.70
CA MET A 184 -24.09 8.30 -2.92
C MET A 184 -23.04 7.27 -3.32
N THR A 185 -21.80 7.71 -3.40
CA THR A 185 -20.65 6.81 -3.39
C THR A 185 -19.84 7.09 -2.14
N THR A 186 -19.40 6.03 -1.47
CA THR A 186 -18.37 6.19 -0.45
C THR A 186 -17.12 5.41 -0.83
N VAL A 187 -15.98 6.08 -0.78
CA VAL A 187 -14.69 5.43 -0.95
C VAL A 187 -14.25 5.07 0.46
N HIS A 188 -14.29 3.77 0.77
CA HIS A 188 -14.16 3.33 2.15
C HIS A 188 -12.80 2.69 2.47
N ALA A 189 -12.23 3.09 3.59
CA ALA A 189 -11.02 2.48 4.14
C ALA A 189 -11.23 1.00 4.43
N SER A 190 -10.12 0.32 4.72
CA SER A 190 -10.10 -1.11 4.97
C SER A 190 -10.83 -1.52 6.24
N THR A 191 -11.44 -2.70 6.19
CA THR A 191 -12.16 -3.26 7.32
C THR A 191 -11.88 -4.75 7.47
N ALA A 192 -12.23 -5.28 8.63
CA ALA A 192 -11.78 -6.60 9.06
C ALA A 192 -12.47 -7.74 8.32
N ASN A 193 -13.59 -7.46 7.68
CA ASN A 193 -14.24 -8.45 6.80
C ASN A 193 -13.47 -8.68 5.48
N GLN A 194 -12.46 -7.88 5.19
CA GLN A 194 -11.64 -8.06 3.99
C GLN A 194 -10.48 -9.05 4.19
N LEU A 195 -9.87 -9.47 3.08
CA LEU A 195 -8.79 -10.45 3.11
C LEU A 195 -7.49 -9.87 2.55
N VAL A 196 -6.37 -10.31 3.11
CA VAL A 196 -5.05 -9.82 2.70
C VAL A 196 -4.65 -10.35 1.32
N VAL A 197 -5.02 -11.60 1.03
CA VAL A 197 -4.87 -12.17 -0.30
C VAL A 197 -6.20 -12.74 -0.78
N ASP A 198 -6.33 -12.90 -2.10
CA ASP A 198 -7.53 -13.47 -2.71
C ASP A 198 -7.96 -14.75 -2.00
N GLY A 199 -9.18 -14.78 -1.50
CA GLY A 199 -9.72 -15.97 -0.84
C GLY A 199 -11.24 -15.98 -0.81
N PRO A 200 -11.83 -17.03 -0.19
CA PRO A 200 -13.26 -17.11 -0.07
C PRO A 200 -13.76 -16.26 1.07
N SER A 201 -14.71 -15.38 0.79
CA SER A 201 -15.34 -14.56 1.81
C SER A 201 -16.22 -15.45 2.69
N LYS A 202 -16.22 -15.18 4.00
CA LYS A 202 -17.07 -15.88 4.98
C LYS A 202 -18.50 -16.11 4.45
N GLY A 203 -18.95 -17.36 4.49
CA GLY A 203 -20.33 -17.72 4.09
C GLY A 203 -20.58 -17.75 2.59
N GLY A 204 -19.58 -17.39 1.80
CA GLY A 204 -19.73 -17.28 0.36
C GLY A 204 -20.51 -16.05 -0.07
N LYS A 205 -20.62 -15.07 0.81
CA LYS A 205 -21.36 -13.84 0.49
C LYS A 205 -20.39 -12.67 0.36
N ASP A 206 -20.64 -11.80 -0.63
CA ASP A 206 -19.77 -10.64 -0.93
C ASP A 206 -18.39 -11.14 -1.38
N TRP A 207 -18.40 -11.83 -2.51
CA TRP A 207 -17.18 -12.39 -3.11
C TRP A 207 -16.07 -11.37 -3.28
N ARG A 208 -16.42 -10.16 -3.70
CA ARG A 208 -15.42 -9.13 -4.00
C ARG A 208 -14.58 -8.75 -2.78
N ALA A 209 -15.19 -8.80 -1.61
CA ALA A 209 -14.50 -8.44 -0.37
C ALA A 209 -13.44 -9.48 0.02
N GLY A 210 -13.51 -10.68 -0.57
CA GLY A 210 -12.47 -11.70 -0.39
C GLY A 210 -11.22 -11.46 -1.23
N ARG A 211 -11.27 -10.49 -2.13
CA ARG A 211 -10.17 -10.20 -3.03
C ARG A 211 -9.11 -9.32 -2.36
N CYS A 212 -7.87 -9.53 -2.75
CA CYS A 212 -6.73 -8.82 -2.18
C CYS A 212 -7.00 -7.36 -1.79
N ALA A 213 -6.94 -7.08 -0.49
CA ALA A 213 -7.17 -5.72 0.02
C ALA A 213 -6.05 -4.75 -0.35
N LEU A 214 -4.82 -5.24 -0.47
CA LEU A 214 -3.67 -4.38 -0.61
C LEU A 214 -3.60 -3.68 -1.96
N SER A 215 -4.11 -4.33 -3.02
CA SER A 215 -3.91 -3.86 -4.40
C SER A 215 -5.18 -3.64 -5.24
N ASN A 216 -6.36 -3.70 -4.61
CA ASN A 216 -7.62 -3.54 -5.36
C ASN A 216 -8.51 -2.38 -4.96
N ILE A 217 -9.22 -1.82 -5.95
CA ILE A 217 -10.44 -1.06 -5.73
C ILE A 217 -11.60 -2.07 -5.77
N ILE A 218 -12.36 -2.14 -4.68
CA ILE A 218 -13.32 -3.23 -4.50
C ILE A 218 -14.75 -2.72 -4.34
N PRO A 219 -15.59 -2.89 -5.38
CA PRO A 219 -17.01 -2.54 -5.25
C PRO A 219 -17.72 -3.28 -4.10
N ALA A 220 -18.65 -2.59 -3.46
CA ALA A 220 -19.39 -3.14 -2.33
C ALA A 220 -20.76 -2.48 -2.27
N SER A 221 -21.76 -3.24 -1.85
CA SER A 221 -23.08 -2.70 -1.59
C SER A 221 -23.12 -2.07 -0.19
N THR A 222 -24.10 -1.21 0.03
CA THR A 222 -24.31 -0.59 1.33
C THR A 222 -25.73 -0.04 1.45
N GLY A 223 -26.38 -0.30 2.58
CA GLY A 223 -27.67 0.31 2.89
C GLY A 223 -27.51 1.62 3.65
N ALA A 224 -26.28 2.14 3.73
CA ALA A 224 -26.02 3.33 4.53
C ALA A 224 -26.83 4.53 4.07
N ALA A 225 -27.07 4.64 2.76
CA ALA A 225 -27.83 5.75 2.20
C ALA A 225 -29.34 5.48 2.30
N LYS A 226 -29.75 4.26 2.00
CA LYS A 226 -31.14 3.86 2.20
C LYS A 226 -31.56 4.08 3.65
N ALA A 227 -30.66 3.79 4.59
CA ALA A 227 -30.95 3.87 6.03
C ALA A 227 -31.00 5.31 6.57
N VAL A 228 -30.50 6.29 5.81
CA VAL A 228 -30.75 7.70 6.14
C VAL A 228 -32.27 7.95 6.17
N GLY A 229 -33.00 7.23 5.33
CA GLY A 229 -34.46 7.29 5.30
C GLY A 229 -35.15 6.81 6.57
N LYS A 230 -34.48 5.95 7.34
CA LYS A 230 -35.02 5.50 8.62
C LYS A 230 -34.86 6.58 9.70
N VAL A 231 -33.66 7.14 9.79
CA VAL A 231 -33.40 8.20 10.78
C VAL A 231 -34.05 9.53 10.39
N LEU A 232 -34.23 9.75 9.09
CA LEU A 232 -34.95 10.92 8.57
C LEU A 232 -36.04 10.46 7.63
N PRO A 233 -37.24 10.19 8.17
CA PRO A 233 -38.38 9.65 7.41
C PRO A 233 -38.67 10.43 6.14
N GLU A 234 -38.53 11.76 6.19
CA GLU A 234 -38.79 12.62 5.03
C GLU A 234 -37.98 12.26 3.77
N LEU A 235 -36.80 11.65 3.96
CA LEU A 235 -35.95 11.25 2.85
C LEU A 235 -36.11 9.78 2.41
N ASN A 236 -37.05 9.06 3.02
CA ASN A 236 -37.35 7.66 2.64
C ASN A 236 -37.57 7.49 1.13
N GLY A 237 -36.92 6.52 0.53
CA GLY A 237 -37.07 6.25 -0.90
C GLY A 237 -36.37 7.24 -1.82
N LYS A 238 -35.67 8.22 -1.24
CA LYS A 238 -35.05 9.31 -2.01
C LYS A 238 -33.52 9.24 -2.07
N LEU A 239 -32.93 8.28 -1.37
CA LEU A 239 -31.46 8.12 -1.33
C LEU A 239 -31.03 6.66 -1.34
N THR A 240 -30.01 6.34 -2.13
CA THR A 240 -29.27 5.09 -1.97
C THR A 240 -27.86 5.25 -2.49
N GLY A 241 -27.06 4.18 -2.47
CA GLY A 241 -25.67 4.28 -2.87
C GLY A 241 -24.89 3.00 -3.00
N VAL A 242 -23.58 3.16 -3.24
CA VAL A 242 -22.64 2.04 -3.34
C VAL A 242 -21.32 2.45 -2.70
N ALA A 243 -20.40 1.51 -2.58
CA ALA A 243 -19.12 1.80 -1.97
C ALA A 243 -18.00 1.13 -2.76
N PHE A 244 -16.83 1.75 -2.73
CA PHE A 244 -15.60 1.15 -3.21
C PHE A 244 -14.64 1.07 -2.06
N ARG A 245 -14.13 -0.12 -1.76
CA ARG A 245 -13.13 -0.27 -0.71
C ARG A 245 -11.76 -0.08 -1.32
N VAL A 246 -10.86 0.57 -0.57
CA VAL A 246 -9.51 0.88 -1.06
C VAL A 246 -8.49 0.59 0.03
N PRO A 247 -7.24 0.31 -0.36
CA PRO A 247 -6.15 0.02 0.59
C PRO A 247 -5.71 1.25 1.42
N ILE A 248 -6.50 1.59 2.42
CA ILE A 248 -6.27 2.73 3.31
C ILE A 248 -6.51 2.27 4.75
N GLY A 249 -5.73 2.78 5.70
CA GLY A 249 -5.84 2.34 7.10
C GLY A 249 -7.16 2.73 7.75
N THR A 250 -7.45 4.04 7.73
CA THR A 250 -8.72 4.57 8.19
C THR A 250 -9.00 5.86 7.43
N VAL A 251 -10.17 6.44 7.70
CA VAL A 251 -10.73 7.59 7.01
C VAL A 251 -11.36 7.20 5.68
N SER A 252 -12.64 7.50 5.56
CA SER A 252 -13.42 7.23 4.38
C SER A 252 -14.04 8.54 3.91
N VAL A 253 -14.52 8.57 2.68
CA VAL A 253 -15.12 9.78 2.13
C VAL A 253 -16.44 9.45 1.44
N VAL A 254 -17.45 10.30 1.68
CA VAL A 254 -18.76 10.24 1.01
C VAL A 254 -18.86 11.28 -0.10
N ASP A 255 -19.32 10.87 -1.28
CA ASP A 255 -19.70 11.79 -2.36
C ASP A 255 -21.20 11.67 -2.56
N LEU A 256 -21.93 12.72 -2.21
CA LEU A 256 -23.36 12.77 -2.40
C LEU A 256 -23.70 13.59 -3.65
N VAL A 257 -24.20 12.92 -4.69
CA VAL A 257 -24.78 13.60 -5.86
C VAL A 257 -26.26 13.73 -5.59
N CYS A 258 -26.74 14.96 -5.38
CA CYS A 258 -28.16 15.18 -5.10
C CYS A 258 -28.74 16.26 -5.98
N ARG A 259 -30.03 16.11 -6.24
CA ARG A 259 -30.80 17.06 -7.01
C ARG A 259 -31.75 17.74 -6.05
N LEU A 260 -31.80 19.07 -6.09
CA LEU A 260 -32.58 19.85 -5.12
C LEU A 260 -33.80 20.50 -5.79
N GLN A 261 -34.78 20.92 -4.99
CA GLN A 261 -35.96 21.62 -5.54
C GLN A 261 -35.76 23.13 -5.49
N LYS A 262 -35.33 23.68 -4.35
CA LYS A 262 -34.96 25.11 -4.28
C LYS A 262 -33.58 25.28 -4.87
N PRO A 263 -33.44 26.12 -5.92
CA PRO A 263 -32.13 26.28 -6.55
C PRO A 263 -31.11 27.01 -5.66
N ALA A 264 -29.83 26.69 -5.84
CA ALA A 264 -28.77 27.35 -5.08
C ALA A 264 -27.48 27.43 -5.87
N LYS A 265 -26.65 28.41 -5.53
CA LYS A 265 -25.26 28.43 -5.95
C LYS A 265 -24.45 27.56 -4.98
N TYR A 266 -23.32 27.04 -5.43
CA TYR A 266 -22.47 26.18 -4.57
C TYR A 266 -22.08 26.89 -3.26
N GLU A 267 -21.69 28.15 -3.38
CA GLU A 267 -21.29 28.96 -2.23
C GLU A 267 -22.39 29.04 -1.17
N GLU A 268 -23.64 29.18 -1.59
CA GLU A 268 -24.77 29.21 -0.64
C GLU A 268 -24.95 27.89 0.10
N VAL A 269 -24.85 26.77 -0.63
CA VAL A 269 -24.93 25.44 -0.03
C VAL A 269 -23.82 25.22 1.00
N ALA A 270 -22.60 25.66 0.66
CA ALA A 270 -21.46 25.57 1.58
C ALA A 270 -21.69 26.37 2.86
N LEU A 271 -22.12 27.61 2.72
CA LEU A 271 -22.42 28.49 3.86
C LEU A 271 -23.46 27.89 4.80
N GLU A 272 -24.47 27.25 4.23
CA GLU A 272 -25.51 26.61 5.04
C GLU A 272 -24.92 25.47 5.87
N ILE A 273 -23.98 24.73 5.29
CA ILE A 273 -23.31 23.67 6.03
C ILE A 273 -22.40 24.24 7.13
N LYS A 274 -21.72 25.34 6.81
CA LYS A 274 -20.83 26.00 7.78
C LYS A 274 -21.56 26.41 9.05
N LYS A 275 -22.72 27.06 8.90
CA LYS A 275 -23.44 27.56 10.08
C LYS A 275 -23.99 26.40 10.93
N ALA A 276 -24.43 25.32 10.27
CA ALA A 276 -24.80 24.11 10.99
C ALA A 276 -23.61 23.57 11.79
N ALA A 277 -22.44 23.53 11.15
CA ALA A 277 -21.23 22.99 11.76
C ALA A 277 -20.74 23.80 12.96
N GLU A 278 -20.96 25.11 12.94
CA GLU A 278 -20.53 25.96 14.05
C GLU A 278 -21.65 26.21 15.05
N GLY A 279 -22.83 25.64 14.80
CA GLY A 279 -24.01 25.85 15.63
C GLY A 279 -24.67 24.55 16.03
N PRO A 280 -25.90 24.28 15.55
CA PRO A 280 -26.67 23.11 15.99
C PRO A 280 -25.89 21.80 16.00
N LEU A 281 -25.18 21.52 14.90
CA LEU A 281 -24.47 20.25 14.74
C LEU A 281 -22.97 20.32 15.09
N LYS A 282 -22.56 21.31 15.90
CA LYS A 282 -21.17 21.42 16.32
C LYS A 282 -20.75 20.14 17.04
N GLY A 283 -19.57 19.62 16.70
CA GLY A 283 -19.08 18.37 17.26
C GLY A 283 -19.50 17.11 16.49
N ILE A 284 -20.53 17.21 15.67
CA ILE A 284 -21.04 16.10 14.85
C ILE A 284 -20.64 16.32 13.39
N LEU A 285 -21.04 17.48 12.85
CA LEU A 285 -20.66 17.92 11.50
C LEU A 285 -19.60 19.03 11.56
N GLY A 286 -18.58 18.89 10.73
CA GLY A 286 -17.52 19.89 10.61
C GLY A 286 -17.38 20.44 9.20
N TYR A 287 -16.57 21.47 9.05
CA TYR A 287 -16.44 22.20 7.81
C TYR A 287 -14.97 22.55 7.60
N THR A 288 -14.53 22.47 6.35
CA THR A 288 -13.19 22.90 6.00
C THR A 288 -13.13 23.37 4.55
N GLU A 289 -12.35 24.42 4.31
CA GLU A 289 -12.03 24.88 2.96
C GLU A 289 -10.57 24.59 2.61
N ASP A 290 -9.89 23.83 3.47
CA ASP A 290 -8.50 23.48 3.24
C ASP A 290 -8.34 22.33 2.24
N GLU A 291 -7.14 22.25 1.66
CA GLU A 291 -6.81 21.25 0.64
C GLU A 291 -6.48 19.90 1.29
N VAL A 292 -7.47 19.28 1.91
CA VAL A 292 -7.22 18.13 2.77
C VAL A 292 -7.17 16.81 2.03
N VAL A 293 -6.59 15.81 2.67
CA VAL A 293 -6.55 14.45 2.16
C VAL A 293 -6.90 13.56 3.34
N SER A 294 -7.13 12.28 3.07
CA SER A 294 -7.71 11.37 4.06
C SER A 294 -6.96 11.34 5.39
N GLN A 295 -5.64 11.32 5.37
CA GLN A 295 -4.85 11.21 6.61
C GLN A 295 -4.99 12.43 7.52
N ASP A 296 -5.58 13.51 7.00
CA ASP A 296 -5.81 14.70 7.79
C ASP A 296 -6.95 14.51 8.79
N PHE A 297 -7.70 13.42 8.67
CA PHE A 297 -8.81 13.16 9.58
C PHE A 297 -8.61 11.91 10.42
N VAL A 298 -7.39 11.39 10.46
CA VAL A 298 -7.06 10.30 11.37
C VAL A 298 -7.24 10.83 12.78
N HIS A 299 -8.14 10.21 13.53
CA HIS A 299 -8.39 10.53 14.92
C HIS A 299 -9.24 11.81 15.08
N ASP A 300 -9.89 12.23 13.99
CA ASP A 300 -10.88 13.30 14.06
C ASP A 300 -12.16 12.64 14.59
N ASN A 301 -12.77 13.25 15.61
CA ASN A 301 -13.90 12.62 16.33
C ASN A 301 -15.26 13.09 15.85
N ARG A 302 -15.29 13.85 14.76
CA ARG A 302 -16.55 14.24 14.14
C ARG A 302 -17.11 13.13 13.27
N SER A 303 -18.43 13.15 13.09
CA SER A 303 -19.12 12.14 12.29
C SER A 303 -18.99 12.42 10.80
N SER A 304 -18.79 13.68 10.44
CA SER A 304 -18.84 14.11 9.05
C SER A 304 -18.08 15.42 8.91
N ILE A 305 -17.14 15.50 7.98
CA ILE A 305 -16.42 16.77 7.72
C ILE A 305 -16.54 17.16 6.25
N PHE A 306 -17.34 18.19 6.00
CA PHE A 306 -17.59 18.68 4.64
C PHE A 306 -16.33 19.30 4.06
N ASP A 307 -16.00 18.86 2.86
CA ASP A 307 -14.82 19.33 2.15
C ASP A 307 -15.30 20.26 1.06
N MET A 308 -15.17 21.57 1.32
CA MET A 308 -15.79 22.56 0.47
C MET A 308 -15.20 22.59 -0.93
N LYS A 309 -13.88 22.57 -1.03
CA LYS A 309 -13.23 22.72 -2.34
C LYS A 309 -13.25 21.45 -3.19
N ALA A 310 -13.60 20.31 -2.61
CA ALA A 310 -13.63 19.06 -3.37
C ALA A 310 -14.97 18.86 -4.10
N GLY A 311 -16.05 19.44 -3.59
CA GLY A 311 -17.35 19.31 -4.21
C GLY A 311 -17.54 20.30 -5.34
N LEU A 312 -18.66 20.19 -6.05
CA LEU A 312 -19.03 21.20 -7.04
C LEU A 312 -20.49 21.10 -7.47
N ALA A 313 -20.94 22.07 -8.25
CA ALA A 313 -22.29 22.09 -8.81
C ALA A 313 -22.19 21.97 -10.33
N LEU A 314 -23.15 21.26 -10.93
CA LEU A 314 -23.25 21.20 -12.39
C LEU A 314 -24.08 22.38 -12.83
N ASN A 315 -25.22 22.54 -12.18
CA ASN A 315 -26.11 23.68 -12.38
C ASN A 315 -26.72 24.03 -11.02
N ASP A 316 -27.77 24.85 -11.00
CA ASP A 316 -28.33 25.37 -9.75
C ASP A 316 -29.19 24.37 -8.97
N ASN A 317 -29.43 23.19 -9.52
CA ASN A 317 -30.24 22.17 -8.86
C ASN A 317 -29.57 20.80 -8.78
N PHE A 318 -28.28 20.71 -9.10
CA PHE A 318 -27.56 19.43 -9.19
C PHE A 318 -26.15 19.57 -8.62
N PHE A 319 -25.88 18.86 -7.54
CA PHE A 319 -24.67 19.08 -6.77
C PHE A 319 -23.90 17.80 -6.44
N LYS A 320 -22.58 17.94 -6.30
CA LYS A 320 -21.74 16.90 -5.69
C LYS A 320 -21.13 17.45 -4.40
N LEU A 321 -21.49 16.85 -3.27
CA LEU A 321 -21.05 17.29 -1.95
C LEU A 321 -20.19 16.20 -1.30
N VAL A 322 -18.99 16.59 -0.89
CA VAL A 322 -17.99 15.64 -0.39
C VAL A 322 -17.79 15.80 1.13
N SER A 323 -17.82 14.68 1.85
CA SER A 323 -17.61 14.69 3.30
C SER A 323 -16.76 13.52 3.78
N TRP A 324 -15.83 13.81 4.67
CA TRP A 324 -14.88 12.83 5.19
C TRP A 324 -15.33 12.32 6.53
N TYR A 325 -14.86 11.14 6.90
CA TYR A 325 -15.08 10.60 8.24
C TYR A 325 -14.03 9.59 8.62
N ASP A 326 -13.53 9.68 9.85
CA ASP A 326 -12.74 8.59 10.41
C ASP A 326 -13.74 7.53 10.83
N ASN A 327 -13.91 6.54 9.96
CA ASN A 327 -14.88 5.46 10.17
C ASN A 327 -14.70 4.71 11.49
N GLU A 328 -13.50 4.74 12.06
CA GLU A 328 -13.25 4.06 13.33
C GLU A 328 -13.51 4.97 14.51
N TRP A 329 -12.83 6.11 14.52
CA TRP A 329 -12.80 6.98 15.69
C TRP A 329 -14.04 7.86 15.86
N GLY A 330 -14.54 8.39 14.75
CA GLY A 330 -15.77 9.18 14.76
C GLY A 330 -16.90 8.35 15.34
N TYR A 331 -17.19 7.24 14.66
CA TYR A 331 -18.23 6.31 15.08
C TYR A 331 -18.04 5.86 16.53
N SER A 332 -16.81 5.60 16.95
CA SER A 332 -16.56 5.13 18.32
C SER A 332 -17.04 6.13 19.37
N ASN A 333 -16.75 7.42 19.15
CA ASN A 333 -17.26 8.47 20.04
C ASN A 333 -18.78 8.60 19.96
N ARG A 334 -19.35 8.35 18.79
CA ARG A 334 -20.82 8.35 18.64
C ARG A 334 -21.48 7.25 19.47
N VAL A 335 -20.82 6.10 19.59
CA VAL A 335 -21.33 5.01 20.40
C VAL A 335 -21.43 5.43 21.87
N LEU A 336 -20.50 6.26 22.33
CA LEU A 336 -20.50 6.73 23.71
C LEU A 336 -21.56 7.78 23.96
N ASP A 337 -21.72 8.72 23.04
CA ASP A 337 -22.77 9.75 23.19
C ASP A 337 -24.16 9.10 23.22
N LEU A 338 -24.36 8.04 22.43
CA LEU A 338 -25.63 7.32 22.43
C LEU A 338 -25.81 6.50 23.71
N ALA A 339 -24.72 5.95 24.23
CA ALA A 339 -24.75 5.22 25.50
C ALA A 339 -25.10 6.14 26.67
N VAL A 340 -24.47 7.31 26.70
CA VAL A 340 -24.83 8.34 27.69
C VAL A 340 -26.29 8.74 27.57
N HIS A 341 -26.77 8.94 26.33
CA HIS A 341 -28.12 9.44 26.12
C HIS A 341 -29.21 8.47 26.59
N ILE A 342 -29.09 7.19 26.22
CA ILE A 342 -30.14 6.21 26.52
C ILE A 342 -30.17 5.77 27.98
N THR A 343 -29.11 6.11 28.72
CA THR A 343 -29.06 5.84 30.15
C THR A 343 -29.61 7.05 30.90
N THR A 344 -29.03 8.21 30.63
CA THR A 344 -29.38 9.46 31.34
C THR A 344 -30.53 10.18 30.64
N THR B 12 2.82 3.19 -41.32
CA THR B 12 2.56 4.26 -40.30
C THR B 12 3.71 4.36 -39.28
N LYS B 13 4.55 5.39 -39.43
CA LYS B 13 5.71 5.59 -38.58
C LYS B 13 5.34 6.52 -37.41
N LEU B 14 5.55 6.06 -36.19
CA LEU B 14 5.22 6.80 -34.99
C LEU B 14 6.48 7.32 -34.29
N GLY B 15 6.41 8.56 -33.81
CA GLY B 15 7.44 9.14 -32.96
C GLY B 15 6.86 9.28 -31.57
N ILE B 16 7.70 9.14 -30.54
CA ILE B 16 7.25 9.26 -29.15
C ILE B 16 8.07 10.31 -28.39
N ASN B 17 7.40 11.38 -27.96
CA ASN B 17 8.03 12.41 -27.12
C ASN B 17 7.61 12.23 -25.67
N GLY B 18 8.51 11.69 -24.85
CA GLY B 18 8.22 11.41 -23.45
C GLY B 18 8.01 9.93 -23.25
N PHE B 19 9.09 9.23 -22.91
CA PHE B 19 9.07 7.78 -22.81
C PHE B 19 8.73 7.35 -21.37
N GLY B 20 7.57 7.81 -20.90
CA GLY B 20 7.10 7.51 -19.55
C GLY B 20 6.11 6.38 -19.60
N ARG B 21 5.11 6.40 -18.72
CA ARG B 21 4.18 5.28 -18.63
C ARG B 21 3.40 5.13 -19.95
N ILE B 22 2.94 6.25 -20.49
CA ILE B 22 2.18 6.23 -21.74
C ILE B 22 3.11 6.03 -22.93
N GLY B 23 4.22 6.76 -22.98
CA GLY B 23 5.20 6.59 -24.05
C GLY B 23 5.65 5.14 -24.21
N ARG B 24 6.01 4.51 -23.10
CA ARG B 24 6.54 3.15 -23.14
C ARG B 24 5.50 2.07 -23.48
N LEU B 25 4.27 2.24 -22.99
CA LEU B 25 3.20 1.28 -23.27
C LEU B 25 2.62 1.46 -24.68
N VAL B 26 2.63 2.69 -25.19
CA VAL B 26 2.34 2.93 -26.60
C VAL B 26 3.38 2.18 -27.46
N PHE B 27 4.65 2.28 -27.08
CA PHE B 27 5.71 1.51 -27.74
C PHE B 27 5.39 0.02 -27.72
N ARG B 28 4.93 -0.44 -26.56
CA ARG B 28 4.61 -1.84 -26.33
C ARG B 28 3.43 -2.34 -27.15
N ALA B 29 2.33 -1.60 -27.14
CA ALA B 29 1.16 -1.97 -27.95
C ALA B 29 1.52 -1.97 -29.44
N ALA B 30 2.35 -1.02 -29.84
CA ALA B 30 2.77 -0.88 -31.23
C ALA B 30 3.58 -2.07 -31.72
N PHE B 31 4.38 -2.69 -30.83
CA PHE B 31 5.13 -3.89 -31.19
C PHE B 31 4.19 -5.03 -31.62
N GLY B 32 3.06 -5.17 -30.93
CA GLY B 32 2.07 -6.20 -31.27
C GLY B 32 1.20 -5.90 -32.49
N ARG B 33 1.20 -4.65 -32.95
CA ARG B 33 0.41 -4.24 -34.11
C ARG B 33 1.30 -4.20 -35.36
N LYS B 34 0.78 -4.73 -36.47
CA LYS B 34 1.53 -4.77 -37.74
C LYS B 34 1.42 -3.48 -38.54
N ASP B 35 0.31 -2.76 -38.36
CA ASP B 35 -0.01 -1.59 -39.18
C ASP B 35 0.63 -0.26 -38.71
N ILE B 36 1.29 -0.29 -37.55
CA ILE B 36 1.99 0.87 -37.02
C ILE B 36 3.32 0.46 -36.38
N GLU B 37 4.33 1.31 -36.53
CA GLU B 37 5.70 0.99 -36.16
C GLU B 37 6.34 2.23 -35.52
N VAL B 38 7.07 2.04 -34.42
CA VAL B 38 7.77 3.14 -33.77
C VAL B 38 9.17 3.30 -34.37
N VAL B 39 9.50 4.50 -34.81
CA VAL B 39 10.77 4.77 -35.49
C VAL B 39 11.71 5.69 -34.71
N ALA B 40 11.19 6.45 -33.76
CA ALA B 40 12.01 7.37 -32.97
C ALA B 40 11.44 7.61 -31.58
N ILE B 41 12.31 7.97 -30.64
CA ILE B 41 11.93 8.29 -29.26
C ILE B 41 12.74 9.48 -28.80
N ASN B 42 12.16 10.33 -27.95
CA ASN B 42 12.89 11.42 -27.33
C ASN B 42 12.58 11.54 -25.84
N ASP B 43 13.62 11.54 -25.01
CA ASP B 43 13.46 11.80 -23.58
C ASP B 43 14.80 12.26 -23.00
N PRO B 44 14.88 13.52 -22.54
CA PRO B 44 16.14 14.08 -22.06
C PRO B 44 16.47 13.82 -20.58
N PHE B 45 15.67 13.03 -19.87
CA PHE B 45 15.96 12.71 -18.47
C PHE B 45 16.42 11.27 -18.34
N MET B 46 17.05 10.76 -19.40
CA MET B 46 17.14 9.34 -19.65
C MET B 46 18.25 9.07 -20.67
N ASP B 47 19.31 8.39 -20.24
CA ASP B 47 20.35 7.94 -21.15
C ASP B 47 19.87 6.65 -21.79
N LEU B 48 20.46 6.28 -22.91
CA LEU B 48 20.04 5.08 -23.64
C LEU B 48 20.15 3.82 -22.78
N ASN B 49 21.16 3.78 -21.91
CA ASN B 49 21.35 2.68 -20.97
C ASN B 49 20.15 2.60 -20.03
N HIS B 50 19.79 3.75 -19.45
CA HIS B 50 18.66 3.87 -18.53
C HIS B 50 17.34 3.60 -19.22
N LEU B 51 17.19 4.16 -20.42
CA LEU B 51 15.97 4.00 -21.22
C LEU B 51 15.63 2.54 -21.46
N CYS B 52 16.62 1.75 -21.86
CA CYS B 52 16.42 0.33 -22.10
C CYS B 52 16.00 -0.42 -20.85
N TYR B 53 16.63 -0.10 -19.72
CA TYR B 53 16.26 -0.70 -18.46
C TYR B 53 14.78 -0.50 -18.20
N LEU B 54 14.35 0.76 -18.28
CA LEU B 54 12.96 1.13 -18.01
C LEU B 54 11.95 0.49 -18.95
N LEU B 55 12.39 0.14 -20.16
CA LEU B 55 11.50 -0.51 -21.12
C LEU B 55 11.43 -2.03 -20.91
N LYS B 56 12.56 -2.64 -20.55
CA LYS B 56 12.63 -4.10 -20.38
C LYS B 56 11.82 -4.57 -19.18
N TYR B 57 11.80 -3.77 -18.11
CA TYR B 57 11.11 -4.12 -16.88
C TYR B 57 9.95 -3.16 -16.61
N ASP B 58 8.86 -3.69 -16.06
CA ASP B 58 7.71 -2.86 -15.75
C ASP B 58 6.97 -3.43 -14.56
N SER B 59 6.68 -2.58 -13.60
CA SER B 59 6.18 -3.03 -12.29
C SER B 59 4.75 -3.52 -12.37
N VAL B 60 3.99 -2.99 -13.33
CA VAL B 60 2.57 -3.30 -13.51
C VAL B 60 2.32 -4.26 -14.66
N HIS B 61 2.97 -4.03 -15.80
CA HIS B 61 2.62 -4.77 -17.02
C HIS B 61 3.56 -5.91 -17.38
N GLY B 62 4.56 -6.15 -16.54
CA GLY B 62 5.48 -7.26 -16.75
C GLY B 62 6.61 -6.90 -17.68
N GLN B 63 7.48 -7.88 -17.97
CA GLN B 63 8.66 -7.65 -18.79
C GLN B 63 8.27 -7.47 -20.24
N PHE B 64 9.12 -6.79 -20.99
CA PHE B 64 8.85 -6.52 -22.39
C PHE B 64 8.92 -7.84 -23.15
N PRO B 65 7.94 -8.10 -24.04
CA PRO B 65 7.81 -9.40 -24.72
C PRO B 65 9.00 -9.92 -25.55
N CYS B 66 10.09 -9.17 -25.69
CA CYS B 66 11.32 -9.70 -26.28
C CYS B 66 12.56 -8.95 -25.82
N GLU B 67 13.74 -9.43 -26.25
CA GLU B 67 15.03 -8.84 -25.85
C GLU B 67 15.15 -7.37 -26.26
N VAL B 68 15.85 -6.60 -25.43
CA VAL B 68 16.05 -5.17 -25.68
C VAL B 68 17.49 -4.78 -25.38
N THR B 69 18.21 -4.39 -26.44
CA THR B 69 19.56 -3.83 -26.32
C THR B 69 19.61 -2.51 -27.08
N HIS B 70 20.75 -1.82 -26.97
CA HIS B 70 21.00 -0.63 -27.78
C HIS B 70 22.28 -0.78 -28.58
N ALA B 71 22.39 0.01 -29.65
CA ALA B 71 23.51 -0.09 -30.58
C ALA B 71 23.60 1.12 -31.53
N ASP B 72 24.73 1.83 -31.48
CA ASP B 72 25.00 2.99 -32.34
C ASP B 72 23.98 4.10 -32.10
N GLY B 73 23.64 4.32 -30.83
CA GLY B 73 22.62 5.29 -30.46
C GLY B 73 21.19 4.90 -30.81
N PHE B 74 21.01 3.72 -31.40
CA PHE B 74 19.69 3.18 -31.70
C PHE B 74 19.20 2.28 -30.56
N LEU B 75 17.93 1.91 -30.63
CA LEU B 75 17.32 0.92 -29.75
C LEU B 75 16.96 -0.27 -30.62
N LEU B 76 17.26 -1.49 -30.14
CA LEU B 76 17.07 -2.70 -30.94
C LEU B 76 16.00 -3.64 -30.44
N ILE B 77 14.99 -3.89 -31.29
CA ILE B 77 13.92 -4.84 -31.03
C ILE B 77 13.88 -5.81 -32.21
N GLY B 78 14.81 -6.76 -32.21
CA GLY B 78 14.94 -7.72 -33.30
C GLY B 78 15.63 -7.08 -34.50
N GLU B 79 14.96 -7.11 -35.65
CA GLU B 79 15.51 -6.56 -36.90
C GLU B 79 14.95 -5.15 -37.16
N LYS B 80 14.76 -4.38 -36.09
CA LYS B 80 14.23 -3.03 -36.18
C LYS B 80 15.05 -2.07 -35.32
N LYS B 81 15.55 -1.00 -35.95
CA LYS B 81 16.27 0.05 -35.25
C LYS B 81 15.32 1.18 -34.91
N VAL B 82 15.57 1.85 -33.78
CA VAL B 82 14.78 2.98 -33.34
C VAL B 82 15.70 4.09 -32.85
N SER B 83 15.61 5.26 -33.47
CA SER B 83 16.43 6.40 -33.08
C SER B 83 16.01 6.87 -31.70
N VAL B 84 16.99 7.30 -30.90
CA VAL B 84 16.72 7.85 -29.58
C VAL B 84 17.41 9.19 -29.42
N PHE B 85 16.65 10.19 -28.99
CA PHE B 85 17.17 11.54 -28.80
C PHE B 85 16.96 12.00 -27.35
N ALA B 86 17.70 13.04 -26.96
CA ALA B 86 17.65 13.58 -25.60
C ALA B 86 17.62 15.11 -25.62
N GLU B 87 16.59 15.68 -26.24
CA GLU B 87 16.45 17.12 -26.35
C GLU B 87 15.25 17.65 -25.54
N LYS B 88 15.50 18.73 -24.79
CA LYS B 88 14.47 19.37 -23.94
C LYS B 88 13.54 20.19 -24.83
N ASP B 89 14.09 20.74 -25.91
CA ASP B 89 13.40 21.59 -26.87
C ASP B 89 12.95 20.77 -28.09
N PRO B 90 11.62 20.56 -28.26
CA PRO B 90 11.04 19.80 -29.38
C PRO B 90 11.41 20.27 -30.80
N SER B 91 11.72 21.55 -30.96
CA SER B 91 12.12 22.09 -32.26
C SER B 91 13.42 21.45 -32.75
N GLN B 92 14.21 20.92 -31.81
CA GLN B 92 15.52 20.34 -32.10
C GLN B 92 15.53 18.82 -32.27
N ILE B 93 14.37 18.16 -32.12
CA ILE B 93 14.28 16.72 -32.38
C ILE B 93 14.16 16.49 -33.88
N PRO B 94 15.06 15.68 -34.48
CA PRO B 94 15.03 15.48 -35.93
C PRO B 94 14.01 14.43 -36.43
N TRP B 95 12.72 14.69 -36.19
CA TRP B 95 11.67 13.77 -36.64
C TRP B 95 11.72 13.56 -38.15
N GLY B 96 11.91 14.66 -38.88
CA GLY B 96 11.95 14.65 -40.33
C GLY B 96 12.81 13.55 -40.92
N LYS B 97 14.05 13.45 -40.43
CA LYS B 97 15.00 12.45 -40.93
C LYS B 97 14.47 11.00 -40.80
N CYS B 98 13.56 10.77 -39.87
CA CYS B 98 12.94 9.45 -39.71
C CYS B 98 11.59 9.28 -40.43
N GLN B 99 11.21 10.26 -41.25
CA GLN B 99 9.89 10.27 -41.88
C GLN B 99 8.78 9.91 -40.91
N VAL B 100 8.72 10.61 -39.77
CA VAL B 100 7.67 10.37 -38.76
C VAL B 100 6.32 10.92 -39.19
N ASP B 101 5.31 10.05 -39.25
CA ASP B 101 3.96 10.43 -39.65
C ASP B 101 3.20 11.11 -38.52
N VAL B 102 3.31 10.57 -37.31
CA VAL B 102 2.61 11.12 -36.15
C VAL B 102 3.52 11.12 -34.94
N VAL B 103 3.52 12.20 -34.17
CA VAL B 103 4.27 12.25 -32.92
C VAL B 103 3.30 12.08 -31.76
N CYS B 104 3.57 11.09 -30.91
CA CYS B 104 2.80 10.91 -29.69
C CYS B 104 3.42 11.80 -28.62
N GLU B 105 2.78 12.94 -28.38
CA GLU B 105 3.29 13.94 -27.45
C GLU B 105 2.84 13.56 -26.04
N SER B 106 3.70 12.87 -25.31
CA SER B 106 3.34 12.28 -24.03
C SER B 106 4.29 12.71 -22.90
N THR B 107 4.69 13.98 -22.90
CA THR B 107 5.53 14.54 -21.85
C THR B 107 4.71 15.11 -20.70
N GLY B 108 3.56 15.68 -21.06
CA GLY B 108 2.69 16.38 -20.11
C GLY B 108 2.91 17.89 -20.02
N VAL B 109 3.79 18.46 -20.86
CA VAL B 109 4.13 19.89 -20.78
C VAL B 109 4.08 20.63 -22.11
N PHE B 110 3.54 19.99 -23.15
CA PHE B 110 3.41 20.62 -24.46
C PHE B 110 1.97 20.49 -24.93
N LEU B 111 1.06 21.17 -24.23
CA LEU B 111 -0.38 20.95 -24.39
C LEU B 111 -1.14 22.15 -24.95
N THR B 112 -0.48 22.94 -25.79
CA THR B 112 -1.17 23.92 -26.61
C THR B 112 -0.79 23.69 -28.05
N LYS B 113 -1.57 24.25 -28.97
CA LYS B 113 -1.28 24.16 -30.40
C LYS B 113 0.10 24.74 -30.68
N GLU B 114 0.43 25.83 -29.99
CA GLU B 114 1.69 26.54 -30.23
C GLU B 114 2.90 25.69 -29.81
N LEU B 115 2.85 25.11 -28.60
CA LEU B 115 3.97 24.31 -28.12
C LEU B 115 4.13 23.01 -28.90
N ALA B 116 3.02 22.32 -29.13
CA ALA B 116 3.05 21.06 -29.89
C ALA B 116 3.42 21.23 -31.38
N SER B 117 3.28 22.43 -31.93
CA SER B 117 3.63 22.69 -33.33
C SER B 117 5.15 22.65 -33.56
N SER B 118 5.91 22.77 -32.48
CA SER B 118 7.36 22.58 -32.51
C SER B 118 7.77 21.25 -33.14
N HIS B 119 6.93 20.22 -32.97
CA HIS B 119 7.13 18.91 -33.59
C HIS B 119 7.03 19.00 -35.10
N LEU B 120 6.09 19.81 -35.58
CA LEU B 120 5.94 20.04 -37.02
C LEU B 120 7.20 20.68 -37.60
N LYS B 121 7.81 21.60 -36.85
CA LYS B 121 9.04 22.27 -37.28
C LYS B 121 10.21 21.29 -37.41
N GLY B 122 10.20 20.25 -36.59
CA GLY B 122 11.20 19.20 -36.65
C GLY B 122 11.00 18.15 -37.74
N GLY B 123 9.94 18.30 -38.54
CA GLY B 123 9.69 17.43 -39.69
C GLY B 123 8.58 16.39 -39.53
N ALA B 124 7.91 16.39 -38.38
CA ALA B 124 6.76 15.49 -38.16
C ALA B 124 5.54 16.00 -38.92
N LYS B 125 4.77 15.09 -39.51
CA LYS B 125 3.58 15.45 -40.27
C LYS B 125 2.43 15.93 -39.36
N LYS B 126 2.11 15.15 -38.32
CA LYS B 126 1.00 15.45 -37.41
C LYS B 126 1.36 15.12 -35.96
N VAL B 127 0.53 15.56 -35.01
CA VAL B 127 0.79 15.34 -33.58
C VAL B 127 -0.48 14.96 -32.81
N ILE B 128 -0.34 14.01 -31.88
CA ILE B 128 -1.39 13.63 -30.94
C ILE B 128 -0.90 13.87 -29.53
N MET B 129 -1.50 14.84 -28.85
CA MET B 129 -1.27 15.03 -27.43
C MET B 129 -1.88 13.85 -26.69
N SER B 130 -1.12 13.25 -25.79
CA SER B 130 -1.61 12.14 -25.00
C SER B 130 -2.35 12.64 -23.75
N ALA B 131 -2.98 13.81 -23.83
CA ALA B 131 -3.74 14.38 -22.71
C ALA B 131 -4.68 15.46 -23.22
N PRO B 132 -5.65 15.88 -22.39
CA PRO B 132 -6.47 17.02 -22.78
C PRO B 132 -5.62 18.27 -22.99
N PRO B 133 -5.98 19.09 -23.98
CA PRO B 133 -5.20 20.29 -24.26
C PRO B 133 -5.58 21.44 -23.32
N LYS B 134 -4.67 22.40 -23.14
CA LYS B 134 -4.94 23.58 -22.34
C LYS B 134 -5.69 24.65 -23.16
N ASP B 135 -5.72 24.48 -24.48
CA ASP B 135 -6.34 25.45 -25.40
C ASP B 135 -7.49 24.80 -26.17
N ASP B 136 -7.86 25.37 -27.32
CA ASP B 136 -9.00 24.88 -28.10
C ASP B 136 -8.62 23.81 -29.15
N THR B 137 -7.61 23.00 -28.85
CA THR B 137 -7.18 21.93 -29.75
C THR B 137 -8.29 20.88 -29.87
N PRO B 138 -8.58 20.41 -31.10
CA PRO B 138 -9.64 19.41 -31.29
C PRO B 138 -9.36 18.07 -30.60
N ILE B 139 -10.39 17.53 -29.95
CA ILE B 139 -10.30 16.32 -29.17
C ILE B 139 -11.07 15.18 -29.85
N TYR B 140 -10.49 13.99 -29.82
CA TYR B 140 -11.12 12.81 -30.41
C TYR B 140 -11.07 11.61 -29.46
N VAL B 141 -12.18 10.90 -29.41
CA VAL B 141 -12.29 9.65 -28.68
C VAL B 141 -12.64 8.58 -29.68
N MET B 142 -11.80 7.56 -29.81
CA MET B 142 -12.04 6.48 -30.74
C MET B 142 -13.36 5.80 -30.42
N GLY B 143 -14.11 5.48 -31.47
CA GLY B 143 -15.47 4.98 -31.34
C GLY B 143 -16.55 6.01 -31.15
N ILE B 144 -16.19 7.26 -30.79
CA ILE B 144 -17.20 8.28 -30.49
C ILE B 144 -17.28 9.34 -31.58
N ASN B 145 -16.19 10.04 -31.84
CA ASN B 145 -16.19 11.11 -32.84
C ASN B 145 -14.98 11.11 -33.76
N HIS B 146 -14.26 9.99 -33.83
CA HIS B 146 -13.02 9.93 -34.60
C HIS B 146 -13.26 10.11 -36.11
N HIS B 147 -14.43 9.72 -36.60
CA HIS B 147 -14.76 9.91 -38.02
C HIS B 147 -15.01 11.37 -38.39
N GLN B 148 -15.30 12.21 -37.38
CA GLN B 148 -15.43 13.66 -37.60
C GLN B 148 -14.09 14.37 -37.82
N TYR B 149 -12.97 13.66 -37.61
CA TYR B 149 -11.65 14.19 -37.92
C TYR B 149 -11.48 14.41 -39.43
N ASP B 150 -10.73 15.45 -39.80
CA ASP B 150 -10.29 15.62 -41.17
C ASP B 150 -8.77 15.86 -41.24
N THR B 151 -8.20 15.48 -42.37
CA THR B 151 -6.75 15.48 -42.55
C THR B 151 -6.11 16.88 -42.43
N LYS B 152 -6.95 17.92 -42.38
CA LYS B 152 -6.45 19.29 -42.29
C LYS B 152 -5.90 19.60 -40.89
N GLN B 153 -6.46 18.95 -39.87
CA GLN B 153 -6.05 19.16 -38.49
C GLN B 153 -4.74 18.39 -38.25
N LEU B 154 -3.66 19.13 -38.06
CA LEU B 154 -2.32 18.54 -37.91
C LEU B 154 -2.02 18.21 -36.46
N ILE B 155 -2.65 18.93 -35.54
CA ILE B 155 -2.45 18.74 -34.12
C ILE B 155 -3.79 18.40 -33.48
N VAL B 156 -3.87 17.23 -32.84
CA VAL B 156 -5.11 16.81 -32.19
C VAL B 156 -4.83 16.22 -30.81
N SER B 157 -5.89 15.97 -30.05
CA SER B 157 -5.78 15.36 -28.74
C SER B 157 -6.58 14.08 -28.69
N ASN B 158 -6.07 13.08 -27.98
CA ASN B 158 -6.79 11.83 -27.72
C ASN B 158 -7.51 11.85 -26.36
N ALA B 159 -7.69 13.06 -25.80
CA ALA B 159 -8.38 13.26 -24.53
C ALA B 159 -7.65 12.58 -23.36
N SER B 160 -8.34 12.36 -22.25
CA SER B 160 -7.75 11.64 -21.12
C SER B 160 -8.32 10.23 -21.06
N CYS B 161 -7.70 9.40 -20.23
CA CYS B 161 -8.19 8.05 -20.00
C CYS B 161 -9.63 8.06 -19.51
N THR B 162 -9.91 8.96 -18.57
CA THR B 162 -11.23 9.10 -17.96
C THR B 162 -12.30 9.52 -18.99
N THR B 163 -11.94 10.43 -19.89
CA THR B 163 -12.83 10.84 -20.97
C THR B 163 -13.12 9.65 -21.91
N ASN B 164 -12.10 8.85 -22.19
CA ASN B 164 -12.25 7.68 -23.04
C ASN B 164 -13.10 6.60 -22.37
N CYS B 165 -13.10 6.57 -21.05
CA CYS B 165 -13.96 5.66 -20.30
C CYS B 165 -15.38 6.18 -20.24
N LEU B 166 -15.52 7.48 -20.01
CA LEU B 166 -16.83 8.09 -19.85
C LEU B 166 -17.62 8.24 -21.17
N ALA B 167 -16.94 8.56 -22.26
CA ALA B 167 -17.63 8.97 -23.50
C ALA B 167 -18.51 7.88 -24.13
N PRO B 168 -18.00 6.65 -24.27
CA PRO B 168 -18.83 5.59 -24.83
C PRO B 168 -20.07 5.29 -23.99
N LEU B 169 -19.90 5.26 -22.68
CA LEU B 169 -20.99 5.00 -21.76
C LEU B 169 -22.09 6.03 -21.93
N ALA B 170 -21.70 7.30 -21.94
CA ALA B 170 -22.62 8.42 -22.11
C ALA B 170 -23.30 8.42 -23.48
N LYS B 171 -22.52 8.16 -24.52
CA LYS B 171 -23.06 8.10 -25.88
C LYS B 171 -24.21 7.08 -26.03
N VAL B 172 -24.02 5.88 -25.50
CA VAL B 172 -25.01 4.80 -25.62
C VAL B 172 -26.26 5.10 -24.79
N ILE B 173 -26.05 5.54 -23.56
CA ILE B 173 -27.15 5.96 -22.70
C ILE B 173 -27.89 7.14 -23.30
N ASN B 174 -27.17 8.10 -23.86
CA ASN B 174 -27.79 9.30 -24.40
C ASN B 174 -28.57 9.06 -25.69
N ASP B 175 -28.11 8.16 -26.55
CA ASP B 175 -28.80 7.87 -27.83
C ASP B 175 -30.14 7.17 -27.67
N ARG B 176 -30.22 6.27 -26.69
CA ARG B 176 -31.44 5.48 -26.46
C ARG B 176 -32.38 6.19 -25.50
N PHE B 177 -31.83 6.69 -24.39
CA PHE B 177 -32.63 7.20 -23.27
C PHE B 177 -32.62 8.72 -23.11
N GLY B 178 -31.49 9.37 -23.41
CA GLY B 178 -31.36 10.82 -23.28
C GLY B 178 -30.92 11.24 -21.88
N ILE B 179 -29.66 11.65 -21.75
CA ILE B 179 -29.12 12.15 -20.48
C ILE B 179 -29.47 13.63 -20.30
N VAL B 180 -30.30 13.93 -19.30
CA VAL B 180 -30.63 15.31 -18.96
C VAL B 180 -29.43 15.98 -18.29
N GLU B 181 -28.88 15.33 -17.28
CA GLU B 181 -27.75 15.87 -16.55
C GLU B 181 -27.03 14.74 -15.84
N GLY B 182 -25.71 14.89 -15.65
CA GLY B 182 -24.91 13.87 -15.00
C GLY B 182 -23.70 14.41 -14.23
N LEU B 183 -23.43 13.80 -13.08
CA LEU B 183 -22.23 14.09 -12.31
C LEU B 183 -21.42 12.81 -12.09
N MET B 184 -20.11 12.94 -12.26
CA MET B 184 -19.21 11.79 -12.32
C MET B 184 -18.16 11.83 -11.21
N THR B 185 -17.79 10.66 -10.71
CA THR B 185 -16.66 10.52 -9.82
C THR B 185 -15.80 9.41 -10.35
N THR B 186 -14.50 9.67 -10.47
CA THR B 186 -13.57 8.62 -10.84
C THR B 186 -12.63 8.34 -9.67
N VAL B 187 -12.53 7.08 -9.27
CA VAL B 187 -11.54 6.66 -8.31
C VAL B 187 -10.34 6.25 -9.14
N HIS B 188 -9.30 7.06 -9.06
CA HIS B 188 -8.20 6.96 -10.00
C HIS B 188 -6.93 6.36 -9.39
N ALA B 189 -6.29 5.48 -10.15
CA ALA B 189 -5.01 4.92 -9.77
C ALA B 189 -3.91 5.99 -9.76
N SER B 190 -2.78 5.64 -9.19
CA SER B 190 -1.67 6.56 -9.00
C SER B 190 -1.02 7.01 -10.30
N THR B 191 -0.48 8.23 -10.30
CA THR B 191 0.17 8.80 -11.49
C THR B 191 1.47 9.53 -11.12
N ALA B 192 2.27 9.84 -12.13
CA ALA B 192 3.63 10.34 -11.95
C ALA B 192 3.69 11.77 -11.42
N ASN B 193 2.61 12.52 -11.60
CA ASN B 193 2.48 13.86 -11.03
C ASN B 193 2.43 13.85 -9.49
N GLN B 194 2.22 12.68 -8.89
CA GLN B 194 2.14 12.55 -7.43
C GLN B 194 3.49 12.30 -6.78
N LEU B 195 3.52 12.45 -5.44
CA LEU B 195 4.75 12.31 -4.67
C LEU B 195 4.62 11.21 -3.63
N VAL B 196 5.75 10.63 -3.24
CA VAL B 196 5.80 9.50 -2.31
C VAL B 196 5.68 9.97 -0.86
N VAL B 197 6.19 11.16 -0.56
CA VAL B 197 6.06 11.77 0.75
C VAL B 197 5.54 13.19 0.57
N ASP B 198 4.84 13.70 1.59
CA ASP B 198 4.33 15.06 1.55
C ASP B 198 5.40 16.02 1.06
N GLY B 199 5.15 16.67 -0.07
CA GLY B 199 6.08 17.64 -0.63
C GLY B 199 5.39 18.65 -1.53
N PRO B 200 6.13 19.65 -2.01
CA PRO B 200 5.55 20.67 -2.86
C PRO B 200 5.29 20.13 -4.25
N SER B 201 4.05 20.24 -4.70
CA SER B 201 3.68 19.83 -6.05
C SER B 201 4.31 20.79 -7.09
N LYS B 202 4.34 20.31 -8.34
CA LYS B 202 5.00 21.01 -9.46
C LYS B 202 4.42 22.41 -9.71
N GLY B 203 5.27 23.42 -9.61
CA GLY B 203 4.86 24.80 -9.90
C GLY B 203 3.81 25.39 -8.96
N GLY B 204 3.70 24.81 -7.76
CA GLY B 204 2.72 25.24 -6.77
C GLY B 204 1.26 24.89 -7.08
N LYS B 205 1.00 24.24 -8.21
CA LYS B 205 -0.38 23.93 -8.58
C LYS B 205 -0.82 22.61 -7.97
N ASP B 206 -2.08 22.53 -7.54
CA ASP B 206 -2.66 21.29 -7.02
C ASP B 206 -1.88 20.75 -5.81
N TRP B 207 -2.06 21.41 -4.68
CA TRP B 207 -1.36 21.04 -3.46
C TRP B 207 -1.64 19.60 -3.01
N ARG B 208 -2.89 19.17 -3.13
CA ARG B 208 -3.27 17.84 -2.66
C ARG B 208 -2.46 16.70 -3.29
N ALA B 209 -2.08 16.85 -4.56
CA ALA B 209 -1.34 15.83 -5.28
C ALA B 209 0.10 15.72 -4.80
N GLY B 210 0.56 16.68 -4.00
CA GLY B 210 1.87 16.58 -3.38
C GLY B 210 1.87 15.78 -2.08
N ARG B 211 0.68 15.37 -1.64
CA ARG B 211 0.56 14.67 -0.38
C ARG B 211 0.88 13.20 -0.63
N CYS B 212 1.38 12.54 0.41
CA CYS B 212 1.82 11.16 0.33
C CYS B 212 0.84 10.24 -0.41
N ALA B 213 1.28 9.66 -1.52
CA ALA B 213 0.44 8.82 -2.36
C ALA B 213 0.12 7.48 -1.71
N LEU B 214 0.99 7.01 -0.83
CA LEU B 214 0.92 5.65 -0.32
C LEU B 214 -0.20 5.45 0.69
N SER B 215 -0.61 6.50 1.37
CA SER B 215 -1.57 6.35 2.46
C SER B 215 -2.77 7.29 2.40
N ASN B 216 -2.95 7.99 1.28
CA ASN B 216 -4.02 8.99 1.19
C ASN B 216 -5.07 8.70 0.13
N ILE B 217 -6.30 9.11 0.42
CA ILE B 217 -7.32 9.35 -0.60
C ILE B 217 -7.16 10.83 -0.88
N ILE B 218 -6.94 11.18 -2.14
CA ILE B 218 -6.56 12.54 -2.50
C ILE B 218 -7.57 13.09 -3.51
N PRO B 219 -8.41 14.05 -3.09
CA PRO B 219 -9.30 14.72 -4.03
C PRO B 219 -8.54 15.42 -5.13
N ALA B 220 -9.10 15.43 -6.33
CA ALA B 220 -8.46 15.99 -7.50
C ALA B 220 -9.53 16.49 -8.45
N SER B 221 -9.24 17.61 -9.10
CA SER B 221 -10.10 18.10 -10.17
C SER B 221 -9.84 17.32 -11.43
N THR B 222 -10.85 17.28 -12.29
CA THR B 222 -10.70 16.75 -13.63
C THR B 222 -11.64 17.51 -14.54
N GLY B 223 -11.19 17.76 -15.77
CA GLY B 223 -12.07 18.25 -16.81
C GLY B 223 -12.70 17.12 -17.61
N ALA B 224 -12.29 15.88 -17.33
CA ALA B 224 -12.60 14.74 -18.20
C ALA B 224 -14.07 14.67 -18.63
N ALA B 225 -14.97 14.82 -17.66
CA ALA B 225 -16.41 14.73 -17.93
C ALA B 225 -16.93 15.96 -18.66
N LYS B 226 -16.37 17.12 -18.35
CA LYS B 226 -16.71 18.35 -19.04
C LYS B 226 -16.28 18.25 -20.51
N ALA B 227 -15.22 17.48 -20.77
CA ALA B 227 -14.68 17.28 -22.13
C ALA B 227 -15.60 16.41 -23.00
N VAL B 228 -16.39 15.55 -22.33
CA VAL B 228 -17.39 14.74 -23.02
C VAL B 228 -18.26 15.61 -23.94
N GLY B 229 -18.55 16.84 -23.49
CA GLY B 229 -19.31 17.81 -24.27
C GLY B 229 -18.63 18.30 -25.54
N LYS B 230 -17.30 18.19 -25.60
CA LYS B 230 -16.55 18.53 -26.81
C LYS B 230 -16.69 17.41 -27.86
N VAL B 231 -16.56 16.17 -27.43
CA VAL B 231 -16.72 15.02 -28.37
C VAL B 231 -18.18 14.60 -28.57
N LEU B 232 -19.05 15.02 -27.66
CA LEU B 232 -20.49 14.85 -27.82
C LEU B 232 -21.17 16.19 -27.52
N PRO B 233 -21.23 17.07 -28.53
CA PRO B 233 -21.83 18.41 -28.37
C PRO B 233 -23.18 18.39 -27.67
N GLU B 234 -24.03 17.41 -28.01
CA GLU B 234 -25.38 17.29 -27.43
C GLU B 234 -25.36 17.35 -25.91
N LEU B 235 -24.30 16.79 -25.33
CA LEU B 235 -24.12 16.76 -23.87
C LEU B 235 -23.30 17.94 -23.32
N ASN B 236 -23.18 19.02 -24.09
CA ASN B 236 -22.44 20.19 -23.62
C ASN B 236 -23.16 20.86 -22.46
N GLY B 237 -22.46 21.04 -21.34
CA GLY B 237 -23.04 21.62 -20.13
C GLY B 237 -23.88 20.67 -19.31
N LYS B 238 -23.91 19.40 -19.68
CA LYS B 238 -24.77 18.40 -19.04
C LYS B 238 -24.00 17.40 -18.18
N LEU B 239 -22.67 17.51 -18.17
CA LEU B 239 -21.80 16.58 -17.45
C LEU B 239 -20.62 17.27 -16.81
N THR B 240 -20.29 16.86 -15.60
CA THR B 240 -18.97 17.16 -15.03
C THR B 240 -18.63 16.15 -13.95
N GLY B 241 -17.54 16.38 -13.22
CA GLY B 241 -17.13 15.46 -12.18
C GLY B 241 -15.87 15.84 -11.42
N VAL B 242 -15.43 14.92 -10.58
CA VAL B 242 -14.24 15.10 -9.74
C VAL B 242 -13.52 13.78 -9.67
N ALA B 243 -12.34 13.78 -9.06
CA ALA B 243 -11.55 12.57 -8.95
C ALA B 243 -11.05 12.37 -7.52
N PHE B 244 -10.95 11.10 -7.11
CA PHE B 244 -10.20 10.72 -5.92
C PHE B 244 -9.04 9.81 -6.32
N ARG B 245 -7.82 10.26 -6.05
CA ARG B 245 -6.62 9.48 -6.33
C ARG B 245 -6.41 8.53 -5.16
N VAL B 246 -6.13 7.26 -5.46
CA VAL B 246 -5.88 6.25 -4.42
C VAL B 246 -4.64 5.42 -4.74
N PRO B 247 -3.98 4.87 -3.70
CA PRO B 247 -2.72 4.09 -3.85
C PRO B 247 -2.88 2.74 -4.56
N ILE B 248 -2.95 2.80 -5.89
CA ILE B 248 -3.23 1.66 -6.76
C ILE B 248 -2.34 1.77 -8.01
N GLY B 249 -1.73 0.67 -8.43
CA GLY B 249 -0.78 0.69 -9.54
C GLY B 249 -1.41 1.18 -10.84
N THR B 250 -2.38 0.42 -11.33
CA THR B 250 -3.19 0.85 -12.46
C THR B 250 -4.59 0.28 -12.33
N VAL B 251 -5.47 0.82 -13.17
CA VAL B 251 -6.92 0.60 -13.17
C VAL B 251 -7.65 1.63 -12.32
N SER B 252 -8.57 2.33 -12.98
CA SER B 252 -9.44 3.32 -12.38
C SER B 252 -10.90 2.93 -12.70
N VAL B 253 -11.84 3.61 -12.07
CA VAL B 253 -13.26 3.32 -12.27
C VAL B 253 -14.05 4.60 -12.28
N VAL B 254 -14.99 4.68 -13.21
CA VAL B 254 -15.90 5.81 -13.31
C VAL B 254 -17.23 5.43 -12.70
N ASP B 255 -17.83 6.40 -12.03
CA ASP B 255 -19.11 6.24 -11.36
C ASP B 255 -19.97 7.44 -11.78
N LEU B 256 -20.87 7.18 -12.74
CA LEU B 256 -21.71 8.23 -13.31
C LEU B 256 -23.10 8.19 -12.70
N VAL B 257 -23.49 9.29 -12.07
CA VAL B 257 -24.84 9.50 -11.60
C VAL B 257 -25.51 10.40 -12.62
N CYS B 258 -26.56 9.90 -13.28
CA CYS B 258 -27.22 10.69 -14.32
C CYS B 258 -28.74 10.52 -14.29
N ARG B 259 -29.42 11.58 -14.74
CA ARG B 259 -30.86 11.62 -14.81
C ARG B 259 -31.22 11.40 -16.27
N LEU B 260 -32.22 10.55 -16.54
CA LEU B 260 -32.59 10.19 -17.91
C LEU B 260 -33.96 10.77 -18.33
N GLN B 261 -34.04 11.18 -19.60
CA GLN B 261 -35.26 11.75 -20.18
C GLN B 261 -36.37 10.69 -20.29
N LYS B 262 -36.09 9.59 -20.99
CA LYS B 262 -37.05 8.50 -21.12
C LYS B 262 -36.86 7.54 -19.94
N PRO B 263 -37.95 7.20 -19.23
CA PRO B 263 -37.82 6.29 -18.09
C PRO B 263 -37.40 4.88 -18.51
N ALA B 264 -36.85 4.12 -17.55
CA ALA B 264 -36.29 2.80 -17.84
C ALA B 264 -36.01 2.04 -16.56
N LYS B 265 -36.06 0.72 -16.62
CA LYS B 265 -35.52 -0.10 -15.54
C LYS B 265 -34.01 -0.25 -15.75
N TYR B 266 -33.30 -0.66 -14.69
CA TYR B 266 -31.86 -0.85 -14.77
C TYR B 266 -31.51 -1.99 -15.72
N GLU B 267 -32.35 -3.01 -15.74
CA GLU B 267 -32.21 -4.14 -16.64
C GLU B 267 -32.12 -3.68 -18.10
N GLU B 268 -33.00 -2.75 -18.49
CA GLU B 268 -33.03 -2.22 -19.86
C GLU B 268 -31.78 -1.42 -20.19
N VAL B 269 -31.31 -0.63 -19.24
CA VAL B 269 -30.10 0.16 -19.44
C VAL B 269 -28.91 -0.78 -19.72
N ALA B 270 -28.76 -1.79 -18.88
CA ALA B 270 -27.68 -2.77 -19.00
C ALA B 270 -27.70 -3.50 -20.36
N LEU B 271 -28.89 -3.88 -20.82
CA LEU B 271 -28.99 -4.58 -22.09
C LEU B 271 -28.59 -3.69 -23.26
N GLU B 272 -28.91 -2.40 -23.17
CA GLU B 272 -28.53 -1.44 -24.19
C GLU B 272 -27.00 -1.30 -24.27
N ILE B 273 -26.37 -1.24 -23.10
CA ILE B 273 -24.90 -1.18 -23.01
C ILE B 273 -24.29 -2.48 -23.53
N LYS B 274 -24.91 -3.61 -23.20
CA LYS B 274 -24.51 -4.91 -23.76
C LYS B 274 -24.60 -4.92 -25.29
N LYS B 275 -25.68 -4.36 -25.83
CA LYS B 275 -25.85 -4.30 -27.28
C LYS B 275 -24.69 -3.56 -27.96
N ALA B 276 -24.25 -2.44 -27.38
CA ALA B 276 -23.22 -1.62 -28.00
C ALA B 276 -21.84 -2.28 -27.90
N ALA B 277 -21.54 -2.81 -26.72
CA ALA B 277 -20.28 -3.50 -26.46
C ALA B 277 -20.09 -4.74 -27.32
N GLU B 278 -21.19 -5.35 -27.75
CA GLU B 278 -21.12 -6.56 -28.56
C GLU B 278 -21.27 -6.25 -30.05
N GLY B 279 -21.77 -5.07 -30.37
CA GLY B 279 -21.97 -4.67 -31.75
C GLY B 279 -21.09 -3.50 -32.14
N PRO B 280 -21.68 -2.30 -32.26
CA PRO B 280 -20.99 -1.12 -32.81
C PRO B 280 -19.86 -0.50 -31.95
N LEU B 281 -19.60 -1.03 -30.75
CA LEU B 281 -18.48 -0.54 -29.94
C LEU B 281 -17.52 -1.65 -29.46
N LYS B 282 -17.57 -2.80 -30.13
CA LYS B 282 -16.67 -3.91 -29.83
C LYS B 282 -15.22 -3.42 -29.84
N GLY B 283 -14.47 -3.78 -28.79
CA GLY B 283 -13.09 -3.33 -28.63
C GLY B 283 -12.90 -2.02 -27.88
N ILE B 284 -13.93 -1.18 -27.84
CA ILE B 284 -13.88 0.12 -27.16
C ILE B 284 -14.61 0.05 -25.82
N LEU B 285 -15.87 -0.39 -25.90
CA LEU B 285 -16.74 -0.52 -24.74
C LEU B 285 -16.95 -1.99 -24.46
N GLY B 286 -16.87 -2.35 -23.18
CA GLY B 286 -17.05 -3.73 -22.74
C GLY B 286 -18.17 -3.87 -21.74
N TYR B 287 -18.62 -5.10 -21.53
CA TYR B 287 -19.72 -5.43 -20.65
C TYR B 287 -19.40 -6.66 -19.84
N THR B 288 -19.42 -6.56 -18.52
CA THR B 288 -19.27 -7.73 -17.64
C THR B 288 -20.40 -7.75 -16.61
N GLU B 289 -20.81 -8.95 -16.21
CA GLU B 289 -21.70 -9.15 -15.06
C GLU B 289 -20.97 -9.86 -13.92
N ASP B 290 -19.65 -9.98 -14.01
CA ASP B 290 -18.88 -10.71 -13.00
C ASP B 290 -18.58 -9.83 -11.80
N GLU B 291 -18.23 -10.46 -10.69
CA GLU B 291 -17.89 -9.76 -9.45
C GLU B 291 -16.43 -9.29 -9.50
N VAL B 292 -16.15 -8.41 -10.45
CA VAL B 292 -14.79 -7.98 -10.75
C VAL B 292 -14.25 -6.97 -9.76
N VAL B 293 -12.94 -6.91 -9.61
CA VAL B 293 -12.29 -5.84 -8.87
C VAL B 293 -11.24 -5.23 -9.78
N SER B 294 -10.49 -4.23 -9.31
CA SER B 294 -9.63 -3.46 -10.21
C SER B 294 -8.52 -4.30 -10.88
N GLN B 295 -7.87 -5.18 -10.13
CA GLN B 295 -6.75 -5.91 -10.70
C GLN B 295 -7.16 -6.79 -11.88
N ASP B 296 -8.46 -7.11 -11.97
CA ASP B 296 -9.00 -7.87 -13.11
C ASP B 296 -8.94 -7.16 -14.45
N PHE B 297 -8.68 -5.85 -14.45
CA PHE B 297 -8.59 -5.09 -15.70
C PHE B 297 -7.16 -4.60 -16.00
N VAL B 298 -6.19 -5.07 -15.22
CA VAL B 298 -4.79 -4.81 -15.53
C VAL B 298 -4.52 -5.36 -16.92
N HIS B 299 -3.99 -4.53 -17.80
CA HIS B 299 -3.66 -4.91 -19.19
C HIS B 299 -4.90 -5.23 -20.06
N ASP B 300 -6.05 -4.67 -19.70
CA ASP B 300 -7.24 -4.77 -20.52
C ASP B 300 -7.21 -3.61 -21.50
N ASN B 301 -7.25 -3.91 -22.81
CA ASN B 301 -7.07 -2.88 -23.87
C ASN B 301 -8.29 -2.03 -24.22
N ARG B 302 -9.44 -2.36 -23.65
CA ARG B 302 -10.67 -1.59 -23.87
C ARG B 302 -10.61 -0.25 -23.15
N SER B 303 -11.48 0.68 -23.54
CA SER B 303 -11.51 2.01 -22.94
C SER B 303 -12.44 2.09 -21.74
N SER B 304 -13.43 1.21 -21.70
CA SER B 304 -14.53 1.28 -20.76
C SER B 304 -15.15 -0.11 -20.61
N ILE B 305 -15.22 -0.64 -19.40
CA ILE B 305 -15.90 -1.91 -19.19
C ILE B 305 -17.01 -1.74 -18.17
N PHE B 306 -18.25 -1.75 -18.66
CA PHE B 306 -19.41 -1.58 -17.81
C PHE B 306 -19.56 -2.76 -16.84
N ASP B 307 -19.63 -2.41 -15.55
CA ASP B 307 -19.79 -3.36 -14.47
C ASP B 307 -21.25 -3.28 -14.02
N MET B 308 -22.04 -4.25 -14.49
CA MET B 308 -23.49 -4.26 -14.31
C MET B 308 -23.89 -4.26 -12.84
N LYS B 309 -23.20 -5.07 -12.03
CA LYS B 309 -23.61 -5.34 -10.66
C LYS B 309 -23.13 -4.32 -9.63
N ALA B 310 -22.16 -3.49 -10.01
CA ALA B 310 -21.66 -2.48 -9.12
C ALA B 310 -22.64 -1.31 -9.07
N GLY B 311 -23.29 -1.01 -10.20
CA GLY B 311 -24.20 0.13 -10.26
C GLY B 311 -25.59 -0.24 -9.80
N LEU B 312 -26.48 0.74 -9.80
CA LEU B 312 -27.88 0.47 -9.48
C LEU B 312 -28.75 1.66 -9.90
N ALA B 313 -30.06 1.53 -9.68
CA ALA B 313 -31.01 2.60 -9.98
C ALA B 313 -31.73 3.02 -8.71
N LEU B 314 -31.91 4.33 -8.53
CA LEU B 314 -32.78 4.83 -7.46
C LEU B 314 -34.24 4.74 -7.89
N ASN B 315 -34.51 5.14 -9.12
CA ASN B 315 -35.87 5.10 -9.66
C ASN B 315 -35.78 5.02 -11.18
N ASP B 316 -36.92 5.13 -11.85
CA ASP B 316 -36.99 4.99 -13.31
C ASP B 316 -36.11 5.98 -14.10
N ASN B 317 -35.67 7.06 -13.46
CA ASN B 317 -34.95 8.14 -14.16
C ASN B 317 -33.61 8.55 -13.56
N PHE B 318 -33.19 7.89 -12.48
CA PHE B 318 -31.97 8.25 -11.76
C PHE B 318 -31.12 7.00 -11.54
N PHE B 319 -29.94 6.97 -12.18
CA PHE B 319 -29.07 5.79 -12.21
C PHE B 319 -27.65 6.10 -11.78
N LYS B 320 -27.00 5.12 -11.15
CA LYS B 320 -25.55 5.13 -10.98
C LYS B 320 -24.97 4.06 -11.89
N LEU B 321 -24.07 4.46 -12.78
CA LEU B 321 -23.48 3.52 -13.75
C LEU B 321 -21.97 3.48 -13.59
N VAL B 322 -21.44 2.27 -13.48
CA VAL B 322 -20.06 2.05 -13.06
C VAL B 322 -19.27 1.42 -14.19
N SER B 323 -18.10 1.98 -14.49
CA SER B 323 -17.28 1.48 -15.59
C SER B 323 -15.78 1.48 -15.27
N TRP B 324 -15.12 0.39 -15.60
CA TRP B 324 -13.69 0.25 -15.33
C TRP B 324 -12.82 0.70 -16.51
N TYR B 325 -11.57 1.02 -16.23
CA TYR B 325 -10.59 1.27 -17.28
C TYR B 325 -9.15 1.20 -16.76
N ASP B 326 -8.30 0.55 -17.56
CA ASP B 326 -6.87 0.58 -17.31
C ASP B 326 -6.40 1.89 -17.94
N ASN B 327 -6.22 2.88 -17.07
CA ASN B 327 -5.82 4.21 -17.48
C ASN B 327 -4.57 4.23 -18.35
N GLU B 328 -3.65 3.31 -18.08
CA GLU B 328 -2.40 3.22 -18.86
C GLU B 328 -2.57 2.44 -20.17
N TRP B 329 -3.09 1.22 -20.10
CA TRP B 329 -3.08 0.32 -21.26
C TRP B 329 -4.17 0.67 -22.27
N GLY B 330 -5.39 0.82 -21.79
CA GLY B 330 -6.52 1.17 -22.65
C GLY B 330 -6.21 2.38 -23.49
N TYR B 331 -5.84 3.46 -22.79
CA TYR B 331 -5.51 4.73 -23.43
C TYR B 331 -4.38 4.59 -24.43
N SER B 332 -3.31 3.91 -24.05
CA SER B 332 -2.15 3.72 -24.93
C SER B 332 -2.51 3.03 -26.25
N ASN B 333 -3.45 2.09 -26.21
CA ASN B 333 -3.96 1.47 -27.44
C ASN B 333 -4.79 2.43 -28.31
N ARG B 334 -5.52 3.34 -27.67
CA ARG B 334 -6.30 4.34 -28.39
C ARG B 334 -5.41 5.37 -29.11
N VAL B 335 -4.26 5.69 -28.53
CA VAL B 335 -3.32 6.58 -29.20
C VAL B 335 -2.89 5.99 -30.55
N LEU B 336 -2.62 4.68 -30.56
CA LEU B 336 -2.20 3.99 -31.76
C LEU B 336 -3.31 3.92 -32.80
N ASP B 337 -4.53 3.62 -32.35
CA ASP B 337 -5.69 3.58 -33.23
C ASP B 337 -5.91 4.92 -33.94
N LEU B 338 -5.82 6.00 -33.16
CA LEU B 338 -5.98 7.35 -33.69
C LEU B 338 -4.83 7.72 -34.61
N ALA B 339 -3.60 7.38 -34.22
CA ALA B 339 -2.41 7.66 -35.02
C ALA B 339 -2.51 7.02 -36.40
N VAL B 340 -3.04 5.81 -36.47
CA VAL B 340 -3.28 5.15 -37.76
C VAL B 340 -4.39 5.87 -38.53
N HIS B 341 -5.45 6.26 -37.81
CA HIS B 341 -6.61 6.88 -38.45
C HIS B 341 -6.30 8.21 -39.12
N ILE B 342 -5.65 9.11 -38.39
CA ILE B 342 -5.32 10.44 -38.94
C ILE B 342 -4.32 10.39 -40.10
N THR B 343 -3.50 9.34 -40.15
CA THR B 343 -2.49 9.20 -41.20
C THR B 343 -3.12 8.57 -42.44
N THR B 344 -4.04 7.62 -42.23
CA THR B 344 -4.76 6.96 -43.32
C THR B 344 -6.04 7.72 -43.64
N THR C 12 19.07 29.12 22.12
CA THR C 12 19.76 28.61 20.90
C THR C 12 18.91 28.83 19.64
N LYS C 13 19.38 29.70 18.75
CA LYS C 13 18.59 30.08 17.58
C LYS C 13 18.98 29.24 16.37
N LEU C 14 18.01 28.49 15.84
CA LEU C 14 18.22 27.62 14.68
C LEU C 14 17.66 28.21 13.39
N GLY C 15 18.37 27.99 12.29
CA GLY C 15 17.87 28.32 10.95
C GLY C 15 17.72 27.03 10.18
N ILE C 16 16.76 26.97 9.25
CA ILE C 16 16.55 25.76 8.46
C ILE C 16 16.60 26.04 6.96
N ASN C 17 17.50 25.35 6.26
CA ASN C 17 17.62 25.44 4.81
C ASN C 17 17.06 24.17 4.19
N GLY C 18 15.99 24.33 3.40
CA GLY C 18 15.28 23.19 2.86
C GLY C 18 14.21 22.75 3.84
N PHE C 19 12.97 23.06 3.50
CA PHE C 19 11.83 22.83 4.38
C PHE C 19 11.05 21.59 3.92
N GLY C 20 11.74 20.45 3.86
CA GLY C 20 11.18 19.19 3.38
C GLY C 20 10.81 18.29 4.54
N ARG C 21 10.84 16.98 4.33
CA ARG C 21 10.46 16.08 5.41
C ARG C 21 11.30 16.36 6.63
N ILE C 22 12.62 16.37 6.48
CA ILE C 22 13.50 16.59 7.63
C ILE C 22 13.46 18.05 8.10
N GLY C 23 13.50 18.98 7.15
CA GLY C 23 13.33 20.40 7.47
C GLY C 23 12.12 20.69 8.35
N ARG C 24 10.94 20.28 7.90
CA ARG C 24 9.71 20.55 8.64
C ARG C 24 9.62 19.81 9.95
N LEU C 25 10.24 18.64 10.04
CA LEU C 25 10.14 17.82 11.24
C LEU C 25 11.11 18.27 12.32
N VAL C 26 12.28 18.76 11.91
CA VAL C 26 13.16 19.48 12.81
C VAL C 26 12.37 20.66 13.39
N PHE C 27 11.76 21.45 12.51
CA PHE C 27 10.95 22.60 12.93
C PHE C 27 9.92 22.20 14.00
N ARG C 28 9.18 21.13 13.74
CA ARG C 28 8.15 20.66 14.68
C ARG C 28 8.73 20.16 15.99
N ALA C 29 9.81 19.41 15.91
CA ALA C 29 10.52 18.94 17.10
C ALA C 29 10.95 20.11 17.95
N ALA C 30 11.42 21.18 17.29
CA ALA C 30 11.93 22.35 17.99
C ALA C 30 10.84 23.14 18.69
N PHE C 31 9.64 23.15 18.12
CA PHE C 31 8.48 23.86 18.69
C PHE C 31 8.23 23.46 20.13
N GLY C 32 8.33 22.16 20.41
CA GLY C 32 8.18 21.66 21.78
C GLY C 32 9.25 22.15 22.73
N ARG C 33 10.51 21.93 22.36
CA ARG C 33 11.65 22.15 23.24
C ARG C 33 11.90 23.61 23.58
N LYS C 34 12.26 23.83 24.85
CA LYS C 34 12.43 25.16 25.39
C LYS C 34 13.89 25.64 25.35
N ASP C 35 14.80 24.83 24.81
CA ASP C 35 16.24 25.17 24.79
C ASP C 35 16.78 25.39 23.36
N ILE C 36 15.88 25.44 22.40
CA ILE C 36 16.23 25.67 21.01
C ILE C 36 14.98 26.18 20.30
N GLU C 37 15.17 27.07 19.33
CA GLU C 37 14.07 27.70 18.64
C GLU C 37 14.43 28.08 17.22
N VAL C 38 13.50 27.88 16.30
CA VAL C 38 13.71 28.22 14.90
C VAL C 38 13.37 29.69 14.67
N VAL C 39 14.33 30.46 14.20
CA VAL C 39 14.10 31.89 13.90
C VAL C 39 13.99 32.20 12.41
N ALA C 40 14.48 31.32 11.53
CA ALA C 40 14.45 31.61 10.09
C ALA C 40 14.40 30.35 9.22
N ILE C 41 13.70 30.44 8.09
CA ILE C 41 13.56 29.31 7.15
C ILE C 41 13.87 29.80 5.74
N ASN C 42 14.44 28.92 4.91
CA ASN C 42 14.70 29.23 3.50
C ASN C 42 14.37 28.03 2.62
N ASP C 43 13.52 28.23 1.62
CA ASP C 43 13.16 27.18 0.64
C ASP C 43 12.51 27.81 -0.61
N PRO C 44 13.24 27.85 -1.74
CA PRO C 44 12.79 28.60 -2.93
C PRO C 44 11.85 27.86 -3.88
N PHE C 45 11.47 26.63 -3.54
CA PHE C 45 10.51 25.82 -4.32
C PHE C 45 9.17 25.76 -3.58
N MET C 46 8.87 26.83 -2.85
CA MET C 46 7.77 26.83 -1.92
C MET C 46 7.35 28.28 -1.67
N ASP C 47 6.12 28.63 -2.06
CA ASP C 47 5.54 29.91 -1.72
C ASP C 47 5.01 29.84 -0.27
N LEU C 48 4.93 30.98 0.40
CA LEU C 48 4.61 31.04 1.82
C LEU C 48 3.27 30.38 2.16
N ASN C 49 2.23 30.68 1.39
CA ASN C 49 0.93 30.06 1.61
C ASN C 49 1.05 28.53 1.54
N HIS C 50 1.86 28.05 0.59
CA HIS C 50 2.08 26.62 0.38
C HIS C 50 2.91 25.99 1.51
N LEU C 51 3.86 26.77 2.04
CA LEU C 51 4.70 26.34 3.16
C LEU C 51 3.87 26.12 4.44
N CYS C 52 2.93 27.02 4.67
CA CYS C 52 2.01 26.89 5.81
C CYS C 52 1.18 25.63 5.70
N TYR C 53 0.72 25.33 4.49
CA TYR C 53 -0.07 24.14 4.21
C TYR C 53 0.71 22.87 4.52
N LEU C 54 1.91 22.76 3.94
CA LEU C 54 2.82 21.64 4.23
C LEU C 54 3.17 21.55 5.71
N LEU C 55 3.22 22.69 6.40
CA LEU C 55 3.52 22.67 7.83
C LEU C 55 2.30 22.26 8.67
N LYS C 56 1.11 22.74 8.29
CA LYS C 56 -0.11 22.49 9.08
C LYS C 56 -0.54 21.04 9.03
N TYR C 57 -0.41 20.41 7.87
CA TYR C 57 -0.86 19.04 7.69
C TYR C 57 0.31 18.11 7.49
N ASP C 58 0.31 16.98 8.19
CA ASP C 58 1.29 15.94 7.94
C ASP C 58 0.61 14.56 7.81
N SER C 59 0.98 13.82 6.78
CA SER C 59 0.39 12.52 6.52
C SER C 59 0.81 11.44 7.53
N VAL C 60 1.91 11.67 8.22
CA VAL C 60 2.49 10.70 9.14
C VAL C 60 2.32 11.12 10.60
N HIS C 61 2.73 12.35 10.91
CA HIS C 61 2.80 12.83 12.28
C HIS C 61 1.63 13.74 12.66
N GLY C 62 0.58 13.78 11.83
CA GLY C 62 -0.66 14.50 12.18
C GLY C 62 -0.56 16.01 12.09
N GLN C 63 -1.68 16.69 12.39
CA GLN C 63 -1.75 18.15 12.29
C GLN C 63 -0.72 18.82 13.20
N PHE C 64 -0.24 19.99 12.78
CA PHE C 64 0.69 20.73 13.60
C PHE C 64 -0.04 21.08 14.89
N PRO C 65 0.59 20.84 16.05
CA PRO C 65 -0.09 21.07 17.33
C PRO C 65 -0.23 22.55 17.68
N CYS C 66 -0.60 23.39 16.70
CA CYS C 66 -0.70 24.84 16.90
C CYS C 66 -1.14 25.55 15.62
N GLU C 67 -1.86 26.66 15.78
CA GLU C 67 -2.27 27.48 14.63
C GLU C 67 -1.06 27.98 13.82
N VAL C 68 -1.11 27.71 12.51
CA VAL C 68 -0.11 28.15 11.56
C VAL C 68 -0.76 29.11 10.58
N THR C 69 -0.27 30.34 10.52
CA THR C 69 -0.74 31.31 9.53
C THR C 69 0.47 32.04 8.98
N HIS C 70 0.24 33.08 8.19
CA HIS C 70 1.31 33.97 7.76
C HIS C 70 0.79 35.38 7.54
N ALA C 71 1.67 36.37 7.66
CA ALA C 71 1.29 37.76 7.41
C ALA C 71 2.52 38.61 7.21
N ASP C 72 2.49 39.47 6.19
CA ASP C 72 3.60 40.39 5.89
C ASP C 72 4.91 39.66 5.59
N GLY C 73 4.80 38.49 4.97
CA GLY C 73 5.97 37.67 4.62
C GLY C 73 6.57 36.81 5.74
N PHE C 74 5.89 36.76 6.89
CA PHE C 74 6.36 36.00 8.06
C PHE C 74 5.46 34.79 8.31
N LEU C 75 6.07 33.68 8.72
CA LEU C 75 5.33 32.52 9.23
C LEU C 75 4.92 32.83 10.67
N LEU C 76 3.63 32.61 10.98
CA LEU C 76 3.09 32.87 12.31
C LEU C 76 2.70 31.55 12.97
N ILE C 77 3.38 31.23 14.06
CA ILE C 77 3.03 30.10 14.91
C ILE C 77 2.45 30.70 16.20
N GLY C 78 1.13 30.66 16.32
CA GLY C 78 0.44 31.41 17.35
C GLY C 78 0.68 32.89 17.11
N GLU C 79 1.48 33.51 17.98
CA GLU C 79 1.87 34.91 17.79
C GLU C 79 3.36 35.08 17.47
N LYS C 80 4.10 33.97 17.37
CA LYS C 80 5.56 34.02 17.10
C LYS C 80 5.91 34.13 15.61
N LYS C 81 6.66 35.17 15.27
CA LYS C 81 7.08 35.43 13.89
C LYS C 81 8.37 34.68 13.55
N VAL C 82 8.33 33.88 12.48
CA VAL C 82 9.52 33.24 11.94
C VAL C 82 9.77 33.81 10.53
N SER C 83 11.01 34.21 10.26
CA SER C 83 11.36 34.79 8.96
C SER C 83 11.48 33.72 7.86
N VAL C 84 11.00 34.05 6.66
CA VAL C 84 10.97 33.11 5.55
C VAL C 84 11.62 33.72 4.32
N PHE C 85 12.62 33.03 3.78
CA PHE C 85 13.30 33.50 2.57
C PHE C 85 13.16 32.47 1.46
N ALA C 86 13.55 32.87 0.25
CA ALA C 86 13.46 32.01 -0.93
C ALA C 86 14.69 32.21 -1.82
N GLU C 87 15.87 31.94 -1.26
CA GLU C 87 17.16 32.14 -1.92
C GLU C 87 17.78 30.84 -2.40
N LYS C 88 18.48 30.89 -3.53
CA LYS C 88 19.23 29.72 -4.05
C LYS C 88 20.68 29.74 -3.62
N ASP C 89 21.21 30.92 -3.31
CA ASP C 89 22.58 31.08 -2.83
C ASP C 89 22.54 31.38 -1.32
N PRO C 90 22.84 30.37 -0.48
CA PRO C 90 22.83 30.54 0.99
C PRO C 90 23.64 31.71 1.53
N SER C 91 24.63 32.16 0.76
CA SER C 91 25.38 33.36 1.11
C SER C 91 24.45 34.56 1.30
N GLN C 92 23.39 34.61 0.50
CA GLN C 92 22.48 35.74 0.50
C GLN C 92 21.44 35.67 1.63
N ILE C 93 21.12 34.48 2.11
CA ILE C 93 20.18 34.33 3.24
C ILE C 93 20.76 35.06 4.45
N PRO C 94 19.99 36.01 5.02
CA PRO C 94 20.52 36.83 6.11
C PRO C 94 20.43 36.14 7.48
N TRP C 95 21.19 35.07 7.66
CA TRP C 95 21.23 34.35 8.92
C TRP C 95 21.73 35.23 10.07
N GLY C 96 22.76 36.03 9.77
CA GLY C 96 23.39 36.90 10.76
C GLY C 96 22.42 37.92 11.32
N LYS C 97 21.59 38.47 10.44
CA LYS C 97 20.53 39.41 10.85
C LYS C 97 19.59 38.77 11.90
N CYS C 98 19.27 37.50 11.72
CA CYS C 98 18.40 36.78 12.66
C CYS C 98 19.16 36.17 13.84
N GLN C 99 20.44 36.53 14.00
CA GLN C 99 21.26 36.03 15.09
C GLN C 99 21.25 34.50 15.19
N VAL C 100 21.37 33.84 14.04
CA VAL C 100 21.34 32.38 13.98
C VAL C 100 22.64 31.74 14.46
N ASP C 101 22.51 30.84 15.44
CA ASP C 101 23.64 30.12 15.99
C ASP C 101 23.97 28.91 15.10
N VAL C 102 22.94 28.22 14.65
CA VAL C 102 23.11 27.02 13.81
C VAL C 102 22.13 26.98 12.65
N VAL C 103 22.61 26.57 11.48
CA VAL C 103 21.74 26.34 10.33
C VAL C 103 21.63 24.84 10.13
N CYS C 104 20.40 24.36 10.05
CA CYS C 104 20.12 22.97 9.68
C CYS C 104 20.06 22.85 8.16
N GLU C 105 21.06 22.20 7.58
CA GLU C 105 21.20 22.13 6.13
C GLU C 105 20.52 20.87 5.62
N SER C 106 19.25 21.01 5.26
CA SER C 106 18.41 19.85 4.97
C SER C 106 17.80 19.91 3.56
N THR C 107 18.57 20.43 2.61
CA THR C 107 18.18 20.44 1.20
C THR C 107 18.61 19.15 0.51
N GLY C 108 19.77 18.62 0.93
CA GLY C 108 20.37 17.45 0.29
C GLY C 108 21.36 17.78 -0.82
N VAL C 109 21.63 19.07 -1.04
CA VAL C 109 22.50 19.51 -2.16
C VAL C 109 23.61 20.52 -1.77
N PHE C 110 23.90 20.63 -0.47
CA PHE C 110 25.04 21.43 0.01
C PHE C 110 25.85 20.61 1.01
N LEU C 111 26.35 19.46 0.56
CA LEU C 111 26.98 18.49 1.45
C LEU C 111 28.52 18.41 1.33
N THR C 112 29.13 19.52 0.93
CA THR C 112 30.60 19.68 0.99
C THR C 112 30.94 20.83 1.92
N LYS C 113 32.22 20.95 2.28
CA LYS C 113 32.66 22.11 3.06
C LYS C 113 32.47 23.39 2.25
N GLU C 114 32.86 23.35 0.98
CA GLU C 114 32.73 24.52 0.09
C GLU C 114 31.31 25.04 0.06
N LEU C 115 30.36 24.15 -0.19
CA LEU C 115 28.97 24.54 -0.38
C LEU C 115 28.35 25.04 0.92
N ALA C 116 28.33 24.20 1.94
CA ALA C 116 27.77 24.58 3.26
C ALA C 116 28.38 25.85 3.87
N SER C 117 29.62 26.17 3.53
CA SER C 117 30.29 27.34 4.13
C SER C 117 29.72 28.67 3.64
N SER C 118 28.87 28.64 2.61
CA SER C 118 28.14 29.83 2.18
C SER C 118 27.20 30.32 3.29
N HIS C 119 26.74 29.40 4.12
CA HIS C 119 25.93 29.75 5.29
C HIS C 119 26.70 30.59 6.31
N LEU C 120 28.00 30.34 6.42
CA LEU C 120 28.84 31.08 7.35
C LEU C 120 28.99 32.52 6.87
N LYS C 121 29.19 32.69 5.56
CA LYS C 121 29.28 34.02 4.96
C LYS C 121 27.96 34.78 5.00
N GLY C 122 26.85 34.05 5.06
CA GLY C 122 25.53 34.65 5.27
C GLY C 122 25.23 35.04 6.72
N GLY C 123 26.09 34.64 7.64
CA GLY C 123 26.00 35.07 9.04
C GLY C 123 25.67 33.97 10.05
N ALA C 124 25.43 32.75 9.57
CA ALA C 124 25.25 31.61 10.45
C ALA C 124 26.58 31.38 11.18
N LYS C 125 26.50 30.96 12.44
CA LYS C 125 27.72 30.74 13.23
C LYS C 125 28.29 29.36 12.91
N LYS C 126 27.43 28.35 12.89
CA LYS C 126 27.84 26.97 12.59
C LYS C 126 26.78 26.28 11.74
N VAL C 127 27.14 25.18 11.10
CA VAL C 127 26.22 24.45 10.22
C VAL C 127 26.22 22.97 10.52
N ILE C 128 25.02 22.38 10.57
CA ILE C 128 24.86 20.94 10.65
C ILE C 128 24.24 20.42 9.35
N MET C 129 24.91 19.47 8.71
CA MET C 129 24.35 18.79 7.54
C MET C 129 23.36 17.74 8.01
N SER C 130 22.14 17.76 7.47
CA SER C 130 21.14 16.77 7.81
C SER C 130 21.33 15.46 7.03
N ALA C 131 22.54 15.20 6.57
CA ALA C 131 22.84 14.02 5.78
C ALA C 131 24.32 13.69 5.86
N PRO C 132 24.72 12.49 5.41
CA PRO C 132 26.15 12.23 5.32
C PRO C 132 26.78 13.19 4.31
N PRO C 133 28.04 13.56 4.52
CA PRO C 133 28.66 14.50 3.63
C PRO C 133 29.29 13.81 2.43
N LYS C 134 29.38 14.52 1.32
CA LYS C 134 30.11 14.02 0.16
C LYS C 134 31.62 14.04 0.38
N ASP C 135 32.11 14.93 1.24
CA ASP C 135 33.55 15.10 1.48
C ASP C 135 33.97 14.59 2.87
N ASP C 136 35.10 15.08 3.40
CA ASP C 136 35.62 14.64 4.71
C ASP C 136 35.15 15.51 5.89
N THR C 137 33.92 16.02 5.78
CA THR C 137 33.33 16.84 6.83
C THR C 137 33.08 15.97 8.06
N PRO C 138 33.50 16.43 9.26
CA PRO C 138 33.37 15.63 10.49
C PRO C 138 31.93 15.20 10.79
N ILE C 139 31.78 13.95 11.22
CA ILE C 139 30.49 13.36 11.45
C ILE C 139 30.30 13.12 12.94
N TYR C 140 29.09 13.36 13.44
CA TYR C 140 28.79 13.12 14.85
C TYR C 140 27.45 12.43 15.04
N VAL C 141 27.40 11.58 16.07
CA VAL C 141 26.17 10.90 16.48
C VAL C 141 26.04 11.04 18.00
N MET C 142 24.93 11.61 18.43
CA MET C 142 24.68 11.87 19.85
C MET C 142 24.66 10.54 20.60
N GLY C 143 25.32 10.52 21.76
CA GLY C 143 25.52 9.30 22.54
C GLY C 143 26.77 8.54 22.22
N ILE C 144 27.31 8.71 21.01
CA ILE C 144 28.46 7.94 20.56
C ILE C 144 29.75 8.77 20.69
N ASN C 145 29.89 9.80 19.85
CA ASN C 145 31.14 10.56 19.77
C ASN C 145 30.96 12.08 19.88
N HIS C 146 29.79 12.52 20.32
CA HIS C 146 29.50 13.96 20.36
C HIS C 146 30.43 14.70 21.32
N HIS C 147 30.97 14.01 22.33
CA HIS C 147 31.94 14.63 23.24
C HIS C 147 33.29 14.92 22.57
N GLN C 148 33.60 14.23 21.47
CA GLN C 148 34.84 14.48 20.72
C GLN C 148 34.77 15.72 19.81
N TYR C 149 33.59 16.34 19.69
CA TYR C 149 33.45 17.61 18.96
C TYR C 149 34.08 18.76 19.74
N ASP C 150 34.88 19.57 19.06
CA ASP C 150 35.39 20.81 19.65
C ASP C 150 34.81 22.03 18.93
N THR C 151 34.66 23.12 19.67
CA THR C 151 33.92 24.30 19.21
C THR C 151 34.50 24.98 17.97
N LYS C 152 35.78 24.73 17.71
CA LYS C 152 36.46 25.26 16.53
C LYS C 152 35.81 24.78 15.23
N GLN C 153 35.23 23.58 15.23
CA GLN C 153 34.60 23.01 14.04
C GLN C 153 33.23 23.64 13.75
N LEU C 154 33.15 24.38 12.64
CA LEU C 154 31.97 25.18 12.31
C LEU C 154 30.96 24.41 11.47
N ILE C 155 31.43 23.46 10.68
CA ILE C 155 30.58 22.67 9.81
C ILE C 155 30.71 21.20 10.20
N VAL C 156 29.59 20.55 10.46
CA VAL C 156 29.55 19.13 10.86
C VAL C 156 28.37 18.40 10.22
N SER C 157 28.36 17.08 10.36
CA SER C 157 27.28 16.25 9.85
C SER C 157 26.69 15.44 10.99
N ASN C 158 25.38 15.18 10.89
CA ASN C 158 24.68 14.36 11.87
C ASN C 158 24.49 12.95 11.31
N ALA C 159 25.18 12.64 10.22
CA ALA C 159 25.09 11.34 9.54
C ALA C 159 23.67 11.09 9.01
N SER C 160 23.29 9.82 8.87
CA SER C 160 21.95 9.45 8.41
C SER C 160 21.14 8.83 9.54
N CYS C 161 19.87 8.59 9.28
CA CYS C 161 18.99 7.94 10.25
C CYS C 161 19.48 6.54 10.56
N THR C 162 19.86 5.80 9.53
CA THR C 162 20.40 4.45 9.70
C THR C 162 21.67 4.42 10.56
N THR C 163 22.61 5.32 10.30
CA THR C 163 23.86 5.38 11.05
C THR C 163 23.57 5.67 12.51
N ASN C 164 22.59 6.55 12.73
CA ASN C 164 22.12 6.86 14.09
C ASN C 164 21.46 5.66 14.80
N CYS C 165 20.86 4.75 14.02
CA CYS C 165 20.29 3.51 14.57
C CYS C 165 21.38 2.53 14.95
N LEU C 166 22.33 2.32 14.02
CA LEU C 166 23.32 1.26 14.15
C LEU C 166 24.40 1.56 15.20
N ALA C 167 24.92 2.79 15.17
CA ALA C 167 26.09 3.15 15.97
C ALA C 167 25.95 2.97 17.48
N PRO C 168 24.78 3.32 18.05
CA PRO C 168 24.53 3.00 19.46
C PRO C 168 24.55 1.50 19.73
N LEU C 169 23.82 0.76 18.90
CA LEU C 169 23.81 -0.70 18.97
C LEU C 169 25.22 -1.24 18.81
N ALA C 170 25.96 -0.71 17.83
CA ALA C 170 27.31 -1.16 17.54
C ALA C 170 28.27 -0.89 18.69
N LYS C 171 28.26 0.34 19.21
CA LYS C 171 29.16 0.74 20.30
C LYS C 171 29.04 -0.19 21.51
N VAL C 172 27.81 -0.47 21.92
CA VAL C 172 27.56 -1.28 23.11
C VAL C 172 28.03 -2.73 22.93
N ILE C 173 27.70 -3.32 21.78
CA ILE C 173 28.09 -4.70 21.51
C ILE C 173 29.61 -4.80 21.42
N ASN C 174 30.24 -3.80 20.81
CA ASN C 174 31.69 -3.80 20.63
C ASN C 174 32.44 -3.44 21.91
N ASP C 175 31.91 -2.49 22.67
CA ASP C 175 32.46 -2.13 23.98
C ASP C 175 32.64 -3.38 24.84
N ARG C 176 31.56 -4.14 24.98
CA ARG C 176 31.54 -5.26 25.92
C ARG C 176 32.10 -6.58 25.37
N PHE C 177 31.79 -6.90 24.12
CA PHE C 177 32.13 -8.21 23.53
C PHE C 177 33.23 -8.17 22.45
N GLY C 178 33.29 -7.06 21.71
CA GLY C 178 34.24 -6.91 20.61
C GLY C 178 33.69 -7.45 19.31
N ILE C 179 33.32 -6.56 18.38
CA ILE C 179 32.83 -6.97 17.07
C ILE C 179 34.02 -7.17 16.15
N VAL C 180 34.18 -8.38 15.63
CA VAL C 180 35.27 -8.69 14.69
C VAL C 180 34.85 -8.27 13.29
N GLU C 181 33.67 -8.71 12.89
CA GLU C 181 33.08 -8.35 11.62
C GLU C 181 31.57 -8.29 11.77
N GLY C 182 30.91 -7.65 10.82
CA GLY C 182 29.46 -7.57 10.81
C GLY C 182 28.91 -7.07 9.49
N LEU C 183 27.70 -7.53 9.16
CA LEU C 183 26.98 -7.08 7.98
C LEU C 183 25.54 -6.73 8.34
N MET C 184 25.02 -5.74 7.64
CA MET C 184 23.77 -5.09 8.02
C MET C 184 22.78 -5.01 6.86
N THR C 185 21.52 -5.25 7.17
CA THR C 185 20.43 -4.92 6.27
C THR C 185 19.51 -3.99 7.04
N THR C 186 19.15 -2.87 6.43
CA THR C 186 18.01 -2.10 6.89
C THR C 186 16.84 -2.29 5.93
N VAL C 187 15.66 -2.54 6.50
CA VAL C 187 14.41 -2.51 5.74
C VAL C 187 13.81 -1.12 5.97
N HIS C 188 13.80 -0.32 4.89
CA HIS C 188 13.68 1.12 5.01
C HIS C 188 12.36 1.68 4.49
N ALA C 189 11.77 2.59 5.28
CA ALA C 189 10.56 3.29 4.86
C ALA C 189 10.85 4.12 3.61
N SER C 190 9.79 4.57 2.95
CA SER C 190 9.94 5.30 1.70
C SER C 190 10.41 6.72 1.96
N THR C 191 11.16 7.26 1.01
CA THR C 191 11.77 8.58 1.13
C THR C 191 11.53 9.41 -0.15
N ALA C 192 11.80 10.71 -0.05
CA ALA C 192 11.46 11.66 -1.11
C ALA C 192 12.17 11.42 -2.45
N ASN C 193 13.29 10.69 -2.43
CA ASN C 193 14.03 10.39 -3.66
C ASN C 193 13.38 9.31 -4.55
N GLN C 194 12.27 8.73 -4.07
CA GLN C 194 11.58 7.67 -4.78
C GLN C 194 10.44 8.22 -5.63
N LEU C 195 9.97 7.41 -6.59
CA LEU C 195 8.86 7.78 -7.47
C LEU C 195 7.62 6.89 -7.27
N VAL C 196 6.45 7.47 -7.52
CA VAL C 196 5.16 6.77 -7.35
C VAL C 196 4.92 5.72 -8.44
N VAL C 197 5.44 5.99 -9.63
CA VAL C 197 5.39 5.05 -10.74
C VAL C 197 6.76 4.96 -11.40
N ASP C 198 7.02 3.85 -12.09
CA ASP C 198 8.32 3.63 -12.75
C ASP C 198 8.76 4.85 -13.56
N GLY C 199 9.89 5.44 -13.17
CA GLY C 199 10.47 6.57 -13.90
C GLY C 199 11.97 6.67 -13.67
N PRO C 200 12.60 7.70 -14.28
CA PRO C 200 14.03 7.91 -14.12
C PRO C 200 14.36 8.60 -12.82
N SER C 201 15.28 8.05 -12.05
CA SER C 201 15.77 8.69 -10.84
C SER C 201 16.63 9.91 -11.23
N LYS C 202 16.75 10.87 -10.31
CA LYS C 202 17.47 12.13 -10.58
C LYS C 202 18.95 11.89 -10.90
N GLY C 203 19.49 12.71 -11.80
CA GLY C 203 20.89 12.58 -12.23
C GLY C 203 21.25 11.24 -12.84
N GLY C 204 20.26 10.36 -12.98
CA GLY C 204 20.47 9.01 -13.48
C GLY C 204 21.18 8.05 -12.52
N LYS C 205 21.29 8.43 -11.25
CA LYS C 205 21.99 7.62 -10.26
C LYS C 205 20.99 6.72 -9.51
N ASP C 206 21.31 5.43 -9.41
CA ASP C 206 20.48 4.44 -8.70
C ASP C 206 19.14 4.21 -9.42
N TRP C 207 19.19 3.51 -10.54
CA TRP C 207 17.99 3.21 -11.34
C TRP C 207 16.87 2.55 -10.55
N ARG C 208 17.25 1.70 -9.59
CA ARG C 208 16.28 0.97 -8.77
C ARG C 208 15.33 1.86 -8.00
N ALA C 209 15.83 3.02 -7.55
CA ALA C 209 15.00 3.93 -6.73
C ALA C 209 13.91 4.64 -7.53
N GLY C 210 14.02 4.62 -8.87
CA GLY C 210 13.00 5.17 -9.74
C GLY C 210 11.85 4.23 -10.02
N ARG C 211 11.98 2.98 -9.56
CA ARG C 211 10.93 1.99 -9.76
C ARG C 211 9.82 2.25 -8.78
N CYS C 212 8.61 1.89 -9.17
CA CYS C 212 7.40 2.18 -8.43
C CYS C 212 7.58 1.84 -6.95
N ALA C 213 7.23 2.78 -6.07
CA ALA C 213 7.42 2.62 -4.63
C ALA C 213 6.25 1.90 -3.95
N LEU C 214 5.08 1.95 -4.57
CA LEU C 214 3.88 1.42 -3.95
C LEU C 214 3.89 -0.10 -3.85
N SER C 215 4.48 -0.75 -4.85
CA SER C 215 4.32 -2.19 -5.05
C SER C 215 5.61 -3.01 -5.00
N ASN C 216 6.73 -2.38 -4.63
CA ASN C 216 8.04 -3.01 -4.80
C ASN C 216 8.91 -3.09 -3.54
N ILE C 217 9.66 -4.18 -3.44
CA ILE C 217 10.83 -4.22 -2.57
C ILE C 217 12.00 -3.80 -3.46
N ILE C 218 12.70 -2.75 -3.05
CA ILE C 218 13.74 -2.13 -3.88
C ILE C 218 15.10 -2.18 -3.17
N PRO C 219 16.03 -3.03 -3.65
CA PRO C 219 17.35 -3.03 -3.07
C PRO C 219 18.04 -1.68 -3.24
N ALA C 220 18.77 -1.24 -2.22
CA ALA C 220 19.49 0.03 -2.29
C ALA C 220 20.85 -0.04 -1.59
N SER C 221 21.83 0.61 -2.20
CA SER C 221 23.11 0.79 -1.55
C SER C 221 22.97 1.75 -0.39
N THR C 222 23.89 1.63 0.57
CA THR C 222 23.97 2.54 1.70
C THR C 222 25.39 2.48 2.24
N GLY C 223 25.97 3.64 2.48
CA GLY C 223 27.26 3.73 3.17
C GLY C 223 27.11 3.78 4.69
N ALA C 224 25.87 3.85 5.16
CA ALA C 224 25.56 4.03 6.59
C ALA C 224 26.33 3.09 7.50
N ALA C 225 26.45 1.83 7.09
CA ALA C 225 27.17 0.83 7.88
C ALA C 225 28.70 1.02 7.82
N LYS C 226 29.20 1.45 6.67
CA LYS C 226 30.62 1.82 6.54
C LYS C 226 30.87 3.10 7.33
N ALA C 227 29.87 4.00 7.35
CA ALA C 227 29.98 5.29 8.04
C ALA C 227 30.11 5.16 9.56
N VAL C 228 29.74 4.00 10.10
CA VAL C 228 29.93 3.72 11.53
C VAL C 228 31.42 3.68 11.90
N GLY C 229 32.28 3.39 10.92
CA GLY C 229 33.73 3.45 11.11
C GLY C 229 34.25 4.85 11.42
N LYS C 230 33.68 5.87 10.78
CA LYS C 230 34.12 7.25 10.97
C LYS C 230 33.71 7.85 12.33
N VAL C 231 32.63 7.33 12.93
CA VAL C 231 32.21 7.75 14.27
C VAL C 231 32.79 6.86 15.37
N LEU C 232 33.21 5.67 15.00
CA LEU C 232 33.89 4.76 15.92
C LEU C 232 35.09 4.14 15.20
N PRO C 233 36.23 4.87 15.16
CA PRO C 233 37.44 4.42 14.49
C PRO C 233 37.76 2.94 14.67
N GLU C 234 37.49 2.39 15.85
CA GLU C 234 37.80 0.99 16.17
C GLU C 234 37.11 0.01 15.22
N LEU C 235 35.91 0.35 14.78
CA LEU C 235 35.12 -0.51 13.88
C LEU C 235 35.36 -0.23 12.39
N ASN C 236 36.32 0.66 12.10
CA ASN C 236 36.59 1.07 10.72
C ASN C 236 37.12 -0.11 9.89
N GLY C 237 36.33 -0.51 8.90
CA GLY C 237 36.66 -1.69 8.08
C GLY C 237 35.90 -2.94 8.48
N LYS C 238 35.35 -2.96 9.70
CA LYS C 238 34.70 -4.14 10.26
C LYS C 238 33.18 -4.18 10.08
N LEU C 239 32.62 -3.17 9.40
CA LEU C 239 31.17 -3.10 9.17
C LEU C 239 30.79 -2.55 7.80
N THR C 240 29.78 -3.16 7.19
CA THR C 240 29.10 -2.56 6.04
C THR C 240 27.68 -3.17 5.89
N GLY C 241 26.98 -2.84 4.80
CA GLY C 241 25.64 -3.37 4.60
C GLY C 241 24.87 -2.85 3.41
N VAL C 242 23.60 -3.25 3.32
CA VAL C 242 22.73 -2.86 2.21
C VAL C 242 21.34 -2.49 2.73
N ALA C 243 20.48 -2.04 1.83
CA ALA C 243 19.12 -1.66 2.20
C ALA C 243 18.06 -2.21 1.24
N PHE C 244 16.85 -2.33 1.77
CA PHE C 244 15.69 -2.67 0.97
C PHE C 244 14.59 -1.65 1.28
N ARG C 245 14.16 -0.91 0.26
CA ARG C 245 13.10 0.08 0.44
C ARG C 245 11.76 -0.61 0.25
N VAL C 246 10.82 -0.32 1.15
CA VAL C 246 9.49 -0.91 1.09
C VAL C 246 8.39 0.14 1.23
N PRO C 247 7.17 -0.17 0.75
CA PRO C 247 6.04 0.78 0.83
C PRO C 247 5.52 0.98 2.27
N ILE C 248 6.28 1.76 3.04
CA ILE C 248 5.98 2.07 4.43
C ILE C 248 6.17 3.58 4.60
N GLY C 249 5.25 4.22 5.31
CA GLY C 249 5.25 5.68 5.47
C GLY C 249 6.45 6.19 6.22
N THR C 250 6.64 5.68 7.43
CA THR C 250 7.85 5.92 8.20
C THR C 250 8.11 4.74 9.14
N VAL C 251 9.29 4.76 9.75
CA VAL C 251 9.84 3.68 10.58
C VAL C 251 10.57 2.63 9.74
N SER C 252 11.84 2.42 10.08
CA SER C 252 12.69 1.46 9.38
C SER C 252 13.29 0.57 10.46
N VAL C 253 13.97 -0.49 10.04
CA VAL C 253 14.56 -1.42 11.00
C VAL C 253 15.94 -1.85 10.52
N VAL C 254 16.89 -1.88 11.45
CA VAL C 254 18.23 -2.39 11.17
C VAL C 254 18.31 -3.83 11.65
N ASP C 255 19.01 -4.64 10.87
CA ASP C 255 19.20 -6.06 11.16
C ASP C 255 20.71 -6.38 11.03
N LEU C 256 21.38 -6.43 12.17
CA LEU C 256 22.83 -6.59 12.22
C LEU C 256 23.24 -8.03 12.51
N VAL C 257 23.80 -8.70 11.51
CA VAL C 257 24.51 -9.97 11.72
C VAL C 257 25.97 -9.63 12.02
N CYS C 258 26.52 -10.21 13.08
CA CYS C 258 27.91 -9.89 13.48
C CYS C 258 28.57 -10.99 14.34
N ARG C 259 29.90 -11.05 14.22
CA ARG C 259 30.73 -11.95 15.02
C ARG C 259 31.37 -11.23 16.19
N LEU C 260 31.47 -11.91 17.33
CA LEU C 260 32.08 -11.33 18.54
C LEU C 260 33.36 -12.07 18.95
N GLN C 261 34.29 -11.33 19.57
CA GLN C 261 35.55 -11.91 20.02
C GLN C 261 35.36 -12.75 21.27
N LYS C 262 34.79 -12.15 22.32
CA LYS C 262 34.45 -12.88 23.55
C LYS C 262 33.07 -13.52 23.39
N PRO C 263 32.93 -14.80 23.76
CA PRO C 263 31.64 -15.48 23.58
C PRO C 263 30.55 -14.98 24.54
N ALA C 264 29.29 -15.22 24.18
CA ALA C 264 28.15 -14.74 24.95
C ALA C 264 26.86 -15.48 24.60
N LYS C 265 25.90 -15.49 25.53
CA LYS C 265 24.55 -15.97 25.27
C LYS C 265 23.70 -14.81 24.79
N TYR C 266 22.60 -15.10 24.09
CA TYR C 266 21.72 -14.04 23.59
C TYR C 266 21.21 -13.17 24.74
N GLU C 267 20.78 -13.82 25.81
CA GLU C 267 20.30 -13.13 27.03
C GLU C 267 21.27 -12.06 27.52
N GLU C 268 22.55 -12.43 27.59
CA GLU C 268 23.58 -11.52 28.08
C GLU C 268 23.78 -10.34 27.16
N VAL C 269 23.87 -10.60 25.86
CA VAL C 269 23.94 -9.53 24.87
C VAL C 269 22.74 -8.61 25.07
N ALA C 270 21.55 -9.20 25.14
CA ALA C 270 20.30 -8.47 25.33
C ALA C 270 20.29 -7.63 26.62
N LEU C 271 20.83 -8.18 27.70
CA LEU C 271 20.86 -7.50 29.00
C LEU C 271 21.84 -6.32 28.99
N GLU C 272 22.92 -6.47 28.23
CA GLU C 272 23.91 -5.40 28.08
C GLU C 272 23.34 -4.19 27.35
N ILE C 273 22.47 -4.45 26.36
CA ILE C 273 21.73 -3.38 25.66
C ILE C 273 20.70 -2.75 26.59
N LYS C 274 20.02 -3.57 27.39
CA LYS C 274 19.06 -3.06 28.37
C LYS C 274 19.75 -2.15 29.37
N LYS C 275 20.95 -2.54 29.82
CA LYS C 275 21.74 -1.75 30.77
C LYS C 275 22.13 -0.40 30.20
N ALA C 276 22.50 -0.37 28.92
CA ALA C 276 22.85 0.87 28.24
C ALA C 276 21.64 1.76 28.00
N ALA C 277 20.53 1.17 27.58
CA ALA C 277 19.31 1.90 27.25
C ALA C 277 18.66 2.55 28.47
N GLU C 278 18.76 1.88 29.62
CA GLU C 278 18.25 2.43 30.88
C GLU C 278 19.30 3.22 31.64
N GLY C 279 20.54 3.23 31.14
CA GLY C 279 21.65 3.95 31.78
C GLY C 279 22.20 5.11 30.95
N PRO C 280 23.47 5.02 30.52
CA PRO C 280 24.15 6.15 29.88
C PRO C 280 23.60 6.55 28.51
N LEU C 281 23.03 5.61 27.77
CA LEU C 281 22.49 5.91 26.45
C LEU C 281 20.98 6.18 26.44
N LYS C 282 20.38 6.39 27.62
CA LYS C 282 18.94 6.64 27.72
C LYS C 282 18.53 7.87 26.90
N GLY C 283 17.51 7.68 26.06
CA GLY C 283 17.02 8.76 25.18
C GLY C 283 17.49 8.56 23.75
N ILE C 284 18.55 7.77 23.59
CA ILE C 284 19.16 7.53 22.28
C ILE C 284 18.91 6.08 21.87
N LEU C 285 19.32 5.15 22.73
CA LEU C 285 19.06 3.73 22.55
C LEU C 285 17.96 3.30 23.50
N GLY C 286 16.92 2.68 22.94
CA GLY C 286 15.83 2.10 23.74
C GLY C 286 15.92 0.59 23.71
N TYR C 287 15.03 -0.06 24.46
CA TYR C 287 14.99 -1.52 24.57
C TYR C 287 13.55 -1.97 24.75
N THR C 288 13.17 -3.05 24.07
CA THR C 288 11.87 -3.66 24.29
C THR C 288 11.89 -5.17 24.12
N GLU C 289 11.01 -5.86 24.83
CA GLU C 289 10.76 -7.28 24.64
C GLU C 289 9.32 -7.51 24.16
N ASP C 290 8.66 -6.44 23.74
CA ASP C 290 7.29 -6.53 23.25
C ASP C 290 7.30 -7.00 21.80
N GLU C 291 6.18 -7.55 21.37
CA GLU C 291 6.02 -8.06 20.03
C GLU C 291 5.57 -6.93 19.09
N VAL C 292 6.51 -6.02 18.86
CA VAL C 292 6.25 -4.76 18.16
C VAL C 292 6.29 -4.87 16.63
N VAL C 293 5.64 -3.92 15.98
CA VAL C 293 5.71 -3.78 14.53
C VAL C 293 6.04 -2.33 14.21
N SER C 294 6.34 -2.04 12.95
CA SER C 294 6.88 -0.72 12.57
C SER C 294 5.99 0.46 13.03
N GLN C 295 4.67 0.35 12.89
CA GLN C 295 3.76 1.47 13.29
C GLN C 295 3.80 1.84 14.78
N ASP C 296 4.40 0.99 15.61
CA ASP C 296 4.50 1.24 17.04
C ASP C 296 5.60 2.23 17.40
N PHE C 297 6.48 2.52 16.44
CA PHE C 297 7.55 3.50 16.64
C PHE C 297 7.36 4.77 15.80
N VAL C 298 6.17 4.92 15.21
CA VAL C 298 5.84 6.17 14.56
C VAL C 298 5.86 7.25 15.63
N HIS C 299 6.74 8.23 15.43
CA HIS C 299 6.87 9.40 16.30
C HIS C 299 7.60 9.08 17.58
N ASP C 300 8.39 8.00 17.57
CA ASP C 300 9.30 7.68 18.67
C ASP C 300 10.59 8.46 18.41
N ASN C 301 11.05 9.20 19.42
CA ASN C 301 12.15 10.15 19.27
C ASN C 301 13.54 9.58 19.57
N ARG C 302 13.61 8.28 19.87
CA ARG C 302 14.89 7.64 20.13
C ARG C 302 15.58 7.31 18.81
N SER C 303 16.91 7.23 18.84
CA SER C 303 17.68 6.92 17.64
C SER C 303 17.55 5.47 17.24
N SER C 304 17.39 4.59 18.23
CA SER C 304 17.48 3.14 18.02
C SER C 304 16.70 2.44 19.12
N ILE C 305 15.81 1.52 18.76
CA ILE C 305 15.13 0.72 19.78
C ILE C 305 15.30 -0.77 19.51
N PHE C 306 16.09 -1.42 20.37
CA PHE C 306 16.43 -2.82 20.23
C PHE C 306 15.22 -3.71 20.49
N ASP C 307 14.98 -4.64 19.55
CA ASP C 307 13.86 -5.58 19.61
C ASP C 307 14.40 -6.96 19.98
N MET C 308 14.20 -7.32 21.24
CA MET C 308 14.81 -8.50 21.84
C MET C 308 14.29 -9.82 21.25
N LYS C 309 12.97 -9.92 21.08
CA LYS C 309 12.37 -11.16 20.58
C LYS C 309 12.55 -11.38 19.07
N ALA C 310 12.87 -10.31 18.34
CA ALA C 310 13.00 -10.41 16.88
C ALA C 310 14.37 -10.94 16.44
N GLY C 311 15.37 -10.87 17.32
CA GLY C 311 16.71 -11.32 16.98
C GLY C 311 17.03 -12.65 17.61
N LEU C 312 18.22 -13.17 17.34
CA LEU C 312 18.60 -14.49 17.83
C LEU C 312 20.08 -14.76 17.66
N ALA C 313 20.54 -15.86 18.24
CA ALA C 313 21.90 -16.32 18.07
C ALA C 313 21.91 -17.64 17.30
N LEU C 314 22.96 -17.84 16.52
CA LEU C 314 23.22 -19.15 15.91
C LEU C 314 24.11 -19.94 16.86
N ASN C 315 25.18 -19.29 17.30
CA ASN C 315 26.10 -19.84 18.30
C ASN C 315 26.44 -18.75 19.31
N ASP C 316 27.43 -18.99 20.16
CA ASP C 316 27.81 -18.00 21.17
C ASP C 316 28.63 -16.83 20.61
N ASN C 317 29.00 -16.89 19.33
CA ASN C 317 29.81 -15.86 18.69
C ASN C 317 29.17 -15.21 17.46
N PHE C 318 27.92 -15.58 17.15
CA PHE C 318 27.28 -15.18 15.92
C PHE C 318 25.80 -14.85 16.16
N PHE C 319 25.46 -13.56 16.04
CA PHE C 319 24.16 -13.03 16.45
C PHE C 319 23.47 -12.21 15.37
N LYS C 320 22.15 -12.20 15.42
CA LYS C 320 21.33 -11.28 14.63
C LYS C 320 20.66 -10.33 15.61
N LEU C 321 20.99 -9.06 15.51
CA LEU C 321 20.46 -8.04 16.41
C LEU C 321 19.55 -7.09 15.63
N VAL C 322 18.34 -6.87 16.14
CA VAL C 322 17.32 -6.06 15.45
C VAL C 322 17.01 -4.77 16.22
N SER C 323 16.93 -3.65 15.50
CA SER C 323 16.65 -2.35 16.12
C SER C 323 15.81 -1.45 15.22
N TRP C 324 14.79 -0.83 15.79
CA TRP C 324 13.87 0.02 15.05
C TRP C 324 14.25 1.48 15.15
N TYR C 325 13.82 2.25 14.15
CA TYR C 325 13.95 3.70 14.20
C TYR C 325 12.94 4.39 13.31
N ASP C 326 12.21 5.37 13.86
CA ASP C 326 11.46 6.33 13.05
C ASP C 326 12.50 7.19 12.38
N ASN C 327 12.72 6.91 11.09
CA ASN C 327 13.81 7.55 10.36
C ASN C 327 13.63 9.04 10.17
N GLU C 328 12.42 9.54 10.41
CA GLU C 328 12.14 10.96 10.31
C GLU C 328 12.25 11.65 11.65
N TRP C 329 11.57 11.09 12.65
CA TRP C 329 11.39 11.76 13.92
C TRP C 329 12.63 11.66 14.82
N GLY C 330 13.21 10.47 14.89
CA GLY C 330 14.39 10.26 15.72
C GLY C 330 15.52 11.12 15.25
N TYR C 331 15.76 11.10 13.95
CA TYR C 331 16.84 11.84 13.35
C TYR C 331 16.68 13.36 13.54
N SER C 332 15.47 13.85 13.28
CA SER C 332 15.17 15.27 13.43
C SER C 332 15.46 15.77 14.83
N ASN C 333 15.08 14.99 15.83
CA ASN C 333 15.38 15.31 17.24
C ASN C 333 16.87 15.28 17.52
N ARG C 334 17.58 14.36 16.87
CA ARG C 334 19.03 14.30 16.98
C ARG C 334 19.67 15.57 16.44
N VAL C 335 19.19 16.05 15.30
CA VAL C 335 19.71 17.29 14.71
C VAL C 335 19.67 18.42 15.76
N LEU C 336 18.55 18.53 16.45
CA LEU C 336 18.37 19.55 17.46
C LEU C 336 19.37 19.38 18.61
N ASP C 337 19.52 18.14 19.10
CA ASP C 337 20.46 17.85 20.18
C ASP C 337 21.88 18.27 19.82
N LEU C 338 22.27 18.02 18.57
CA LEU C 338 23.61 18.39 18.11
C LEU C 338 23.74 19.91 18.07
N ALA C 339 22.75 20.57 17.48
CA ALA C 339 22.70 22.03 17.41
C ALA C 339 22.86 22.67 18.79
N VAL C 340 22.09 22.19 19.76
CA VAL C 340 22.22 22.66 21.13
C VAL C 340 23.62 22.39 21.67
N HIS C 341 24.11 21.18 21.43
CA HIS C 341 25.42 20.78 21.93
C HIS C 341 26.55 21.64 21.39
N ILE C 342 26.61 21.80 20.07
CA ILE C 342 27.72 22.55 19.45
C ILE C 342 27.71 24.05 19.76
N THR C 343 26.56 24.58 20.19
CA THR C 343 26.44 25.99 20.53
C THR C 343 26.82 26.28 21.98
N THR C 344 26.46 25.37 22.89
CA THR C 344 26.71 25.57 24.32
C THR C 344 28.17 25.30 24.68
N THR D 12 0.71 -38.39 -14.32
CA THR D 12 0.42 -38.29 -12.85
C THR D 12 -0.91 -37.56 -12.62
N LYS D 13 -1.83 -38.23 -11.90
CA LYS D 13 -3.15 -37.67 -11.62
C LYS D 13 -3.12 -37.00 -10.26
N LEU D 14 -3.22 -35.67 -10.25
CA LEU D 14 -3.06 -34.87 -9.04
C LEU D 14 -4.42 -34.51 -8.43
N GLY D 15 -4.48 -34.55 -7.10
CA GLY D 15 -5.60 -34.01 -6.35
C GLY D 15 -5.15 -32.79 -5.54
N ILE D 16 -6.07 -31.91 -5.22
CA ILE D 16 -5.75 -30.70 -4.48
C ILE D 16 -6.68 -30.51 -3.28
N ASN D 17 -6.13 -30.65 -2.07
CA ASN D 17 -6.87 -30.31 -0.86
C ASN D 17 -6.51 -28.91 -0.36
N GLY D 18 -7.48 -28.00 -0.36
CA GLY D 18 -7.23 -26.59 -0.08
C GLY D 18 -6.91 -25.85 -1.36
N PHE D 19 -7.89 -25.08 -1.85
CA PHE D 19 -7.80 -24.44 -3.16
C PHE D 19 -7.52 -22.95 -3.00
N GLY D 20 -6.43 -22.64 -2.30
CA GLY D 20 -6.05 -21.27 -1.98
C GLY D 20 -5.01 -20.71 -2.94
N ARG D 21 -4.09 -19.93 -2.41
CA ARG D 21 -3.07 -19.34 -3.25
C ARG D 21 -2.27 -20.44 -3.92
N ILE D 22 -1.71 -21.33 -3.10
CA ILE D 22 -0.91 -22.44 -3.62
C ILE D 22 -1.78 -23.43 -4.41
N GLY D 23 -2.87 -23.90 -3.82
CA GLY D 23 -3.83 -24.78 -4.52
C GLY D 23 -4.20 -24.32 -5.93
N ARG D 24 -4.69 -23.09 -6.06
CA ARG D 24 -5.15 -22.58 -7.35
C ARG D 24 -4.02 -22.40 -8.35
N LEU D 25 -2.85 -21.99 -7.88
CA LEU D 25 -1.70 -21.76 -8.78
C LEU D 25 -0.98 -23.07 -9.11
N VAL D 26 -1.11 -24.07 -8.25
CA VAL D 26 -0.72 -25.43 -8.59
C VAL D 26 -1.61 -25.93 -9.73
N PHE D 27 -2.93 -25.75 -9.59
CA PHE D 27 -3.88 -26.11 -10.65
C PHE D 27 -3.50 -25.47 -11.98
N ARG D 28 -3.12 -24.20 -11.88
CA ARG D 28 -2.82 -23.39 -13.04
C ARG D 28 -1.56 -23.85 -13.76
N ALA D 29 -0.50 -24.07 -13.00
CA ALA D 29 0.76 -24.55 -13.55
C ALA D 29 0.59 -25.89 -14.26
N ALA D 30 -0.26 -26.75 -13.69
CA ALA D 30 -0.55 -28.07 -14.26
C ALA D 30 -1.22 -27.97 -15.63
N PHE D 31 -2.07 -26.97 -15.79
CA PHE D 31 -2.79 -26.75 -17.05
C PHE D 31 -1.83 -26.64 -18.25
N GLY D 32 -0.63 -26.10 -18.02
CA GLY D 32 0.40 -25.99 -19.07
C GLY D 32 1.42 -27.13 -19.10
N ARG D 33 1.22 -28.14 -18.26
CA ARG D 33 2.12 -29.28 -18.15
C ARG D 33 1.42 -30.52 -18.69
N LYS D 34 2.14 -31.28 -19.51
CA LYS D 34 1.61 -32.51 -20.11
C LYS D 34 1.82 -33.70 -19.18
N ASP D 35 2.86 -33.65 -18.33
CA ASP D 35 3.21 -34.76 -17.45
C ASP D 35 2.39 -34.85 -16.16
N ILE D 36 1.46 -33.91 -15.98
CA ILE D 36 0.65 -33.85 -14.77
C ILE D 36 -0.70 -33.18 -15.05
N GLU D 37 -1.72 -33.69 -14.39
CA GLU D 37 -3.10 -33.30 -14.60
C GLU D 37 -3.85 -33.31 -13.25
N VAL D 38 -4.73 -32.33 -13.06
CA VAL D 38 -5.55 -32.26 -11.86
C VAL D 38 -6.90 -32.88 -12.14
N VAL D 39 -7.24 -33.93 -11.38
CA VAL D 39 -8.52 -34.63 -11.54
C VAL D 39 -9.55 -34.29 -10.46
N ALA D 40 -9.11 -33.75 -9.33
CA ALA D 40 -10.02 -33.50 -8.21
C ALA D 40 -9.54 -32.41 -7.26
N ILE D 41 -10.50 -31.63 -6.75
CA ILE D 41 -10.25 -30.53 -5.83
C ILE D 41 -11.18 -30.69 -4.62
N ASN D 42 -10.66 -30.44 -3.43
CA ASN D 42 -11.49 -30.37 -2.22
C ASN D 42 -11.24 -29.08 -1.46
N ASP D 43 -12.32 -28.35 -1.21
CA ASP D 43 -12.28 -27.16 -0.38
C ASP D 43 -13.71 -26.89 0.07
N PRO D 44 -14.01 -27.13 1.36
CA PRO D 44 -15.38 -26.96 1.88
C PRO D 44 -15.78 -25.51 2.18
N PHE D 45 -14.90 -24.53 1.94
CA PHE D 45 -15.17 -23.12 2.31
C PHE D 45 -15.49 -22.25 1.10
N MET D 46 -16.11 -22.87 0.11
CA MET D 46 -16.12 -22.34 -1.23
C MET D 46 -16.93 -23.34 -2.03
N ASP D 47 -18.13 -22.96 -2.45
CA ASP D 47 -18.95 -23.83 -3.31
C ASP D 47 -18.56 -23.62 -4.76
N LEU D 48 -19.17 -24.38 -5.65
CA LEU D 48 -18.70 -24.49 -7.02
C LEU D 48 -18.70 -23.16 -7.78
N ASN D 49 -19.80 -22.41 -7.68
CA ASN D 49 -19.89 -21.09 -8.31
C ASN D 49 -18.77 -20.16 -7.83
N HIS D 50 -18.45 -20.25 -6.54
CA HIS D 50 -17.44 -19.42 -5.88
C HIS D 50 -16.04 -19.87 -6.29
N LEU D 51 -15.84 -21.19 -6.36
CA LEU D 51 -14.55 -21.75 -6.79
C LEU D 51 -14.20 -21.35 -8.24
N CYS D 52 -15.21 -21.24 -9.10
CA CYS D 52 -14.95 -20.83 -10.50
C CYS D 52 -14.51 -19.37 -10.58
N TYR D 53 -15.10 -18.55 -9.72
CA TYR D 53 -14.75 -17.14 -9.65
C TYR D 53 -13.29 -16.98 -9.25
N LEU D 54 -12.88 -17.66 -8.17
CA LEU D 54 -11.51 -17.52 -7.66
C LEU D 54 -10.46 -18.06 -8.62
N LEU D 55 -10.78 -19.13 -9.33
CA LEU D 55 -9.88 -19.66 -10.34
C LEU D 55 -9.75 -18.71 -11.53
N LYS D 56 -10.88 -18.18 -11.99
CA LYS D 56 -10.90 -17.33 -13.17
C LYS D 56 -10.11 -16.05 -12.99
N TYR D 57 -10.33 -15.36 -11.88
CA TYR D 57 -9.69 -14.07 -11.63
C TYR D 57 -8.57 -14.21 -10.62
N ASP D 58 -7.47 -13.52 -10.85
CA ASP D 58 -6.39 -13.48 -9.86
C ASP D 58 -5.80 -12.08 -9.75
N SER D 59 -5.69 -11.59 -8.52
CA SER D 59 -5.26 -10.22 -8.29
C SER D 59 -3.76 -10.00 -8.58
N VAL D 60 -2.99 -11.08 -8.65
CA VAL D 60 -1.54 -11.01 -8.86
C VAL D 60 -1.13 -11.53 -10.23
N HIS D 61 -1.56 -12.75 -10.57
CA HIS D 61 -1.05 -13.45 -11.75
C HIS D 61 -1.94 -13.31 -12.99
N GLY D 62 -2.95 -12.44 -12.93
CA GLY D 62 -3.85 -12.24 -14.07
C GLY D 62 -4.93 -13.30 -14.17
N GLN D 63 -5.80 -13.17 -15.17
CA GLN D 63 -6.90 -14.10 -15.36
C GLN D 63 -6.39 -15.47 -15.76
N PHE D 64 -7.24 -16.47 -15.54
CA PHE D 64 -6.90 -17.82 -15.92
C PHE D 64 -6.84 -17.87 -17.45
N PRO D 65 -5.81 -18.53 -18.02
CA PRO D 65 -5.65 -18.44 -19.48
C PRO D 65 -6.56 -19.40 -20.23
N CYS D 66 -7.84 -19.44 -19.86
CA CYS D 66 -8.77 -20.44 -20.38
C CYS D 66 -10.18 -20.17 -19.88
N GLU D 67 -11.18 -20.61 -20.65
CA GLU D 67 -12.58 -20.55 -20.21
C GLU D 67 -12.80 -21.48 -19.02
N VAL D 68 -13.32 -20.92 -17.92
CA VAL D 68 -13.63 -21.67 -16.70
C VAL D 68 -15.14 -21.68 -16.50
N THR D 69 -15.75 -22.86 -16.49
CA THR D 69 -17.21 -23.01 -16.34
C THR D 69 -17.56 -24.19 -15.44
N HIS D 70 -18.84 -24.43 -15.20
CA HIS D 70 -19.27 -25.62 -14.46
C HIS D 70 -20.67 -26.14 -14.84
N ALA D 71 -20.81 -27.47 -14.80
CA ALA D 71 -22.06 -28.16 -15.12
C ALA D 71 -22.04 -29.52 -14.44
N ASP D 72 -23.19 -29.96 -13.93
CA ASP D 72 -23.33 -31.28 -13.32
C ASP D 72 -22.31 -31.56 -12.20
N GLY D 73 -22.01 -30.55 -11.39
CA GLY D 73 -21.09 -30.70 -10.26
C GLY D 73 -19.61 -30.81 -10.62
N PHE D 74 -19.28 -30.52 -11.87
CA PHE D 74 -17.90 -30.61 -12.35
C PHE D 74 -17.37 -29.23 -12.67
N LEU D 75 -16.10 -29.00 -12.34
CA LEU D 75 -15.38 -27.86 -12.89
C LEU D 75 -14.95 -28.24 -14.30
N LEU D 76 -15.26 -27.38 -15.27
CA LEU D 76 -14.89 -27.60 -16.67
C LEU D 76 -13.80 -26.62 -17.14
N ILE D 77 -12.62 -27.15 -17.47
CA ILE D 77 -11.57 -26.38 -18.13
C ILE D 77 -11.53 -26.81 -19.60
N GLY D 78 -12.36 -26.17 -20.41
CA GLY D 78 -12.52 -26.54 -21.81
C GLY D 78 -13.42 -27.75 -21.91
N GLU D 79 -12.87 -28.87 -22.39
CA GLU D 79 -13.59 -30.14 -22.43
C GLU D 79 -13.41 -30.95 -21.14
N LYS D 80 -12.34 -30.69 -20.40
CA LYS D 80 -11.94 -31.56 -19.30
C LYS D 80 -12.76 -31.30 -18.04
N LYS D 81 -13.33 -32.36 -17.48
CA LYS D 81 -14.13 -32.27 -16.25
C LYS D 81 -13.24 -32.53 -15.02
N VAL D 82 -13.41 -31.71 -13.97
CA VAL D 82 -12.67 -31.89 -12.73
C VAL D 82 -13.63 -32.01 -11.54
N SER D 83 -13.46 -33.07 -10.76
CA SER D 83 -14.33 -33.33 -9.62
C SER D 83 -14.07 -32.36 -8.47
N VAL D 84 -15.15 -31.93 -7.82
CA VAL D 84 -15.07 -30.93 -6.78
C VAL D 84 -15.83 -31.39 -5.55
N PHE D 85 -15.09 -31.66 -4.47
CA PHE D 85 -15.69 -32.09 -3.21
C PHE D 85 -15.67 -30.93 -2.23
N ALA D 86 -16.48 -31.03 -1.19
CA ALA D 86 -16.57 -29.98 -0.16
C ALA D 86 -16.53 -30.59 1.24
N GLU D 87 -15.35 -31.11 1.60
CA GLU D 87 -15.20 -32.04 2.70
C GLU D 87 -14.23 -31.51 3.75
N LYS D 88 -14.72 -31.27 4.96
CA LYS D 88 -13.89 -30.81 6.09
C LYS D 88 -12.97 -31.91 6.61
N ASP D 89 -13.46 -33.14 6.55
CA ASP D 89 -12.73 -34.31 7.04
C ASP D 89 -12.03 -34.98 5.84
N PRO D 90 -10.69 -34.83 5.74
CA PRO D 90 -9.98 -35.31 4.56
C PRO D 90 -10.09 -36.82 4.30
N SER D 91 -10.49 -37.60 5.31
CA SER D 91 -10.73 -39.04 5.13
C SER D 91 -12.01 -39.32 4.34
N GLN D 92 -12.89 -38.34 4.25
CA GLN D 92 -14.18 -38.50 3.56
C GLN D 92 -14.11 -38.15 2.06
N ILE D 93 -12.99 -37.59 1.61
CA ILE D 93 -12.82 -37.23 0.20
C ILE D 93 -12.56 -38.52 -0.56
N PRO D 94 -13.29 -38.77 -1.66
CA PRO D 94 -13.10 -40.01 -2.41
C PRO D 94 -12.04 -39.88 -3.52
N TRP D 95 -10.78 -39.65 -3.12
CA TRP D 95 -9.69 -39.51 -4.09
C TRP D 95 -9.55 -40.79 -4.93
N GLY D 96 -9.81 -41.93 -4.29
CA GLY D 96 -9.66 -43.24 -4.93
C GLY D 96 -10.53 -43.43 -6.16
N LYS D 97 -11.72 -42.83 -6.11
CA LYS D 97 -12.66 -42.87 -7.23
C LYS D 97 -12.17 -42.10 -8.47
N CYS D 98 -11.21 -41.19 -8.27
CA CYS D 98 -10.63 -40.39 -9.35
C CYS D 98 -9.22 -40.85 -9.71
N GLN D 99 -8.78 -41.97 -9.15
CA GLN D 99 -7.45 -42.51 -9.43
C GLN D 99 -6.32 -41.50 -9.15
N VAL D 100 -6.48 -40.72 -8.09
CA VAL D 100 -5.47 -39.74 -7.70
C VAL D 100 -4.19 -40.43 -7.25
N ASP D 101 -3.07 -40.04 -7.86
CA ASP D 101 -1.76 -40.55 -7.50
C ASP D 101 -1.19 -39.78 -6.32
N VAL D 102 -1.28 -38.45 -6.39
CA VAL D 102 -0.75 -37.56 -5.36
C VAL D 102 -1.76 -36.50 -4.95
N VAL D 103 -1.86 -36.26 -3.66
CA VAL D 103 -2.67 -35.17 -3.11
C VAL D 103 -1.77 -34.00 -2.72
N CYS D 104 -2.04 -32.83 -3.30
CA CYS D 104 -1.37 -31.61 -2.89
C CYS D 104 -2.09 -31.09 -1.65
N GLU D 105 -1.48 -31.31 -0.49
CA GLU D 105 -2.08 -30.93 0.79
C GLU D 105 -1.72 -29.47 1.14
N SER D 106 -2.56 -28.55 0.69
CA SER D 106 -2.29 -27.10 0.72
C SER D 106 -3.37 -26.31 1.45
N THR D 107 -3.75 -26.82 2.62
CA THR D 107 -4.75 -26.21 3.47
C THR D 107 -4.07 -25.47 4.62
N GLY D 108 -2.92 -25.99 5.04
CA GLY D 108 -2.15 -25.43 6.12
C GLY D 108 -2.52 -25.97 7.48
N VAL D 109 -3.43 -26.95 7.54
CA VAL D 109 -3.92 -27.49 8.80
C VAL D 109 -3.81 -29.02 8.92
N PHE D 110 -3.06 -29.64 8.01
CA PHE D 110 -2.82 -31.09 8.04
C PHE D 110 -1.34 -31.37 7.79
N LEU D 111 -0.49 -30.76 8.62
CA LEU D 111 0.95 -30.82 8.46
C LEU D 111 1.57 -31.87 9.39
N THR D 112 0.99 -33.06 9.37
CA THR D 112 1.42 -34.15 10.22
C THR D 112 1.17 -35.44 9.45
N LYS D 113 2.09 -36.38 9.59
CA LYS D 113 1.97 -37.69 8.94
C LYS D 113 0.58 -38.26 9.25
N GLU D 114 0.27 -38.33 10.53
CA GLU D 114 -1.02 -38.85 11.00
C GLU D 114 -2.24 -38.17 10.35
N LEU D 115 -2.19 -36.84 10.23
CA LEU D 115 -3.31 -36.08 9.67
C LEU D 115 -3.35 -36.24 8.15
N ALA D 116 -2.23 -35.98 7.50
CA ALA D 116 -2.14 -36.16 6.05
C ALA D 116 -2.49 -37.58 5.59
N SER D 117 -2.20 -38.58 6.42
CA SER D 117 -2.44 -39.98 6.06
C SER D 117 -3.91 -40.34 5.88
N SER D 118 -4.81 -39.46 6.31
CA SER D 118 -6.25 -39.64 6.07
C SER D 118 -6.60 -39.54 4.60
N HIS D 119 -5.76 -38.85 3.82
CA HIS D 119 -5.90 -38.84 2.36
C HIS D 119 -5.70 -40.24 1.77
N LEU D 120 -4.81 -41.01 2.38
CA LEU D 120 -4.53 -42.37 1.91
C LEU D 120 -5.73 -43.29 2.12
N LYS D 121 -6.50 -43.04 3.17
CA LYS D 121 -7.73 -43.78 3.45
C LYS D 121 -8.80 -43.50 2.40
N GLY D 122 -8.78 -42.29 1.84
CA GLY D 122 -9.67 -41.91 0.76
C GLY D 122 -9.36 -42.58 -0.56
N GLY D 123 -8.11 -43.03 -0.72
CA GLY D 123 -7.70 -43.77 -1.92
C GLY D 123 -6.49 -43.21 -2.66
N ALA D 124 -6.11 -41.98 -2.34
CA ALA D 124 -4.88 -41.40 -2.85
C ALA D 124 -3.69 -42.30 -2.52
N LYS D 125 -2.73 -42.41 -3.44
CA LYS D 125 -1.58 -43.27 -3.22
C LYS D 125 -0.57 -42.56 -2.34
N LYS D 126 -0.38 -41.26 -2.57
CA LYS D 126 0.65 -40.47 -1.90
C LYS D 126 0.20 -39.04 -1.63
N VAL D 127 0.95 -38.33 -0.78
CA VAL D 127 0.59 -36.98 -0.36
C VAL D 127 1.81 -36.06 -0.30
N ILE D 128 1.66 -34.82 -0.77
CA ILE D 128 2.68 -33.78 -0.59
C ILE D 128 2.14 -32.61 0.26
N MET D 129 2.77 -32.37 1.41
CA MET D 129 2.49 -31.19 2.22
C MET D 129 3.09 -29.98 1.57
N SER D 130 2.26 -28.98 1.27
CA SER D 130 2.70 -27.76 0.62
C SER D 130 3.35 -26.79 1.63
N ALA D 131 4.00 -27.32 2.66
CA ALA D 131 4.53 -26.50 3.74
C ALA D 131 5.43 -27.38 4.59
N PRO D 132 6.27 -26.76 5.43
CA PRO D 132 7.05 -27.55 6.41
C PRO D 132 6.16 -28.34 7.37
N PRO D 133 6.54 -29.58 7.69
CA PRO D 133 5.72 -30.39 8.57
C PRO D 133 5.86 -29.94 10.02
N LYS D 134 4.90 -30.31 10.86
CA LYS D 134 4.96 -30.02 12.30
C LYS D 134 5.64 -31.17 13.03
N ASP D 135 5.93 -32.24 12.30
CA ASP D 135 6.50 -33.46 12.86
C ASP D 135 7.78 -33.88 12.11
N ASP D 136 8.01 -35.19 12.05
CA ASP D 136 9.24 -35.78 11.53
C ASP D 136 9.26 -35.96 10.00
N THR D 137 8.16 -35.63 9.32
CA THR D 137 7.97 -35.93 7.89
C THR D 137 9.18 -35.51 7.02
N PRO D 138 9.56 -36.37 6.05
CA PRO D 138 10.69 -36.07 5.16
C PRO D 138 10.46 -34.87 4.25
N ILE D 139 11.44 -33.99 4.20
CA ILE D 139 11.39 -32.78 3.39
C ILE D 139 12.20 -33.00 2.12
N TYR D 140 11.72 -32.45 1.00
CA TYR D 140 12.41 -32.59 -0.28
C TYR D 140 12.35 -31.31 -1.07
N VAL D 141 13.52 -30.77 -1.40
CA VAL D 141 13.67 -29.63 -2.28
C VAL D 141 14.17 -30.12 -3.63
N MET D 142 13.44 -29.80 -4.69
CA MET D 142 13.83 -30.22 -6.04
C MET D 142 15.15 -29.57 -6.44
N GLY D 143 16.05 -30.39 -6.99
CA GLY D 143 17.38 -29.94 -7.38
C GLY D 143 18.44 -30.10 -6.31
N ILE D 144 18.02 -30.29 -5.05
CA ILE D 144 18.96 -30.36 -3.93
C ILE D 144 19.02 -31.77 -3.37
N ASN D 145 17.88 -32.32 -2.98
CA ASN D 145 17.85 -33.65 -2.36
C ASN D 145 16.71 -34.57 -2.82
N HIS D 146 16.02 -34.21 -3.89
CA HIS D 146 14.85 -34.98 -4.31
C HIS D 146 15.18 -36.42 -4.68
N HIS D 147 16.35 -36.65 -5.25
CA HIS D 147 16.75 -38.00 -5.70
C HIS D 147 16.82 -39.03 -4.58
N GLN D 148 16.99 -38.57 -3.35
CA GLN D 148 16.98 -39.45 -2.17
C GLN D 148 15.60 -40.08 -1.86
N TYR D 149 14.52 -39.48 -2.36
CA TYR D 149 13.18 -40.03 -2.17
C TYR D 149 13.05 -41.54 -2.52
N ASP D 150 12.36 -42.31 -1.67
CA ASP D 150 11.97 -43.70 -2.00
C ASP D 150 10.47 -43.88 -2.15
N THR D 151 10.07 -44.64 -3.17
CA THR D 151 8.67 -44.88 -3.49
C THR D 151 7.83 -45.46 -2.34
N LYS D 152 8.48 -45.96 -1.29
CA LYS D 152 7.78 -46.43 -0.09
C LYS D 152 7.37 -45.29 0.87
N GLN D 153 7.89 -44.08 0.65
CA GLN D 153 7.48 -42.89 1.43
C GLN D 153 6.25 -42.27 0.79
N LEU D 154 5.09 -42.45 1.43
CA LEU D 154 3.82 -42.06 0.85
C LEU D 154 3.47 -40.60 1.12
N ILE D 155 4.01 -40.06 2.20
CA ILE D 155 3.69 -38.71 2.64
C ILE D 155 4.99 -37.93 2.80
N VAL D 156 5.15 -36.87 2.02
CA VAL D 156 6.35 -36.03 2.10
C VAL D 156 5.96 -34.56 2.17
N SER D 157 6.96 -33.71 2.37
CA SER D 157 6.77 -32.26 2.42
C SER D 157 7.66 -31.62 1.38
N ASN D 158 7.19 -30.55 0.76
CA ASN D 158 7.98 -29.84 -0.23
C ASN D 158 8.60 -28.57 0.39
N ALA D 159 8.66 -28.53 1.72
CA ALA D 159 9.30 -27.46 2.48
C ALA D 159 8.56 -26.12 2.31
N SER D 160 9.27 -25.01 2.54
CA SER D 160 8.68 -23.68 2.37
C SER D 160 9.25 -22.99 1.15
N CYS D 161 8.54 -21.98 0.67
CA CYS D 161 9.06 -21.15 -0.40
C CYS D 161 10.46 -20.67 -0.04
N THR D 162 10.62 -20.15 1.17
CA THR D 162 11.89 -19.62 1.64
C THR D 162 13.02 -20.67 1.63
N THR D 163 12.70 -21.91 2.00
CA THR D 163 13.70 -22.96 2.00
C THR D 163 14.07 -23.36 0.56
N ASN D 164 13.10 -23.34 -0.34
CA ASN D 164 13.35 -23.62 -1.75
C ASN D 164 14.22 -22.55 -2.39
N CYS D 165 14.23 -21.36 -1.79
CA CYS D 165 15.06 -20.26 -2.26
C CYS D 165 16.48 -20.33 -1.71
N LEU D 166 16.63 -20.60 -0.42
CA LEU D 166 17.94 -20.57 0.22
C LEU D 166 18.76 -21.82 -0.06
N ALA D 167 18.10 -22.98 -0.10
CA ALA D 167 18.82 -24.23 -0.27
C ALA D 167 19.72 -24.23 -1.51
N PRO D 168 19.18 -23.96 -2.71
CA PRO D 168 20.02 -23.99 -3.90
C PRO D 168 21.25 -23.08 -3.80
N LEU D 169 21.06 -21.90 -3.25
CA LEU D 169 22.15 -20.96 -3.03
C LEU D 169 23.18 -21.55 -2.08
N ALA D 170 22.74 -21.97 -0.90
CA ALA D 170 23.62 -22.54 0.12
C ALA D 170 24.40 -23.75 -0.38
N LYS D 171 23.72 -24.61 -1.12
CA LYS D 171 24.35 -25.77 -1.74
C LYS D 171 25.55 -25.34 -2.60
N VAL D 172 25.31 -24.41 -3.52
CA VAL D 172 26.33 -23.98 -4.46
C VAL D 172 27.50 -23.34 -3.71
N ILE D 173 27.19 -22.41 -2.82
CA ILE D 173 28.20 -21.73 -2.02
C ILE D 173 29.03 -22.71 -1.20
N ASN D 174 28.36 -23.65 -0.55
CA ASN D 174 29.02 -24.60 0.33
C ASN D 174 29.89 -25.62 -0.39
N ASP D 175 29.37 -26.19 -1.47
CA ASP D 175 30.11 -27.17 -2.28
C ASP D 175 31.49 -26.66 -2.72
N ARG D 176 31.57 -25.37 -3.01
CA ARG D 176 32.73 -24.75 -3.62
C ARG D 176 33.61 -24.08 -2.59
N PHE D 177 33.01 -23.24 -1.75
CA PHE D 177 33.76 -22.39 -0.79
C PHE D 177 33.70 -22.89 0.66
N GLY D 178 32.64 -23.60 1.02
CA GLY D 178 32.48 -24.13 2.38
C GLY D 178 31.89 -23.09 3.31
N ILE D 179 30.62 -23.26 3.68
CA ILE D 179 29.95 -22.33 4.59
C ILE D 179 30.29 -22.67 6.03
N VAL D 180 31.06 -21.80 6.69
CA VAL D 180 31.41 -21.97 8.09
C VAL D 180 30.19 -21.71 8.98
N GLU D 181 29.51 -20.60 8.74
CA GLU D 181 28.26 -20.29 9.44
C GLU D 181 27.45 -19.26 8.66
N GLY D 182 26.15 -19.22 8.89
CA GLY D 182 25.27 -18.33 8.16
C GLY D 182 24.03 -17.89 8.90
N LEU D 183 23.60 -16.65 8.64
CA LEU D 183 22.34 -16.13 9.16
C LEU D 183 21.57 -15.48 8.03
N MET D 184 20.26 -15.69 8.03
CA MET D 184 19.39 -15.24 6.96
C MET D 184 18.39 -14.19 7.46
N THR D 185 17.97 -13.32 6.54
CA THR D 185 16.79 -12.50 6.74
C THR D 185 16.00 -12.56 5.45
N THR D 186 14.71 -12.84 5.54
CA THR D 186 13.84 -12.75 4.37
C THR D 186 12.83 -11.63 4.54
N VAL D 187 12.66 -10.85 3.48
CA VAL D 187 11.59 -9.85 3.40
C VAL D 187 10.49 -10.53 2.60
N HIS D 188 9.39 -10.85 3.27
CA HIS D 188 8.39 -11.75 2.69
C HIS D 188 7.12 -11.01 2.30
N ALA D 189 6.65 -11.28 1.08
CA ALA D 189 5.37 -10.80 0.62
C ALA D 189 4.24 -11.29 1.51
N SER D 190 3.11 -10.60 1.43
CA SER D 190 1.95 -10.87 2.25
C SER D 190 1.41 -12.28 2.10
N THR D 191 0.94 -12.87 3.20
CA THR D 191 0.34 -14.21 3.17
C THR D 191 -1.03 -14.26 3.89
N ALA D 192 -1.83 -15.26 3.52
CA ALA D 192 -3.23 -15.42 3.96
C ALA D 192 -3.41 -15.65 5.46
N ASN D 193 -2.32 -15.89 6.18
CA ASN D 193 -2.36 -15.91 7.66
C ASN D 193 -2.33 -14.52 8.33
N GLN D 194 -2.24 -13.46 7.53
CA GLN D 194 -2.22 -12.10 8.06
C GLN D 194 -3.63 -11.50 8.09
N LEU D 195 -3.75 -10.36 8.74
CA LEU D 195 -5.03 -9.65 8.89
C LEU D 195 -4.93 -8.26 8.24
N VAL D 196 -6.05 -7.81 7.70
CA VAL D 196 -6.13 -6.50 7.05
C VAL D 196 -6.05 -5.38 8.11
N VAL D 197 -6.68 -5.61 9.25
CA VAL D 197 -6.60 -4.66 10.38
C VAL D 197 -6.18 -5.38 11.68
N ASP D 198 -5.53 -4.64 12.59
CA ASP D 198 -5.07 -5.20 13.87
C ASP D 198 -6.14 -6.14 14.46
N GLY D 199 -5.75 -7.37 14.72
CA GLY D 199 -6.69 -8.36 15.20
C GLY D 199 -5.98 -9.49 15.91
N PRO D 200 -6.75 -10.45 16.47
CA PRO D 200 -6.18 -11.63 17.10
C PRO D 200 -5.90 -12.72 16.08
N SER D 201 -4.63 -13.09 15.96
CA SER D 201 -4.21 -14.19 15.12
C SER D 201 -4.78 -15.51 15.63
N LYS D 202 -4.89 -16.49 14.74
CA LYS D 202 -5.45 -17.81 15.05
C LYS D 202 -4.68 -18.53 16.16
N GLY D 203 -5.41 -19.02 17.16
CA GLY D 203 -4.81 -19.82 18.24
C GLY D 203 -4.07 -19.02 19.30
N GLY D 204 -4.06 -17.70 19.15
CA GLY D 204 -3.28 -16.83 20.01
C GLY D 204 -1.78 -16.92 19.77
N LYS D 205 -1.39 -17.44 18.60
CA LYS D 205 0.03 -17.62 18.26
C LYS D 205 0.45 -16.57 17.23
N ASP D 206 1.69 -16.11 17.32
CA ASP D 206 2.23 -15.13 16.38
C ASP D 206 1.40 -13.83 16.41
N TRP D 207 1.44 -13.14 17.55
CA TRP D 207 0.67 -11.89 17.74
C TRP D 207 0.91 -10.84 16.63
N ARG D 208 2.17 -10.74 16.21
CA ARG D 208 2.55 -9.73 15.22
C ARG D 208 1.90 -9.96 13.85
N ALA D 209 1.66 -11.21 13.49
CA ALA D 209 1.00 -11.54 12.23
C ALA D 209 -0.44 -11.05 12.18
N GLY D 210 -1.02 -10.75 13.34
CA GLY D 210 -2.37 -10.20 13.42
C GLY D 210 -2.44 -8.69 13.23
N ARG D 211 -1.28 -8.03 13.24
CA ARG D 211 -1.25 -6.58 13.09
C ARG D 211 -1.46 -6.24 11.60
N CYS D 212 -1.95 -5.03 11.35
CA CYS D 212 -2.29 -4.55 10.02
C CYS D 212 -1.21 -4.87 8.98
N ALA D 213 -1.59 -5.68 7.99
CA ALA D 213 -0.67 -6.08 6.91
C ALA D 213 -0.25 -4.91 6.02
N LEU D 214 -1.18 -3.97 5.80
CA LEU D 214 -1.02 -2.88 4.84
C LEU D 214 -0.01 -1.80 5.24
N SER D 215 0.16 -1.57 6.54
CA SER D 215 0.95 -0.44 7.02
C SER D 215 2.21 -0.81 7.81
N ASN D 216 2.54 -2.09 7.91
CA ASN D 216 3.58 -2.57 8.84
C ASN D 216 4.70 -3.39 8.22
N ILE D 217 5.92 -3.17 8.71
CA ILE D 217 6.97 -4.18 8.67
C ILE D 217 6.75 -5.06 9.91
N ILE D 218 6.64 -6.37 9.69
CA ILE D 218 6.25 -7.31 10.75
C ILE D 218 7.28 -8.44 10.91
N PRO D 219 8.04 -8.42 12.01
CA PRO D 219 8.92 -9.54 12.32
C PRO D 219 8.16 -10.87 12.42
N ALA D 220 8.83 -11.95 12.07
CA ALA D 220 8.24 -13.28 12.09
C ALA D 220 9.35 -14.28 12.27
N SER D 221 9.07 -15.33 13.03
CA SER D 221 9.99 -16.45 13.11
C SER D 221 9.87 -17.28 11.85
N THR D 222 10.92 -18.03 11.54
CA THR D 222 10.87 -19.01 10.46
C THR D 222 11.99 -20.05 10.64
N GLY D 223 11.62 -21.33 10.49
CA GLY D 223 12.60 -22.41 10.49
C GLY D 223 13.15 -22.74 9.11
N ALA D 224 12.89 -21.88 8.13
CA ALA D 224 13.28 -22.14 6.74
C ALA D 224 14.78 -22.23 6.56
N ALA D 225 15.52 -21.40 7.29
CA ALA D 225 16.98 -21.42 7.24
C ALA D 225 17.53 -22.67 7.94
N LYS D 226 16.97 -23.00 9.10
CA LYS D 226 17.36 -24.18 9.85
C LYS D 226 17.02 -25.45 9.07
N ALA D 227 15.88 -25.43 8.39
CA ALA D 227 15.41 -26.59 7.61
C ALA D 227 16.36 -26.95 6.47
N VAL D 228 17.15 -25.98 6.01
CA VAL D 228 18.17 -26.25 4.98
C VAL D 228 19.15 -27.35 5.45
N GLY D 229 19.42 -27.38 6.76
CA GLY D 229 20.24 -28.43 7.37
C GLY D 229 19.61 -29.82 7.32
N LYS D 230 18.29 -29.87 7.09
CA LYS D 230 17.58 -31.14 6.93
C LYS D 230 17.71 -31.67 5.51
N VAL D 231 17.70 -30.77 4.52
CA VAL D 231 17.86 -31.19 3.11
C VAL D 231 19.34 -31.22 2.68
N LEU D 232 20.19 -30.52 3.42
CA LEU D 232 21.65 -30.57 3.23
C LEU D 232 22.29 -30.82 4.59
N PRO D 233 22.38 -32.10 4.99
CA PRO D 233 22.89 -32.48 6.32
C PRO D 233 24.24 -31.86 6.69
N GLU D 234 25.10 -31.62 5.71
CA GLU D 234 26.41 -31.01 5.94
C GLU D 234 26.31 -29.64 6.61
N LEU D 235 25.13 -29.01 6.50
CA LEU D 235 24.89 -27.67 7.03
C LEU D 235 24.05 -27.66 8.31
N ASN D 236 23.86 -28.82 8.91
CA ASN D 236 23.12 -28.92 10.16
C ASN D 236 23.78 -28.07 11.24
N GLY D 237 22.99 -27.20 11.88
CA GLY D 237 23.47 -26.33 12.95
C GLY D 237 24.22 -25.10 12.48
N LYS D 238 24.29 -24.88 11.16
CA LYS D 238 25.10 -23.79 10.59
C LYS D 238 24.27 -22.63 10.07
N LEU D 239 22.96 -22.85 9.90
CA LEU D 239 22.08 -21.83 9.37
C LEU D 239 20.87 -21.60 10.25
N THR D 240 20.50 -20.34 10.42
CA THR D 240 19.16 -19.96 10.88
C THR D 240 18.86 -18.54 10.42
N GLY D 241 17.76 -17.96 10.90
CA GLY D 241 17.36 -16.62 10.46
C GLY D 241 15.98 -16.18 10.90
N VAL D 242 15.54 -15.07 10.33
CA VAL D 242 14.25 -14.46 10.69
C VAL D 242 13.60 -13.86 9.46
N ALA D 243 12.35 -13.44 9.60
CA ALA D 243 11.62 -12.88 8.48
C ALA D 243 10.92 -11.60 8.86
N PHE D 244 10.80 -10.70 7.88
CA PHE D 244 9.98 -9.51 8.01
C PHE D 244 8.92 -9.53 6.93
N ARG D 245 7.65 -9.49 7.34
CA ARG D 245 6.53 -9.41 6.41
C ARG D 245 6.34 -7.96 5.97
N VAL D 246 6.14 -7.73 4.67
CA VAL D 246 5.88 -6.38 4.13
C VAL D 246 4.66 -6.37 3.18
N PRO D 247 3.96 -5.21 3.09
CA PRO D 247 2.75 -5.09 2.25
C PRO D 247 3.04 -5.18 0.75
N ILE D 248 3.21 -6.40 0.28
CA ILE D 248 3.62 -6.70 -1.08
C ILE D 248 2.79 -7.91 -1.53
N GLY D 249 2.32 -7.91 -2.77
CA GLY D 249 1.38 -8.93 -3.27
C GLY D 249 2.01 -10.31 -3.33
N THR D 250 3.04 -10.43 -4.16
CA THR D 250 3.93 -11.58 -4.12
C THR D 250 5.36 -11.17 -4.47
N VAL D 251 6.27 -12.12 -4.30
CA VAL D 251 7.71 -11.97 -4.50
C VAL D 251 8.38 -11.57 -3.19
N SER D 252 9.27 -12.44 -2.73
CA SER D 252 10.02 -12.25 -1.52
C SER D 252 11.51 -12.27 -1.85
N VAL D 253 12.34 -11.86 -0.89
CA VAL D 253 13.78 -11.88 -1.08
C VAL D 253 14.48 -12.46 0.14
N VAL D 254 15.57 -13.18 -0.12
CA VAL D 254 16.40 -13.78 0.91
C VAL D 254 17.72 -13.03 0.97
N ASP D 255 18.20 -12.81 2.18
CA ASP D 255 19.45 -12.11 2.41
C ASP D 255 20.31 -12.96 3.36
N LEU D 256 21.28 -13.66 2.79
CA LEU D 256 22.15 -14.56 3.53
C LEU D 256 23.48 -13.88 3.86
N VAL D 257 23.74 -13.65 5.15
CA VAL D 257 25.05 -13.23 5.59
C VAL D 257 25.77 -14.48 6.04
N CYS D 258 26.86 -14.84 5.36
CA CYS D 258 27.56 -16.08 5.68
C CYS D 258 29.07 -15.92 5.66
N ARG D 259 29.71 -16.72 6.51
CA ARG D 259 31.16 -16.81 6.55
C ARG D 259 31.59 -18.05 5.78
N LEU D 260 32.68 -17.93 5.01
CA LEU D 260 33.17 -19.01 4.16
C LEU D 260 34.52 -19.51 4.62
N GLN D 261 34.81 -20.78 4.35
CA GLN D 261 36.05 -21.42 4.78
C GLN D 261 37.20 -21.03 3.85
N LYS D 262 36.97 -21.12 2.54
CA LYS D 262 37.97 -20.72 1.55
C LYS D 262 37.69 -19.28 1.14
N PRO D 263 38.70 -18.37 1.25
CA PRO D 263 38.49 -16.96 0.91
C PRO D 263 38.21 -16.77 -0.58
N ALA D 264 37.42 -15.75 -0.90
CA ALA D 264 37.02 -15.53 -2.29
C ALA D 264 36.78 -14.07 -2.59
N LYS D 265 36.97 -13.70 -3.85
CA LYS D 265 36.53 -12.41 -4.34
C LYS D 265 35.05 -12.52 -4.72
N TYR D 266 34.27 -11.47 -4.44
CA TYR D 266 32.84 -11.48 -4.73
C TYR D 266 32.55 -11.89 -6.17
N GLU D 267 33.37 -11.40 -7.10
CA GLU D 267 33.25 -11.75 -8.52
C GLU D 267 33.22 -13.25 -8.74
N GLU D 268 34.11 -13.97 -8.05
CA GLU D 268 34.19 -15.42 -8.15
C GLU D 268 32.97 -16.11 -7.54
N VAL D 269 32.49 -15.59 -6.42
CA VAL D 269 31.29 -16.14 -5.77
C VAL D 269 30.09 -16.02 -6.73
N ALA D 270 30.00 -14.90 -7.44
CA ALA D 270 28.95 -14.71 -8.44
C ALA D 270 29.11 -15.67 -9.62
N LEU D 271 30.34 -15.83 -10.09
CA LEU D 271 30.61 -16.69 -11.24
C LEU D 271 30.21 -18.15 -11.00
N GLU D 272 30.37 -18.61 -9.76
CA GLU D 272 30.01 -19.98 -9.42
C GLU D 272 28.51 -20.17 -9.53
N ILE D 273 27.78 -19.22 -8.95
CA ILE D 273 26.32 -19.25 -8.99
C ILE D 273 25.80 -19.19 -10.42
N LYS D 274 26.50 -18.44 -11.28
CA LYS D 274 26.11 -18.33 -12.68
C LYS D 274 26.14 -19.69 -13.38
N LYS D 275 27.24 -20.42 -13.24
CA LYS D 275 27.39 -21.71 -13.93
C LYS D 275 26.48 -22.79 -13.38
N ALA D 276 26.15 -22.70 -12.09
CA ALA D 276 25.14 -23.57 -11.48
C ALA D 276 23.77 -23.31 -12.12
N ALA D 277 23.46 -22.04 -12.35
CA ALA D 277 22.16 -21.63 -12.89
C ALA D 277 22.01 -21.92 -14.39
N GLU D 278 23.13 -21.97 -15.11
CA GLU D 278 23.11 -22.26 -16.55
C GLU D 278 23.39 -23.73 -16.85
N GLY D 279 23.65 -24.52 -15.82
CA GLY D 279 23.96 -25.94 -15.97
C GLY D 279 23.10 -26.83 -15.08
N PRO D 280 23.69 -27.35 -13.98
CA PRO D 280 23.01 -28.41 -13.23
C PRO D 280 21.74 -27.96 -12.51
N LEU D 281 21.71 -26.70 -12.06
CA LEU D 281 20.52 -26.14 -11.42
C LEU D 281 19.72 -25.21 -12.35
N LYS D 282 19.72 -25.52 -13.65
CA LYS D 282 18.92 -24.77 -14.62
C LYS D 282 17.44 -25.04 -14.37
N GLY D 283 16.64 -23.99 -14.22
CA GLY D 283 15.21 -24.11 -13.92
C GLY D 283 14.85 -23.88 -12.46
N ILE D 284 15.80 -24.12 -11.56
CA ILE D 284 15.61 -23.98 -10.11
C ILE D 284 16.29 -22.70 -9.60
N LEU D 285 17.59 -22.61 -9.83
CA LEU D 285 18.41 -21.48 -9.43
C LEU D 285 18.65 -20.61 -10.64
N GLY D 286 18.43 -19.30 -10.48
CA GLY D 286 18.60 -18.33 -11.56
C GLY D 286 19.70 -17.33 -11.24
N TYR D 287 20.04 -16.49 -12.22
CA TYR D 287 21.10 -15.50 -12.05
C TYR D 287 20.83 -14.28 -12.92
N THR D 288 21.02 -13.09 -12.34
CA THR D 288 20.88 -11.83 -13.06
C THR D 288 21.86 -10.79 -12.52
N GLU D 289 22.34 -9.93 -13.43
CA GLU D 289 23.15 -8.76 -13.08
C GLU D 289 22.38 -7.44 -13.29
N ASP D 290 21.06 -7.54 -13.40
CA ASP D 290 20.22 -6.38 -13.72
C ASP D 290 19.70 -5.72 -12.47
N GLU D 291 19.37 -4.43 -12.59
CA GLU D 291 18.92 -3.60 -11.48
C GLU D 291 17.45 -3.89 -11.16
N VAL D 292 17.19 -5.09 -10.67
CA VAL D 292 15.84 -5.61 -10.58
C VAL D 292 15.16 -5.20 -9.27
N VAL D 293 13.83 -5.19 -9.29
CA VAL D 293 13.03 -4.95 -8.10
C VAL D 293 12.03 -6.09 -8.00
N SER D 294 11.35 -6.19 -6.87
CA SER D 294 10.53 -7.38 -6.61
C SER D 294 9.51 -7.66 -7.70
N GLN D 295 8.83 -6.63 -8.21
CA GLN D 295 7.79 -6.86 -9.20
C GLN D 295 8.28 -7.60 -10.44
N ASP D 296 9.58 -7.54 -10.71
CA ASP D 296 10.16 -8.17 -11.89
C ASP D 296 10.18 -9.69 -11.85
N PHE D 297 9.89 -10.26 -10.68
CA PHE D 297 9.87 -11.71 -10.54
C PHE D 297 8.49 -12.28 -10.35
N VAL D 298 7.46 -11.47 -10.61
CA VAL D 298 6.09 -11.96 -10.54
C VAL D 298 5.92 -12.99 -11.65
N HIS D 299 5.46 -14.18 -11.29
CA HIS D 299 5.23 -15.24 -12.23
C HIS D 299 6.54 -15.80 -12.82
N ASP D 300 7.65 -15.62 -12.10
CA ASP D 300 8.88 -16.32 -12.39
C ASP D 300 8.83 -17.70 -11.73
N ASN D 301 8.98 -18.76 -12.52
CA ASN D 301 8.82 -20.13 -11.99
C ASN D 301 10.07 -20.76 -11.36
N ARG D 302 11.17 -20.01 -11.32
CA ARG D 302 12.37 -20.50 -10.64
C ARG D 302 12.18 -20.42 -9.13
N SER D 303 13.07 -21.07 -8.37
CA SER D 303 12.94 -21.11 -6.91
C SER D 303 13.81 -20.06 -6.24
N SER D 304 14.77 -19.54 -6.97
CA SER D 304 15.82 -18.72 -6.39
C SER D 304 16.49 -17.96 -7.53
N ILE D 305 16.48 -16.64 -7.47
CA ILE D 305 17.20 -15.85 -8.48
C ILE D 305 18.21 -14.94 -7.80
N PHE D 306 19.48 -15.30 -7.94
CA PHE D 306 20.56 -14.56 -7.34
C PHE D 306 20.70 -13.19 -8.00
N ASP D 307 20.87 -12.18 -7.16
CA ASP D 307 20.95 -10.79 -7.58
C ASP D 307 22.37 -10.27 -7.36
N MET D 308 23.18 -10.27 -8.41
CA MET D 308 24.61 -9.99 -8.26
C MET D 308 24.90 -8.64 -7.60
N LYS D 309 24.21 -7.59 -8.06
CA LYS D 309 24.55 -6.22 -7.66
C LYS D 309 23.98 -5.82 -6.30
N ALA D 310 22.93 -6.53 -5.86
CA ALA D 310 22.29 -6.25 -4.58
C ALA D 310 23.21 -6.57 -3.41
N GLY D 311 23.84 -7.74 -3.44
CA GLY D 311 24.70 -8.20 -2.37
C GLY D 311 26.06 -7.54 -2.43
N LEU D 312 26.94 -7.97 -1.54
CA LEU D 312 28.31 -7.49 -1.49
C LEU D 312 29.15 -8.33 -0.52
N ALA D 313 30.42 -8.00 -0.42
CA ALA D 313 31.35 -8.65 0.49
C ALA D 313 31.95 -7.62 1.44
N LEU D 314 32.17 -8.01 2.70
CA LEU D 314 32.86 -7.16 3.65
C LEU D 314 34.35 -7.41 3.52
N ASN D 315 34.72 -8.68 3.46
CA ASN D 315 36.10 -9.08 3.25
C ASN D 315 36.13 -10.38 2.41
N ASP D 316 37.30 -11.02 2.35
CA ASP D 316 37.46 -12.24 1.55
C ASP D 316 36.63 -13.41 2.08
N ASN D 317 36.21 -13.32 3.35
CA ASN D 317 35.49 -14.39 4.02
C ASN D 317 34.01 -14.11 4.33
N PHE D 318 33.62 -12.83 4.38
CA PHE D 318 32.31 -12.46 4.92
C PHE D 318 31.45 -11.79 3.87
N PHE D 319 30.33 -12.45 3.50
CA PHE D 319 29.52 -12.06 2.36
C PHE D 319 28.05 -11.87 2.70
N LYS D 320 27.40 -10.95 1.98
CA LYS D 320 25.94 -10.83 1.98
C LYS D 320 25.41 -11.22 0.60
N LEU D 321 24.67 -12.32 0.55
CA LEU D 321 24.19 -12.86 -0.71
C LEU D 321 22.67 -12.75 -0.81
N VAL D 322 22.20 -12.19 -1.93
CA VAL D 322 20.80 -11.82 -2.11
C VAL D 322 20.14 -12.61 -3.23
N SER D 323 18.92 -13.07 -2.98
CA SER D 323 18.20 -13.91 -3.94
C SER D 323 16.69 -13.71 -3.86
N TRP D 324 16.05 -13.59 -5.01
CA TRP D 324 14.60 -13.37 -5.10
C TRP D 324 13.83 -14.68 -5.28
N TYR D 325 12.54 -14.65 -4.95
CA TYR D 325 11.63 -15.74 -5.28
C TYR D 325 10.17 -15.31 -5.26
N ASP D 326 9.41 -15.72 -6.26
CA ASP D 326 7.95 -15.60 -6.24
C ASP D 326 7.43 -16.71 -5.34
N ASN D 327 7.19 -16.37 -4.09
CA ASN D 327 6.75 -17.33 -3.07
C ASN D 327 5.53 -18.16 -3.47
N GLU D 328 4.71 -17.62 -4.37
CA GLU D 328 3.52 -18.33 -4.82
C GLU D 328 3.83 -19.21 -6.01
N TRP D 329 4.38 -18.62 -7.06
CA TRP D 329 4.49 -19.29 -8.37
C TRP D 329 5.68 -20.25 -8.45
N GLY D 330 6.84 -19.80 -8.00
CA GLY D 330 8.01 -20.67 -7.94
C GLY D 330 7.65 -21.93 -7.19
N TYR D 331 7.20 -21.75 -5.95
CA TYR D 331 6.86 -22.88 -5.10
C TYR D 331 5.85 -23.84 -5.73
N SER D 332 4.76 -23.31 -6.29
CA SER D 332 3.70 -24.12 -6.89
C SER D 332 4.24 -25.02 -8.00
N ASN D 333 5.17 -24.48 -8.79
CA ASN D 333 5.85 -25.25 -9.83
C ASN D 333 6.69 -26.39 -9.28
N ARG D 334 7.26 -26.19 -8.08
CA ARG D 334 8.05 -27.23 -7.43
C ARG D 334 7.18 -28.34 -6.86
N VAL D 335 5.97 -27.98 -6.42
CA VAL D 335 5.01 -28.99 -5.96
C VAL D 335 4.69 -29.99 -7.09
N LEU D 336 4.51 -29.49 -8.31
CA LEU D 336 4.26 -30.36 -9.46
C LEU D 336 5.46 -31.25 -9.76
N ASP D 337 6.65 -30.67 -9.71
CA ASP D 337 7.88 -31.41 -9.97
C ASP D 337 8.02 -32.57 -9.02
N LEU D 338 7.69 -32.32 -7.75
CA LEU D 338 7.80 -33.34 -6.70
C LEU D 338 6.73 -34.40 -6.88
N ALA D 339 5.52 -33.96 -7.22
CA ALA D 339 4.39 -34.86 -7.48
C ALA D 339 4.72 -35.85 -8.58
N VAL D 340 5.23 -35.33 -9.69
CA VAL D 340 5.63 -36.17 -10.83
C VAL D 340 6.78 -37.09 -10.44
N HIS D 341 7.77 -36.56 -9.71
CA HIS D 341 8.92 -37.36 -9.30
C HIS D 341 8.55 -38.51 -8.39
N ILE D 342 7.70 -38.28 -7.39
CA ILE D 342 7.35 -39.35 -6.43
C ILE D 342 6.39 -40.37 -7.00
N THR D 343 5.87 -40.11 -8.20
CA THR D 343 4.98 -41.04 -8.88
C THR D 343 5.67 -41.87 -9.96
N THR D 344 6.69 -41.32 -10.61
CA THR D 344 7.33 -41.97 -11.77
C THR D 344 8.73 -42.50 -11.48
PA NAD E . -13.43 -6.50 14.24
O1A NAD E . -13.08 -7.77 13.56
O2A NAD E . -12.27 -5.59 14.39
O5B NAD E . -14.02 -6.88 15.68
C5B NAD E . -14.92 -7.93 15.92
C4B NAD E . -14.51 -8.50 17.27
O4B NAD E . -15.52 -9.35 17.75
C3B NAD E . -13.23 -9.32 17.18
O3B NAD E . -12.23 -8.76 18.02
C2B NAD E . -13.63 -10.72 17.62
O2B NAD E . -12.66 -11.34 18.42
C1B NAD E . -14.93 -10.48 18.36
N9A NAD E . -15.93 -11.57 18.30
C8A NAD E . -16.26 -12.37 17.24
N7A NAD E . -17.24 -13.21 17.62
C5A NAD E . -17.57 -12.97 18.91
C6A NAD E . -18.51 -13.53 19.78
N6A NAD E . -19.11 -14.68 19.48
N1A NAD E . -18.60 -13.05 21.07
C2A NAD E . -17.78 -12.01 21.48
N3A NAD E . -16.86 -11.45 20.61
C4A NAD E . -16.75 -11.93 19.35
O3 NAD E . -14.68 -5.77 13.52
PN NAD E . -14.87 -4.18 13.64
O1N NAD E . -14.27 -3.55 12.44
O2N NAD E . -14.46 -3.72 14.99
O5D NAD E . -16.45 -4.01 13.48
C5D NAD E . -17.35 -4.56 14.41
C4D NAD E . -18.74 -4.05 14.04
O4D NAD E . -18.72 -2.63 14.00
C3D NAD E . -19.14 -4.52 12.64
O3D NAD E . -20.50 -4.92 12.64
C2D NAD E . -18.90 -3.31 11.75
O2D NAD E . -19.75 -3.18 10.63
C1D NAD E . -19.12 -2.17 12.73
N1N NAD E . -18.43 -0.92 12.32
C2N NAD E . -17.13 -0.91 11.87
C3N NAD E . -16.54 0.29 11.50
C7N NAD E . -15.13 0.36 11.01
O7N NAD E . -14.81 1.19 9.90
N7N NAD E . -14.18 -0.33 11.62
C4N NAD E . -17.26 1.48 11.56
C5N NAD E . -18.57 1.45 12.01
C6N NAD E . -19.14 0.25 12.38
C3 AES F . -16.07 -6.21 10.60
C2 AES F . -16.39 -5.09 9.81
C1 AES F . -17.55 -5.11 9.02
S AES F . -17.97 -3.73 8.02
F AES F . -19.46 -3.89 7.58
O1S AES F . -17.18 -3.84 6.86
O2S AES F . -17.87 -2.59 8.85
C6 AES F . -18.37 -6.23 9.01
C5 AES F . -18.04 -7.34 9.80
C4 AES F . -16.90 -7.32 10.59
C7 AES F . -16.58 -8.55 11.44
C8 AES F . -15.20 -9.13 11.20
N8 AES F . -14.66 -9.56 12.49
PA NAD G . 5.33 10.20 -16.96
O1A NAD G . 5.87 11.09 -15.92
O2A NAD G . 5.48 8.76 -16.65
O5B NAD G . 5.98 10.50 -18.41
C5B NAD G . 6.46 11.74 -18.85
C4B NAD G . 7.78 11.48 -19.55
O4B NAD G . 8.16 12.58 -20.36
C3B NAD G . 8.91 11.24 -18.55
O3B NAD G . 9.58 10.05 -18.88
C2B NAD G . 9.80 12.45 -18.69
O2B NAD G . 11.17 12.17 -18.50
C1B NAD G . 9.49 12.94 -20.10
N9A NAD G . 9.75 14.39 -20.30
C8A NAD G . 9.67 15.40 -19.38
N7A NAD G . 10.00 16.55 -20.02
C5A NAD G . 10.29 16.29 -21.32
C6A NAD G . 10.68 17.10 -22.40
N6A NAD G . 11.02 18.38 -22.22
N1A NAD G . 10.89 16.52 -23.63
C2A NAD G . 10.72 15.15 -23.79
N3A NAD G . 10.35 14.36 -22.72
C4A NAD G . 10.14 14.93 -21.51
O3 NAD G . 3.78 10.62 -17.12
PN NAD G . 2.69 9.72 -17.89
O1N NAD G . 1.81 9.09 -16.88
O2N NAD G . 3.37 8.88 -18.91
O5D NAD G . 1.81 10.85 -18.62
C5D NAD G . 2.18 11.53 -19.79
C4D NAD G . 0.96 12.29 -20.30
O4D NAD G . -0.08 11.37 -20.63
C3D NAD G . 0.37 13.24 -19.25
O3D NAD G . -0.03 14.44 -19.86
C2D NAD G . -0.82 12.48 -18.69
O2D NAD G . -1.84 13.31 -18.21
C1D NAD G . -1.26 11.68 -19.91
N1N NAD G . -2.03 10.46 -19.56
C2N NAD G . -1.63 9.66 -18.52
C3N NAD G . -2.37 8.53 -18.20
C7N NAD G . -1.91 7.60 -17.14
O7N NAD G . -2.86 6.93 -16.36
N7N NAD G . -0.60 7.37 -16.97
C4N NAD G . -3.50 8.22 -18.94
C5N NAD G . -3.88 9.02 -20.00
C6N NAD G . -3.14 10.16 -20.29
C3 AES H . 1.82 12.53 -15.51
C2 AES H . 0.47 12.31 -15.28
C1 AES H . -0.38 13.40 -15.14
S AES H . -2.12 13.17 -14.86
F AES H . -2.83 14.38 -15.53
O1S AES H . -2.35 13.27 -13.47
O2S AES H . -2.46 11.99 -15.57
C6 AES H . 0.11 14.69 -15.26
C5 AES H . 1.45 14.92 -15.51
C4 AES H . 2.32 13.84 -15.63
C7 AES H . 3.81 14.08 -15.89
C8 AES H . 4.59 14.22 -14.60
N8 AES H . 5.94 13.67 -14.80
PA NAD I . 12.78 16.34 1.19
O1A NAD I . 12.52 16.28 -0.26
O2A NAD I . 11.52 16.19 1.99
O5B NAD I . 13.51 17.74 1.56
C5B NAD I . 14.15 18.57 0.62
C4B NAD I . 13.59 19.97 0.73
O4B NAD I . 14.60 20.91 0.44
C3B NAD I . 12.41 20.25 -0.22
O3B NAD I . 11.27 20.64 0.52
C2B NAD I . 12.90 21.35 -1.16
O2B NAD I . 11.94 22.37 -1.40
C1B NAD I . 14.13 21.90 -0.47
N9A NAD I . 15.23 22.28 -1.39
C8A NAD I . 15.69 21.58 -2.49
N7A NAD I . 16.70 22.27 -3.04
C5A NAD I . 16.92 23.40 -2.31
C6A NAD I . 17.84 24.45 -2.44
N6A NAD I . 18.85 24.35 -3.31
N1A NAD I . 17.82 25.48 -1.53
C2A NAD I . 16.89 25.48 -0.49
N3A NAD I . 15.99 24.45 -0.37
C4A NAD I . 16.00 23.42 -1.27
O3 NAD I . 13.83 15.19 1.61
PN NAD I . 14.25 14.87 3.13
O1N NAD I . 13.77 13.50 3.45
O2N NAD I . 13.88 16.01 3.99
O5D NAD I . 15.85 14.74 3.02
C5D NAD I . 16.75 15.83 3.16
C4D NAD I . 18.14 15.31 3.53
O4D NAD I . 18.12 14.65 4.79
C3D NAD I . 18.63 14.29 2.52
O3D NAD I . 20.00 14.52 2.24
C2D NAD I . 18.40 12.95 3.19
O2D NAD I . 19.32 11.97 2.78
C1D NAD I . 18.57 13.30 4.65
N1N NAD I . 17.88 12.37 5.59
C2N NAD I . 16.56 12.00 5.42
C3N NAD I . 15.96 11.11 6.31
C7N NAD I . 14.56 10.58 6.11
O7N NAD I . 14.30 9.22 6.43
N7N NAD I . 13.60 11.38 5.65
C4N NAD I . 16.69 10.63 7.40
C5N NAD I . 18.03 11.01 7.57
C6N NAD I . 18.60 11.88 6.66
PA NAD J . -4.69 -19.99 1.64
O1A NAD J . -5.40 -19.47 2.83
O2A NAD J . -4.75 -19.05 0.51
O5B NAD J . -5.35 -21.40 1.28
C5B NAD J . -5.83 -22.31 2.25
C4B NAD J . -7.07 -22.96 1.69
O4B NAD J . -7.39 -24.13 2.42
C3B NAD J . -8.29 -22.04 1.77
O3B NAD J . -8.84 -21.83 0.48
C2B NAD J . -9.25 -22.75 2.68
O2B NAD J . -10.59 -22.58 2.27
C1B NAD J . -8.79 -24.20 2.59
N9A NAD J . -9.15 -25.07 3.75
C8A NAD J . -9.18 -24.76 5.07
N7A NAD J . -9.55 -25.86 5.76
C5A NAD J . -9.76 -26.88 4.90
C6A NAD J . -10.15 -28.22 5.06
N6A NAD J . -10.44 -28.73 6.24
N1A NAD J . -10.26 -29.03 3.95
C2A NAD J . -10.01 -28.52 2.68
N3A NAD J . -9.63 -27.20 2.55
C4A NAD J . -9.50 -26.39 3.63
O3 NAD J . -3.17 -20.32 2.05
PN NAD J . -1.96 -20.54 1.02
O1N NAD J . -1.15 -19.29 0.89
O2N NAD J . -2.45 -21.27 -0.19
O5D NAD J . -1.02 -21.52 1.87
C5D NAD J . -1.36 -22.88 2.07
C4D NAD J . -0.11 -23.58 2.58
O4D NAD J . 0.94 -23.39 1.65
C3D NAD J . 0.36 -23.00 3.91
O3D NAD J . 0.67 -24.01 4.83
C2D NAD J . 1.58 -22.18 3.55
O2D NAD J . 2.57 -22.14 4.56
C1D NAD J . 2.10 -22.88 2.30
N1N NAD J . 2.89 -22.00 1.43
C2N NAD J . 2.41 -20.77 1.06
C3N NAD J . 3.17 -19.94 0.26
C7N NAD J . 2.63 -18.60 -0.13
O7N NAD J . 3.52 -17.54 -0.39
N7N NAD J . 1.32 -18.47 -0.23
C4N NAD J . 4.44 -20.33 -0.18
C5N NAD J . 4.92 -21.58 0.20
C6N NAD J . 4.14 -22.40 1.01
C3 AES K . -0.95 -20.49 6.74
C2 AES K . 0.39 -20.11 6.78
C1 AES K . 0.95 -19.38 5.73
S AES K . 2.65 -18.90 5.81
F AES K . 3.41 -19.88 6.76
O1S AES K . 2.68 -17.63 6.42
O2S AES K . 3.13 -19.07 4.50
C6 AES K . 0.17 -19.03 4.64
C5 AES K . -1.16 -19.41 4.58
C4 AES K . -1.72 -20.14 5.63
C7 AES K . -3.20 -20.57 5.56
C8 AES K . -4.14 -19.44 5.96
N8 AES K . -5.53 -19.87 5.69
#